data_5JQF
# 
_entry.id   5JQF 
# 
_audit_conform.dict_name       mmcif_pdbx.dic 
_audit_conform.dict_version    5.397 
_audit_conform.dict_location   http://mmcif.pdb.org/dictionaries/ascii/mmcif_pdbx.dic 
# 
loop_
_database_2.database_id 
_database_2.database_code 
_database_2.pdbx_database_accession 
_database_2.pdbx_DOI 
PDB   5JQF         pdb_00005jqf 10.2210/pdb5jqf/pdb 
WWPDB D_1000221060 ?            ?                   
# 
loop_
_pdbx_audit_revision_history.ordinal 
_pdbx_audit_revision_history.data_content_type 
_pdbx_audit_revision_history.major_revision 
_pdbx_audit_revision_history.minor_revision 
_pdbx_audit_revision_history.revision_date 
1 'Structure model' 1 0 2016-09-14 
2 'Structure model' 1 1 2017-09-06 
3 'Structure model' 1 2 2018-04-18 
4 'Structure model' 1 3 2019-05-08 
5 'Structure model' 2 0 2021-06-16 
6 'Structure model' 2 1 2024-10-23 
# 
_pdbx_audit_revision_details.ordinal             1 
_pdbx_audit_revision_details.revision_ordinal    1 
_pdbx_audit_revision_details.data_content_type   'Structure model' 
_pdbx_audit_revision_details.provider            repository 
_pdbx_audit_revision_details.type                'Initial release' 
_pdbx_audit_revision_details.description         ? 
_pdbx_audit_revision_details.details             ? 
# 
loop_
_pdbx_audit_revision_group.ordinal 
_pdbx_audit_revision_group.revision_ordinal 
_pdbx_audit_revision_group.data_content_type 
_pdbx_audit_revision_group.group 
1  2 'Structure model' 'Author supporting evidence' 
2  3 'Structure model' 'Data collection'            
3  3 'Structure model' 'Database references'        
4  4 'Structure model' Advisory                     
5  4 'Structure model' 'Data collection'            
6  4 'Structure model' 'Derived calculations'       
7  5 'Structure model' Advisory                     
8  5 'Structure model' 'Atomic model'               
9  5 'Structure model' 'Derived calculations'       
10 6 'Structure model' 'Data collection'            
11 6 'Structure model' 'Database references'        
12 6 'Structure model' 'Refinement description'     
13 6 'Structure model' 'Structure summary'          
# 
loop_
_pdbx_audit_revision_category.ordinal 
_pdbx_audit_revision_category.revision_ordinal 
_pdbx_audit_revision_category.data_content_type 
_pdbx_audit_revision_category.category 
1  2 'Structure model' pdbx_audit_support           
2  3 'Structure model' citation                     
3  4 'Structure model' database_PDB_remark          
4  4 'Structure model' pdbx_unobs_or_zero_occ_atoms 
5  4 'Structure model' pdbx_validate_close_contact  
6  4 'Structure model' struct_conn                  
7  4 'Structure model' struct_conn_type             
8  5 'Structure model' atom_site                    
9  5 'Structure model' atom_site_anisotrop          
10 5 'Structure model' pdbx_unobs_or_zero_occ_atoms 
11 5 'Structure model' pdbx_validate_close_contact  
12 5 'Structure model' struct_conn                  
13 6 'Structure model' chem_comp_atom               
14 6 'Structure model' chem_comp_bond               
15 6 'Structure model' database_2                   
16 6 'Structure model' pdbx_entry_details           
17 6 'Structure model' pdbx_modification_feature    
18 6 'Structure model' struct_ncs_dom_lim           
# 
loop_
_pdbx_audit_revision_item.ordinal 
_pdbx_audit_revision_item.revision_ordinal 
_pdbx_audit_revision_item.data_content_type 
_pdbx_audit_revision_item.item 
1  2 'Structure model' '_pdbx_audit_support.funding_organization' 
2  3 'Structure model' '_citation.journal_abbrev'                 
3  3 'Structure model' '_citation.journal_volume'                 
4  3 'Structure model' '_citation.page_first'                     
5  3 'Structure model' '_citation.page_last'                      
6  3 'Structure model' '_citation.pdbx_database_id_PubMed'        
7  3 'Structure model' '_citation.title'                          
8  4 'Structure model' '_database_PDB_remark.text'                
9  6 'Structure model' '_database_2.pdbx_DOI'                     
10 6 'Structure model' '_database_2.pdbx_database_accession'      
11 6 'Structure model' '_struct_ncs_dom_lim.beg_auth_comp_id'     
12 6 'Structure model' '_struct_ncs_dom_lim.beg_label_asym_id'    
13 6 'Structure model' '_struct_ncs_dom_lim.beg_label_comp_id'    
14 6 'Structure model' '_struct_ncs_dom_lim.beg_label_seq_id'     
15 6 'Structure model' '_struct_ncs_dom_lim.end_auth_comp_id'     
16 6 'Structure model' '_struct_ncs_dom_lim.end_label_asym_id'    
17 6 'Structure model' '_struct_ncs_dom_lim.end_label_comp_id'    
18 6 'Structure model' '_struct_ncs_dom_lim.end_label_seq_id'     
# 
_pdbx_database_status.status_code                     REL 
_pdbx_database_status.status_code_sf                  REL 
_pdbx_database_status.status_code_mr                  ? 
_pdbx_database_status.entry_id                        5JQF 
_pdbx_database_status.recvd_initial_deposition_date   2016-05-04 
_pdbx_database_status.SG_entry                        N 
_pdbx_database_status.deposit_site                    RCSB 
_pdbx_database_status.process_site                    PDBE 
_pdbx_database_status.status_code_cs                  ? 
_pdbx_database_status.methods_development_category    ? 
_pdbx_database_status.pdb_format_compatible           Y 
_pdbx_database_status.status_code_nmr_data            ? 
# 
loop_
_pdbx_database_related.content_type 
_pdbx_database_related.db_id 
_pdbx_database_related.db_name 
_pdbx_database_related.details 
unspecified 5JRK PDB 'SpI is the substrate of SpI-IsoP (5JRK, SeMet-derived)' 
unspecified 5JRL PDB 'SpI is the substrate of SpI-IsoP (5JRL, native)'        
# 
loop_
_audit_author.name 
_audit_author.pdbx_ordinal 
'Fage, C.D.'     1 
'Hegemann, J.D.' 2 
'Harms, K.'      3 
'Bange, G.'      4 
'Marahiel, M.A.' 5 
# 
_citation.abstract                  ? 
_citation.abstract_id_CAS           ? 
_citation.book_id_ISBN              ? 
_citation.book_publisher            ? 
_citation.book_publisher_city       ? 
_citation.book_title                ? 
_citation.coordinate_linkage        ? 
_citation.country                   GE 
_citation.database_id_Medline       ? 
_citation.details                   ? 
_citation.id                        primary 
_citation.journal_abbrev            'Angew. Chem. Int. Ed. Engl.' 
_citation.journal_id_ASTM           ACIEAY 
_citation.journal_id_CSD            0179 
_citation.journal_id_ISSN           1521-3773 
_citation.journal_full              ? 
_citation.journal_issue             ? 
_citation.journal_volume            55 
_citation.language                  ? 
_citation.page_first                12717 
_citation.page_last                 12721 
_citation.title                     'Structure and Mechanism of the Sphingopyxin I Lasso Peptide Isopeptidase.' 
_citation.year                      2016 
_citation.database_id_CSD           ? 
_citation.pdbx_database_id_DOI      10.1002/anie.201605232 
_citation.pdbx_database_id_PubMed   27611791 
_citation.unpublished_flag          ? 
# 
loop_
_citation_author.citation_id 
_citation_author.name 
_citation_author.ordinal 
_citation_author.identifier_ORCID 
primary 'Fage, C.D.'      1 ? 
primary 'Hegemann, J.D.'  2 ? 
primary 'Nebel, A.J.'     3 ? 
primary 'Steinbach, R.M.' 4 ? 
primary 'Zhu, S.'         5 ? 
primary 'Linne, U.'       6 ? 
primary 'Harms, K.'       7 ? 
primary 'Bange, G.'       8 ? 
primary 'Marahiel, M.A.'  9 ? 
# 
loop_
_entity.id 
_entity.type 
_entity.src_method 
_entity.pdbx_description 
_entity.formula_weight 
_entity.pdbx_number_of_molecules 
_entity.pdbx_ec 
_entity.pdbx_mutation 
_entity.pdbx_fragment 
_entity.details 
1 polymer man 'Sphingopyxin I' 2201.326 2  ? ? ? 'An isopeptide bond exists between the N-terminus of Gly1 and side chain of Asp9' 
2 water   nat water            18.015   35 ? ? ? ?                                                                                 
# 
_entity_poly.entity_id                      1 
_entity_poly.type                           'polypeptide(L)' 
_entity_poly.nstd_linkage                   no 
_entity_poly.nstd_monomer                   no 
_entity_poly.pdbx_seq_one_letter_code       GIEPLGPVDEDQGEHYLFAGG 
_entity_poly.pdbx_seq_one_letter_code_can   GIEPLGPVDEDQGEHYLFAGG 
_entity_poly.pdbx_strand_id                 A,B 
_entity_poly.pdbx_target_identifier         ? 
# 
_pdbx_entity_nonpoly.entity_id   2 
_pdbx_entity_nonpoly.name        water 
_pdbx_entity_nonpoly.comp_id     HOH 
# 
loop_
_entity_poly_seq.entity_id 
_entity_poly_seq.num 
_entity_poly_seq.mon_id 
_entity_poly_seq.hetero 
1 1  GLY n 
1 2  ILE n 
1 3  GLU n 
1 4  PRO n 
1 5  LEU n 
1 6  GLY n 
1 7  PRO n 
1 8  VAL n 
1 9  ASP n 
1 10 GLU n 
1 11 ASP n 
1 12 GLN n 
1 13 GLY n 
1 14 GLU n 
1 15 HIS n 
1 16 TYR n 
1 17 LEU n 
1 18 PHE n 
1 19 ALA n 
1 20 GLY n 
1 21 GLY n 
# 
_entity_src_gen.entity_id                          1 
_entity_src_gen.pdbx_src_id                        1 
_entity_src_gen.pdbx_alt_source_flag               sample 
_entity_src_gen.pdbx_seq_type                      'Biological sequence' 
_entity_src_gen.pdbx_beg_seq_num                   1 
_entity_src_gen.pdbx_end_seq_num                   21 
_entity_src_gen.gene_src_common_name               ? 
_entity_src_gen.gene_src_genus                     ? 
_entity_src_gen.pdbx_gene_src_gene                 ? 
_entity_src_gen.gene_src_species                   ? 
_entity_src_gen.gene_src_strain                    ? 
_entity_src_gen.gene_src_tissue                    ? 
_entity_src_gen.gene_src_tissue_fraction           ? 
_entity_src_gen.gene_src_details                   ? 
_entity_src_gen.pdbx_gene_src_fragment             ? 
_entity_src_gen.pdbx_gene_src_scientific_name      'Sphingopyxis alaskensis RB2256' 
_entity_src_gen.pdbx_gene_src_ncbi_taxonomy_id     317655 
_entity_src_gen.pdbx_gene_src_variant              ? 
_entity_src_gen.pdbx_gene_src_cell_line            ? 
_entity_src_gen.pdbx_gene_src_atcc                 ? 
_entity_src_gen.pdbx_gene_src_organ                ? 
_entity_src_gen.pdbx_gene_src_organelle            ? 
_entity_src_gen.pdbx_gene_src_cell                 ? 
_entity_src_gen.pdbx_gene_src_cellular_location    ? 
_entity_src_gen.host_org_common_name               ? 
_entity_src_gen.pdbx_host_org_scientific_name      'Escherichia coli BL21(DE3)' 
_entity_src_gen.pdbx_host_org_ncbi_taxonomy_id     469008 
_entity_src_gen.host_org_genus                     ? 
_entity_src_gen.pdbx_host_org_gene                 ? 
_entity_src_gen.pdbx_host_org_organ                ? 
_entity_src_gen.host_org_species                   ? 
_entity_src_gen.pdbx_host_org_tissue               ? 
_entity_src_gen.pdbx_host_org_tissue_fraction      ? 
_entity_src_gen.pdbx_host_org_strain               ? 
_entity_src_gen.pdbx_host_org_variant              ? 
_entity_src_gen.pdbx_host_org_cell_line            ? 
_entity_src_gen.pdbx_host_org_atcc                 ? 
_entity_src_gen.pdbx_host_org_culture_collection   ? 
_entity_src_gen.pdbx_host_org_cell                 ? 
_entity_src_gen.pdbx_host_org_organelle            ? 
_entity_src_gen.pdbx_host_org_cellular_location    ? 
_entity_src_gen.pdbx_host_org_vector_type          plasmid 
_entity_src_gen.pdbx_host_org_vector               ? 
_entity_src_gen.host_org_details                   ? 
_entity_src_gen.expression_system_id               ? 
_entity_src_gen.plasmid_name                       pET41a 
_entity_src_gen.plasmid_details                    ? 
_entity_src_gen.pdbx_description                   ? 
# 
loop_
_chem_comp.id 
_chem_comp.type 
_chem_comp.mon_nstd_flag 
_chem_comp.name 
_chem_comp.pdbx_synonyms 
_chem_comp.formula 
_chem_comp.formula_weight 
ALA 'L-peptide linking' y ALANINE         ? 'C3 H7 N O2'     89.093  
ASP 'L-peptide linking' y 'ASPARTIC ACID' ? 'C4 H7 N O4'     133.103 
GLN 'L-peptide linking' y GLUTAMINE       ? 'C5 H10 N2 O3'   146.144 
GLU 'L-peptide linking' y 'GLUTAMIC ACID' ? 'C5 H9 N O4'     147.129 
GLY 'peptide linking'   y GLYCINE         ? 'C2 H5 N O2'     75.067  
HIS 'L-peptide linking' y HISTIDINE       ? 'C6 H10 N3 O2 1' 156.162 
HOH non-polymer         . WATER           ? 'H2 O'           18.015  
ILE 'L-peptide linking' y ISOLEUCINE      ? 'C6 H13 N O2'    131.173 
LEU 'L-peptide linking' y LEUCINE         ? 'C6 H13 N O2'    131.173 
PHE 'L-peptide linking' y PHENYLALANINE   ? 'C9 H11 N O2'    165.189 
PRO 'L-peptide linking' y PROLINE         ? 'C5 H9 N O2'     115.130 
TYR 'L-peptide linking' y TYROSINE        ? 'C9 H11 N O3'    181.189 
VAL 'L-peptide linking' y VALINE          ? 'C5 H11 N O2'    117.146 
# 
loop_
_pdbx_poly_seq_scheme.asym_id 
_pdbx_poly_seq_scheme.entity_id 
_pdbx_poly_seq_scheme.seq_id 
_pdbx_poly_seq_scheme.mon_id 
_pdbx_poly_seq_scheme.ndb_seq_num 
_pdbx_poly_seq_scheme.pdb_seq_num 
_pdbx_poly_seq_scheme.auth_seq_num 
_pdbx_poly_seq_scheme.pdb_mon_id 
_pdbx_poly_seq_scheme.auth_mon_id 
_pdbx_poly_seq_scheme.pdb_strand_id 
_pdbx_poly_seq_scheme.pdb_ins_code 
_pdbx_poly_seq_scheme.hetero 
A 1 1  GLY 1  1  1  GLY GLY A . n 
A 1 2  ILE 2  2  2  ILE ILE A . n 
A 1 3  GLU 3  3  3  GLU GLU A . n 
A 1 4  PRO 4  4  4  PRO PRO A . n 
A 1 5  LEU 5  5  5  LEU LEU A . n 
A 1 6  GLY 6  6  6  GLY GLY A . n 
A 1 7  PRO 7  7  7  PRO PRO A . n 
A 1 8  VAL 8  8  8  VAL VAL A . n 
A 1 9  ASP 9  9  9  ASP ASP A . n 
A 1 10 GLU 10 10 10 GLU GLU A . n 
A 1 11 ASP 11 11 11 ASP ASP A . n 
A 1 12 GLN 12 12 12 GLN GLN A . n 
A 1 13 GLY 13 13 13 GLY GLY A . n 
A 1 14 GLU 14 14 14 GLU GLU A . n 
A 1 15 HIS 15 15 15 HIS HIS A . n 
A 1 16 TYR 16 16 16 TYR TYR A . n 
A 1 17 LEU 17 17 17 LEU LEU A . n 
A 1 18 PHE 18 18 18 PHE PHE A . n 
A 1 19 ALA 19 19 19 ALA ALA A . n 
A 1 20 GLY 20 20 20 GLY GLY A . n 
A 1 21 GLY 21 21 21 GLY GLY A . n 
B 1 1  GLY 1  1  1  GLY GLY B . n 
B 1 2  ILE 2  2  2  ILE ILE B . n 
B 1 3  GLU 3  3  3  GLU GLU B . n 
B 1 4  PRO 4  4  4  PRO PRO B . n 
B 1 5  LEU 5  5  5  LEU LEU B . n 
B 1 6  GLY 6  6  6  GLY GLY B . n 
B 1 7  PRO 7  7  7  PRO PRO B . n 
B 1 8  VAL 8  8  8  VAL VAL B . n 
B 1 9  ASP 9  9  9  ASP ASP B . n 
B 1 10 GLU 10 10 10 GLU GLU B . n 
B 1 11 ASP 11 11 11 ASP ASP B . n 
B 1 12 GLN 12 12 12 GLN GLN B . n 
B 1 13 GLY 13 13 13 GLY GLY B . n 
B 1 14 GLU 14 14 14 GLU GLU B . n 
B 1 15 HIS 15 15 15 HIS HIS B . n 
B 1 16 TYR 16 16 16 TYR TYR B . n 
B 1 17 LEU 17 17 17 LEU LEU B . n 
B 1 18 PHE 18 18 18 PHE PHE B . n 
B 1 19 ALA 19 19 19 ALA ALA B . n 
B 1 20 GLY 20 20 20 GLY GLY B . n 
B 1 21 GLY 21 21 21 GLY GLY B . n 
# 
loop_
_pdbx_nonpoly_scheme.asym_id 
_pdbx_nonpoly_scheme.entity_id 
_pdbx_nonpoly_scheme.mon_id 
_pdbx_nonpoly_scheme.ndb_seq_num 
_pdbx_nonpoly_scheme.pdb_seq_num 
_pdbx_nonpoly_scheme.auth_seq_num 
_pdbx_nonpoly_scheme.pdb_mon_id 
_pdbx_nonpoly_scheme.auth_mon_id 
_pdbx_nonpoly_scheme.pdb_strand_id 
_pdbx_nonpoly_scheme.pdb_ins_code 
C 2 HOH 1  101 53 HOH HOH A . 
C 2 HOH 2  102 15 HOH HOH A . 
C 2 HOH 3  103 25 HOH HOH A . 
C 2 HOH 4  104 2  HOH HOH A . 
C 2 HOH 5  105 11 HOH HOH A . 
C 2 HOH 6  106 3  HOH HOH A . 
C 2 HOH 7  107 14 HOH HOH A . 
C 2 HOH 8  108 33 HOH HOH A . 
C 2 HOH 9  109 5  HOH HOH A . 
C 2 HOH 10 110 23 HOH HOH A . 
C 2 HOH 11 111 4  HOH HOH A . 
C 2 HOH 12 112 12 HOH HOH A . 
C 2 HOH 13 113 35 HOH HOH A . 
C 2 HOH 14 114 41 HOH HOH A . 
C 2 HOH 15 115 30 HOH HOH A . 
C 2 HOH 16 116 8  HOH HOH A . 
C 2 HOH 17 117 50 HOH HOH A . 
C 2 HOH 18 118 40 HOH HOH A . 
D 2 HOH 1  101 21 HOH HOH B . 
D 2 HOH 2  102 17 HOH HOH B . 
D 2 HOH 3  103 19 HOH HOH B . 
D 2 HOH 4  104 54 HOH HOH B . 
D 2 HOH 5  105 6  HOH HOH B . 
D 2 HOH 6  106 10 HOH HOH B . 
D 2 HOH 7  107 9  HOH HOH B . 
D 2 HOH 8  108 45 HOH HOH B . 
D 2 HOH 9  109 42 HOH HOH B . 
D 2 HOH 10 110 7  HOH HOH B . 
D 2 HOH 11 111 32 HOH HOH B . 
D 2 HOH 12 112 20 HOH HOH B . 
D 2 HOH 13 113 13 HOH HOH B . 
D 2 HOH 14 114 46 HOH HOH B . 
D 2 HOH 15 115 24 HOH HOH B . 
D 2 HOH 16 116 29 HOH HOH B . 
D 2 HOH 17 117 51 HOH HOH B . 
# 
loop_
_software.citation_id 
_software.classification 
_software.compiler_name 
_software.compiler_version 
_software.contact_author 
_software.contact_author_email 
_software.date 
_software.description 
_software.dependencies 
_software.hardware 
_software.language 
_software.location 
_software.mods 
_software.name 
_software.os 
_software.os_version 
_software.type 
_software.version 
_software.pdbx_ordinal 
? refinement       ? ? ? ? ? ? ? ? ? ? ? REFMAC  ? ? ? 5.8.0135                  1 
? 'model building' ? ? ? ? ? ? ? ? ? ? ? Coot    ? ? ? '0.8-pre (revision 4727)' 2 
? 'data reduction' ? ? ? ? ? ? ? ? ? ? ? XDS     ? ? ? 'Oct 15, 2015'            3 
? 'data scaling'   ? ? ? ? ? ? ? ? ? ? ? XSCALE  ? ? ? 'Oct 15, 2015'            4 
? phasing          ? ? ? ? ? ? ? ? ? ? ? Sir2014 ? ? ? Sir2014                   5 
# 
_cell.angle_alpha                  90.000 
_cell.angle_alpha_esd              ? 
_cell.angle_beta                   90.000 
_cell.angle_beta_esd               ? 
_cell.angle_gamma                  120.000 
_cell.angle_gamma_esd              ? 
_cell.entry_id                     5JQF 
_cell.details                      ? 
_cell.formula_units_Z              ? 
_cell.length_a                     39.240 
_cell.length_a_esd                 ? 
_cell.length_b                     39.240 
_cell.length_b_esd                 ? 
_cell.length_c                     31.410 
_cell.length_c_esd                 ? 
_cell.volume                       ? 
_cell.volume_esd                   ? 
_cell.Z_PDB                        12 
_cell.reciprocal_angle_alpha       ? 
_cell.reciprocal_angle_beta        ? 
_cell.reciprocal_angle_gamma       ? 
_cell.reciprocal_angle_alpha_esd   ? 
_cell.reciprocal_angle_beta_esd    ? 
_cell.reciprocal_angle_gamma_esd   ? 
_cell.reciprocal_length_a          ? 
_cell.reciprocal_length_b          ? 
_cell.reciprocal_length_c          ? 
_cell.reciprocal_length_a_esd      ? 
_cell.reciprocal_length_b_esd      ? 
_cell.reciprocal_length_c_esd      ? 
_cell.pdbx_unique_axis             ? 
# 
_symmetry.entry_id                         5JQF 
_symmetry.cell_setting                     ? 
_symmetry.Int_Tables_number                170 
_symmetry.space_group_name_Hall            ? 
_symmetry.space_group_name_H-M             'P 65' 
_symmetry.pdbx_full_space_group_name_H-M   ? 
# 
_exptl.absorpt_coefficient_mu     ? 
_exptl.absorpt_correction_T_max   ? 
_exptl.absorpt_correction_T_min   ? 
_exptl.absorpt_correction_type    ? 
_exptl.absorpt_process_details    ? 
_exptl.entry_id                   5JQF 
_exptl.crystals_number            1 
_exptl.details                    ? 
_exptl.method                     'X-RAY DIFFRACTION' 
_exptl.method_details             ? 
# 
_exptl_crystal.colour                      ? 
_exptl_crystal.density_diffrn              ? 
_exptl_crystal.density_Matthews            1.59 
_exptl_crystal.density_method              ? 
_exptl_crystal.density_percent_sol         22.43 
_exptl_crystal.description                 Needle-like 
_exptl_crystal.F_000                       ? 
_exptl_crystal.id                          1 
_exptl_crystal.preparation                 ? 
_exptl_crystal.size_max                    ? 
_exptl_crystal.size_mid                    ? 
_exptl_crystal.size_min                    ? 
_exptl_crystal.size_rad                    ? 
_exptl_crystal.colour_lustre               ? 
_exptl_crystal.colour_modifier             ? 
_exptl_crystal.colour_primary              ? 
_exptl_crystal.density_meas                ? 
_exptl_crystal.density_meas_esd            ? 
_exptl_crystal.density_meas_gt             ? 
_exptl_crystal.density_meas_lt             ? 
_exptl_crystal.density_meas_temp           ? 
_exptl_crystal.density_meas_temp_esd       ? 
_exptl_crystal.density_meas_temp_gt        ? 
_exptl_crystal.density_meas_temp_lt        ? 
_exptl_crystal.pdbx_crystal_image_url      ? 
_exptl_crystal.pdbx_crystal_image_format   ? 
_exptl_crystal.pdbx_mosaicity              ? 
_exptl_crystal.pdbx_mosaicity_esd          ? 
# 
_exptl_crystal_grow.apparatus       ? 
_exptl_crystal_grow.atmosphere      ? 
_exptl_crystal_grow.crystal_id      1 
_exptl_crystal_grow.details         ? 
_exptl_crystal_grow.method          'VAPOR DIFFUSION, SITTING DROP' 
_exptl_crystal_grow.method_ref      ? 
_exptl_crystal_grow.pH              ? 
_exptl_crystal_grow.pressure        ? 
_exptl_crystal_grow.pressure_esd    ? 
_exptl_crystal_grow.seeding         ? 
_exptl_crystal_grow.seeding_ref     ? 
_exptl_crystal_grow.temp            291.15 
_exptl_crystal_grow.temp_details    ? 
_exptl_crystal_grow.temp_esd        ? 
_exptl_crystal_grow.time            ? 
_exptl_crystal_grow.pdbx_details    '0.2 M K2SO4, 20%(w/v) PEG 400' 
_exptl_crystal_grow.pdbx_pH_range   ? 
# 
_diffrn.ambient_environment    ? 
_diffrn.ambient_temp           100 
_diffrn.ambient_temp_details   ? 
_diffrn.ambient_temp_esd       ? 
_diffrn.crystal_id             1 
_diffrn.crystal_support        ? 
_diffrn.crystal_treatment      ? 
_diffrn.details                ? 
_diffrn.id                     1 
_diffrn.ambient_pressure       ? 
_diffrn.ambient_pressure_esd   ? 
_diffrn.ambient_pressure_gt    ? 
_diffrn.ambient_pressure_lt    ? 
_diffrn.ambient_temp_gt        ? 
_diffrn.ambient_temp_lt        ? 
# 
_diffrn_detector.details                      ? 
_diffrn_detector.detector                     PIXEL 
_diffrn_detector.diffrn_id                    1 
_diffrn_detector.type                         'DECTRIS PILATUS 6M-F' 
_diffrn_detector.area_resol_mean              ? 
_diffrn_detector.dtime                        ? 
_diffrn_detector.pdbx_frames_total            ? 
_diffrn_detector.pdbx_collection_time_total   ? 
_diffrn_detector.pdbx_collection_date         2016-04-15 
# 
_diffrn_radiation.collimation                      ? 
_diffrn_radiation.diffrn_id                        1 
_diffrn_radiation.filter_edge                      ? 
_diffrn_radiation.inhomogeneity                    ? 
_diffrn_radiation.monochromator                    'Si (111)' 
_diffrn_radiation.polarisn_norm                    ? 
_diffrn_radiation.polarisn_ratio                   ? 
_diffrn_radiation.probe                            ? 
_diffrn_radiation.type                             ? 
_diffrn_radiation.xray_symbol                      ? 
_diffrn_radiation.wavelength_id                    1 
_diffrn_radiation.pdbx_monochromatic_or_laue_m_l   M 
_diffrn_radiation.pdbx_wavelength_list             ? 
_diffrn_radiation.pdbx_wavelength                  ? 
_diffrn_radiation.pdbx_diffrn_protocol             'SINGLE WAVELENGTH' 
_diffrn_radiation.pdbx_analyzer                    ? 
_diffrn_radiation.pdbx_scattering_type             x-ray 
# 
_diffrn_radiation_wavelength.id           1 
_diffrn_radiation_wavelength.wavelength   0.82656 
_diffrn_radiation_wavelength.wt           1.0 
# 
_diffrn_source.current                     ? 
_diffrn_source.details                     ? 
_diffrn_source.diffrn_id                   1 
_diffrn_source.power                       ? 
_diffrn_source.size                        ? 
_diffrn_source.source                      SYNCHROTRON 
_diffrn_source.target                      ? 
_diffrn_source.type                        'ESRF BEAMLINE ID23-1' 
_diffrn_source.voltage                     ? 
_diffrn_source.take-off_angle              ? 
_diffrn_source.pdbx_wavelength_list        0.82656 
_diffrn_source.pdbx_wavelength             ? 
_diffrn_source.pdbx_synchrotron_beamline   ID23-1 
_diffrn_source.pdbx_synchrotron_site       ESRF 
# 
_reflns.B_iso_Wilson_estimate            8.602 
_reflns.entry_id                         5JQF 
_reflns.data_reduction_details           ? 
_reflns.data_reduction_method            ? 
_reflns.d_resolution_high                0.850 
_reflns.d_resolution_low                 50.0 
_reflns.details                          ? 
_reflns.limit_h_max                      ? 
_reflns.limit_h_min                      ? 
_reflns.limit_k_max                      ? 
_reflns.limit_k_min                      ? 
_reflns.limit_l_max                      ? 
_reflns.limit_l_min                      ? 
_reflns.number_all                       ? 
_reflns.number_obs                       24225 
_reflns.observed_criterion               ? 
_reflns.observed_criterion_F_max         ? 
_reflns.observed_criterion_F_min         ? 
_reflns.observed_criterion_I_max         ? 
_reflns.observed_criterion_I_min         ? 
_reflns.observed_criterion_sigma_F       ? 
_reflns.observed_criterion_sigma_I       -3.000 
_reflns.percent_possible_obs             99.800 
_reflns.R_free_details                   ? 
_reflns.Rmerge_F_all                     ? 
_reflns.Rmerge_F_obs                     ? 
_reflns.Friedel_coverage                 ? 
_reflns.number_gt                        ? 
_reflns.threshold_expression             ? 
_reflns.pdbx_redundancy                  5.0 
_reflns.pdbx_Rmerge_I_obs                0.067 
_reflns.pdbx_Rmerge_I_all                ? 
_reflns.pdbx_Rsym_value                  ? 
_reflns.pdbx_netI_over_av_sigmaI         ? 
_reflns.pdbx_netI_over_sigmaI            12.010 
_reflns.pdbx_res_netI_over_av_sigmaI_2   ? 
_reflns.pdbx_res_netI_over_sigmaI_2      ? 
_reflns.pdbx_chi_squared                 ? 
_reflns.pdbx_scaling_rejects             ? 
_reflns.pdbx_d_res_high_opt              ? 
_reflns.pdbx_d_res_low_opt               ? 
_reflns.pdbx_d_res_opt_method            ? 
_reflns.phase_calculation_details        ? 
_reflns.pdbx_Rrim_I_all                  ? 
_reflns.pdbx_Rpim_I_all                  ? 
_reflns.pdbx_d_opt                       ? 
_reflns.pdbx_number_measured_all         ? 
_reflns.pdbx_diffrn_id                   1 
_reflns.pdbx_ordinal                     1 
_reflns.pdbx_CC_half                     0.997 
_reflns.pdbx_R_split                     ? 
# 
loop_
_reflns_shell.d_res_high 
_reflns_shell.d_res_low 
_reflns_shell.meanI_over_sigI_all 
_reflns_shell.meanI_over_sigI_obs 
_reflns_shell.number_measured_all 
_reflns_shell.number_measured_obs 
_reflns_shell.number_possible 
_reflns_shell.number_unique_all 
_reflns_shell.number_unique_obs 
_reflns_shell.percent_possible_all 
_reflns_shell.percent_possible_obs 
_reflns_shell.Rmerge_F_all 
_reflns_shell.Rmerge_F_obs 
_reflns_shell.Rmerge_I_all 
_reflns_shell.Rmerge_I_obs 
_reflns_shell.meanI_over_sigI_gt 
_reflns_shell.meanI_over_uI_all 
_reflns_shell.meanI_over_uI_gt 
_reflns_shell.number_measured_gt 
_reflns_shell.number_unique_gt 
_reflns_shell.percent_possible_gt 
_reflns_shell.Rmerge_F_gt 
_reflns_shell.Rmerge_I_gt 
_reflns_shell.pdbx_redundancy 
_reflns_shell.pdbx_Rsym_value 
_reflns_shell.pdbx_chi_squared 
_reflns_shell.pdbx_netI_over_sigmaI_all 
_reflns_shell.pdbx_netI_over_sigmaI_obs 
_reflns_shell.pdbx_Rrim_I_all 
_reflns_shell.pdbx_Rpim_I_all 
_reflns_shell.pdbx_rejects 
_reflns_shell.pdbx_ordinal 
_reflns_shell.pdbx_diffrn_id 
_reflns_shell.pdbx_CC_half 
_reflns_shell.pdbx_R_split 
0.850 0.900 ? 2.200  ? ? ? ? ? 99.600  ? ? ? ? 0.689 ? ? ? ? ? ? ? ? ? ? ? ? ? ? ? ? 1 1 ? ? 
0.900 0.960 ? 4.050  ? ? ? ? ? 99.900  ? ? ? ? 0.388 ? ? ? ? ? ? ? ? ? ? ? ? ? ? ? ? 2 1 ? ? 
0.960 1.040 ? 7.820  ? ? ? ? ? 100.000 ? ? ? ? 0.194 ? ? ? ? ? ? ? ? ? ? ? ? ? ? ? ? 3 1 ? ? 
1.040 1.140 ? 12.080 ? ? ? ? ? 99.900  ? ? ? ? 0.112 ? ? ? ? ? ? ? ? ? ? ? ? ? ? ? ? 4 1 ? ? 
1.140 1.270 ? 15.670 ? ? ? ? ? 100.000 ? ? ? ? 0.084 ? ? ? ? ? ? ? ? ? ? ? ? ? ? ? ? 5 1 ? ? 
1.270 1.470 ? 17.310 ? ? ? ? ? 100.000 ? ? ? ? 0.076 ? ? ? ? ? ? ? ? ? ? ? ? ? ? ? ? 6 1 ? ? 
1.470 1.800 ? 21.540 ? ? ? ? ? 99.500  ? ? ? ? 0.062 ? ? ? ? ? ? ? ? ? ? ? ? ? ? ? ? 7 1 ? ? 
1.800 2.540 ? 25.350 ? ? ? ? ? 99.500  ? ? ? ? 0.052 ? ? ? ? ? ? ? ? ? ? ? ? ? ? ? ? 8 1 ? ? 
2.540 ?     ? 27.040 ? ? ? ? ? 98.500  ? ? ? ? 0.052 ? ? ? ? ? ? ? ? ? ? ? ? ? ? ? ? 9 1 ? ? 
# 
_refine.aniso_B[1][1]                            0.1300 
_refine.aniso_B[1][2]                            0.0700 
_refine.aniso_B[1][3]                            0.0000 
_refine.aniso_B[2][2]                            0.1300 
_refine.aniso_B[2][3]                            -0.0000 
_refine.aniso_B[3][3]                            -0.4200 
_refine.B_iso_max                                25.230 
_refine.B_iso_mean                               6.9140 
_refine.B_iso_min                                3.570 
_refine.correlation_coeff_Fo_to_Fc               0.9790 
_refine.correlation_coeff_Fo_to_Fc_free          0.9610 
_refine.details                                  'HYDROGENS HAVE BEEN ADDED IN THE RIDING POSITIONS U VALUES: REFINED INDIVIDUALLY' 
_refine.diff_density_max                         ? 
_refine.diff_density_max_esd                     ? 
_refine.diff_density_min                         ? 
_refine.diff_density_min_esd                     ? 
_refine.diff_density_rms                         ? 
_refine.diff_density_rms_esd                     ? 
_refine.entry_id                                 5JQF 
_refine.pdbx_refine_id                           'X-RAY DIFFRACTION' 
_refine.ls_abs_structure_details                 ? 
_refine.ls_abs_structure_Flack                   ? 
_refine.ls_abs_structure_Flack_esd               ? 
_refine.ls_abs_structure_Rogers                  ? 
_refine.ls_abs_structure_Rogers_esd              ? 
_refine.ls_d_res_high                            0.8500 
_refine.ls_d_res_low                             33.9800 
_refine.ls_extinction_coef                       ? 
_refine.ls_extinction_coef_esd                   ? 
_refine.ls_extinction_expression                 ? 
_refine.ls_extinction_method                     ? 
_refine.ls_goodness_of_fit_all                   ? 
_refine.ls_goodness_of_fit_all_esd               ? 
_refine.ls_goodness_of_fit_obs                   ? 
_refine.ls_goodness_of_fit_obs_esd               ? 
_refine.ls_hydrogen_treatment                    ? 
_refine.ls_matrix_type                           ? 
_refine.ls_number_constraints                    ? 
_refine.ls_number_parameters                     ? 
_refine.ls_number_reflns_all                     ? 
_refine.ls_number_reflns_obs                     23012 
_refine.ls_number_reflns_R_free                  1212 
_refine.ls_number_reflns_R_work                  ? 
_refine.ls_number_restraints                     ? 
_refine.ls_percent_reflns_obs                    99.8000 
_refine.ls_percent_reflns_R_free                 5.0000 
_refine.ls_R_factor_all                          ? 
_refine.ls_R_factor_obs                          0.1304 
_refine.ls_R_factor_R_free                       0.1530 
_refine.ls_R_factor_R_free_error                 ? 
_refine.ls_R_factor_R_free_error_details         ? 
_refine.ls_R_factor_R_work                       0.1292 
_refine.ls_R_Fsqd_factor_obs                     ? 
_refine.ls_R_I_factor_obs                        ? 
_refine.ls_redundancy_reflns_all                 ? 
_refine.ls_redundancy_reflns_obs                 ? 
_refine.ls_restrained_S_all                      ? 
_refine.ls_restrained_S_obs                      ? 
_refine.ls_shift_over_esd_max                    ? 
_refine.ls_shift_over_esd_mean                   ? 
_refine.ls_structure_factor_coef                 ? 
_refine.ls_weighting_details                     ? 
_refine.ls_weighting_scheme                      ? 
_refine.ls_wR_factor_all                         ? 
_refine.ls_wR_factor_obs                         ? 
_refine.ls_wR_factor_R_free                      ? 
_refine.ls_wR_factor_R_work                      ? 
_refine.occupancy_max                            ? 
_refine.occupancy_min                            ? 
_refine.solvent_model_details                    ? 
_refine.solvent_model_param_bsol                 ? 
_refine.solvent_model_param_ksol                 ? 
_refine.ls_R_factor_gt                           ? 
_refine.ls_goodness_of_fit_gt                    ? 
_refine.ls_goodness_of_fit_ref                   ? 
_refine.ls_shift_over_su_max                     ? 
_refine.ls_shift_over_su_max_lt                  ? 
_refine.ls_shift_over_su_mean                    ? 
_refine.ls_shift_over_su_mean_lt                 ? 
_refine.pdbx_ls_sigma_I                          ? 
_refine.pdbx_ls_sigma_F                          0.000 
_refine.pdbx_ls_sigma_Fsqd                       ? 
_refine.pdbx_data_cutoff_high_absF               ? 
_refine.pdbx_data_cutoff_high_rms_absF           ? 
_refine.pdbx_data_cutoff_low_absF                ? 
_refine.pdbx_isotropic_thermal_model             ? 
_refine.pdbx_ls_cross_valid_method               'FREE R-VALUE' 
_refine.pdbx_method_to_determine_struct          'AB INITIO PHASING' 
_refine.pdbx_starting_model                      ? 
_refine.pdbx_stereochemistry_target_values       ? 
_refine.pdbx_R_Free_selection_details            RANDOM 
_refine.pdbx_stereochem_target_val_spec_case     ? 
_refine.pdbx_overall_ESU_R                       0.0150 
_refine.pdbx_overall_ESU_R_Free                  0.0170 
_refine.pdbx_solvent_vdw_probe_radii             1.7000 
_refine.pdbx_solvent_ion_probe_radii             0.7000 
_refine.pdbx_solvent_shrinkage_radii             0.7000 
_refine.pdbx_real_space_R                        ? 
_refine.pdbx_density_correlation                 ? 
_refine.pdbx_pd_number_of_powder_patterns        ? 
_refine.pdbx_pd_number_of_points                 ? 
_refine.pdbx_pd_meas_number_of_points            ? 
_refine.pdbx_pd_proc_ls_prof_R_factor            ? 
_refine.pdbx_pd_proc_ls_prof_wR_factor           ? 
_refine.pdbx_pd_Marquardt_correlation_coeff      ? 
_refine.pdbx_pd_Fsqrd_R_factor                   ? 
_refine.pdbx_pd_ls_matrix_band_width             ? 
_refine.pdbx_overall_phase_error                 ? 
_refine.pdbx_overall_SU_R_free_Cruickshank_DPI   ? 
_refine.pdbx_overall_SU_R_free_Blow_DPI          ? 
_refine.pdbx_overall_SU_R_Blow_DPI               ? 
_refine.pdbx_TLS_residual_ADP_flag               ? 
_refine.pdbx_diffrn_id                           1 
_refine.overall_SU_B                             0.3580 
_refine.overall_SU_ML                            0.0100 
_refine.overall_SU_R_Cruickshank_DPI             0.0154 
_refine.overall_SU_R_free                        ? 
_refine.overall_FOM_free_R_set                   ? 
_refine.overall_FOM_work_R_set                   ? 
_refine.pdbx_average_fsc_overall                 ? 
_refine.pdbx_average_fsc_work                    ? 
_refine.pdbx_average_fsc_free                    ? 
# 
_refine_hist.cycle_id                         final 
_refine_hist.pdbx_refine_id                   'X-RAY DIFFRACTION' 
_refine_hist.d_res_high                       0.8500 
_refine_hist.d_res_low                        33.9800 
_refine_hist.pdbx_number_atoms_ligand         0 
_refine_hist.number_atoms_solvent             41 
_refine_hist.number_atoms_total               351 
_refine_hist.pdbx_number_residues_total       42 
_refine_hist.pdbx_B_iso_mean_solvent          12.89 
_refine_hist.pdbx_number_atoms_protein        310 
_refine_hist.pdbx_number_atoms_nucleic_acid   0 
# 
loop_
_refine_ls_restr.pdbx_refine_id 
_refine_ls_restr.criterion 
_refine_ls_restr.dev_ideal 
_refine_ls_restr.dev_ideal_target 
_refine_ls_restr.number 
_refine_ls_restr.rejects 
_refine_ls_restr.type 
_refine_ls_restr.weight 
_refine_ls_restr.pdbx_restraint_function 
'X-RAY DIFFRACTION' ? 0.013  0.019  346 ? r_bond_refined_d       ? ? 
'X-RAY DIFFRACTION' ? 0.010  0.020  297 ? r_bond_other_d         ? ? 
'X-RAY DIFFRACTION' ? 1.813  2.012  469 ? r_angle_refined_deg    ? ? 
'X-RAY DIFFRACTION' ? 1.792  3.000  695 ? r_angle_other_deg      ? ? 
'X-RAY DIFFRACTION' ? 7.740  5.000  46  ? r_dihedral_angle_1_deg ? ? 
'X-RAY DIFFRACTION' ? 25.339 25.882 17  ? r_dihedral_angle_2_deg ? ? 
'X-RAY DIFFRACTION' ? 10.887 15.000 43  ? r_dihedral_angle_3_deg ? ? 
'X-RAY DIFFRACTION' ? 0.106  0.200  43  ? r_chiral_restr         ? ? 
'X-RAY DIFFRACTION' ? 0.012  0.021  418 ? r_gen_planes_refined   ? ? 
'X-RAY DIFFRACTION' ? 0.008  0.020  74  ? r_gen_planes_other     ? ? 
'X-RAY DIFFRACTION' ? 0.608  0.551  178 ? r_mcbond_it            ? ? 
'X-RAY DIFFRACTION' ? 0.592  0.541  175 ? r_mcbond_other         ? ? 
'X-RAY DIFFRACTION' ? 0.792  0.833  220 ? r_mcangle_it           ? ? 
'X-RAY DIFFRACTION' ? 2.741  3.000  643 ? r_rigid_bond_restr     ? ? 
'X-RAY DIFFRACTION' ? 17.628 5.000  4   ? r_sphericity_free      ? ? 
'X-RAY DIFFRACTION' ? 4.197  5.000  667 ? r_sphericity_bonded    ? ? 
# 
loop_
_refine_ls_restr_ncs.pdbx_ordinal 
_refine_ls_restr_ncs.pdbx_refine_id 
_refine_ls_restr_ncs.pdbx_ens_id 
_refine_ls_restr_ncs.dom_id 
_refine_ls_restr_ncs.pdbx_type 
_refine_ls_restr_ncs.pdbx_auth_asym_id 
_refine_ls_restr_ncs.pdbx_number 
_refine_ls_restr_ncs.rms_dev_position 
_refine_ls_restr_ncs.weight_position 
_refine_ls_restr_ncs.ncs_model_details 
_refine_ls_restr_ncs.rms_dev_B_iso 
_refine_ls_restr_ncs.weight_B_iso 
_refine_ls_restr_ncs.pdbx_asym_id 
_refine_ls_restr_ncs.pdbx_rms 
_refine_ls_restr_ncs.pdbx_weight 
1 'X-RAY DIFFRACTION' 1 1 'interatomic distance' A 1806 0.210 0.050 ? ? ? ? ? ? 
2 'X-RAY DIFFRACTION' 1 2 'interatomic distance' B 1806 0.210 0.050 ? ? ? ? ? ? 
# 
_refine_ls_shell.pdbx_refine_id                   'X-RAY DIFFRACTION' 
_refine_ls_shell.d_res_high                       0.8500 
_refine_ls_shell.d_res_low                        0.8960 
_refine_ls_shell.number_reflns_all                3521 
_refine_ls_shell.number_reflns_obs                ? 
_refine_ls_shell.number_reflns_R_free             176 
_refine_ls_shell.number_reflns_R_work             3345 
_refine_ls_shell.percent_reflns_obs               99.8300 
_refine_ls_shell.percent_reflns_R_free            ? 
_refine_ls_shell.R_factor_all                     ? 
_refine_ls_shell.R_factor_obs                     ? 
_refine_ls_shell.R_factor_R_free                  0.3880 
_refine_ls_shell.R_factor_R_free_error            ? 
_refine_ls_shell.R_factor_R_work                  0.3250 
_refine_ls_shell.redundancy_reflns_all            ? 
_refine_ls_shell.redundancy_reflns_obs            ? 
_refine_ls_shell.wR_factor_all                    ? 
_refine_ls_shell.wR_factor_obs                    ? 
_refine_ls_shell.wR_factor_R_free                 ? 
_refine_ls_shell.wR_factor_R_work                 ? 
_refine_ls_shell.pdbx_total_number_of_bins_used   10 
_refine_ls_shell.pdbx_phase_error                 ? 
_refine_ls_shell.pdbx_fsc_work                    ? 
_refine_ls_shell.pdbx_fsc_free                    ? 
# 
loop_
_struct_ncs_dom.pdbx_ens_id 
_struct_ncs_dom.id 
_struct_ncs_dom.details 
1 1 A 
1 2 B 
# 
loop_
_struct_ncs_dom_lim.pdbx_ens_id 
_struct_ncs_dom_lim.dom_id 
_struct_ncs_dom_lim.pdbx_component_id 
_struct_ncs_dom_lim.beg_label_asym_id 
_struct_ncs_dom_lim.beg_label_comp_id 
_struct_ncs_dom_lim.beg_label_seq_id 
_struct_ncs_dom_lim.beg_label_alt_id 
_struct_ncs_dom_lim.end_label_asym_id 
_struct_ncs_dom_lim.end_label_comp_id 
_struct_ncs_dom_lim.end_label_seq_id 
_struct_ncs_dom_lim.end_label_alt_id 
_struct_ncs_dom_lim.beg_auth_asym_id 
_struct_ncs_dom_lim.beg_auth_comp_id 
_struct_ncs_dom_lim.beg_auth_seq_id 
_struct_ncs_dom_lim.end_auth_asym_id 
_struct_ncs_dom_lim.end_auth_comp_id 
_struct_ncs_dom_lim.end_auth_seq_id 
_struct_ncs_dom_lim.pdbx_refine_code 
_struct_ncs_dom_lim.selection_details 
1 1 0 A GLY 1 . A GLY 21 . A GLY 1 A GLY 21 0 ? 
1 2 0 B GLY 1 . B GLY 21 . B GLY 1 B GLY 21 0 ? 
# 
_struct_ncs_ens.id        1 
_struct_ncs_ens.details   ? 
# 
_struct.entry_id                     5JQF 
_struct.title                        'Crystal structure of the lasso peptide Sphingopyxin I (SpI)' 
_struct.pdbx_model_details           ? 
_struct.pdbx_formula_weight          ? 
_struct.pdbx_formula_weight_method   ? 
_struct.pdbx_model_type_details      ? 
_struct.pdbx_CASP_flag               N 
# 
_struct_keywords.entry_id        5JQF 
_struct_keywords.text            'Lasso peptide, isopeptide bond, macrolactam ring, unknown function' 
_struct_keywords.pdbx_keywords   'UNKNOWN FUNCTION' 
# 
loop_
_struct_asym.id 
_struct_asym.pdbx_blank_PDB_chainid_flag 
_struct_asym.pdbx_modified 
_struct_asym.entity_id 
_struct_asym.details 
A N N 1 ? 
B N N 1 ? 
C N N 2 ? 
D N N 2 ? 
# 
_struct_ref.id                         1 
_struct_ref.db_name                    PDB 
_struct_ref.db_code                    5JQF 
_struct_ref.pdbx_db_accession          5JQF 
_struct_ref.pdbx_db_isoform            ? 
_struct_ref.entity_id                  1 
_struct_ref.pdbx_seq_one_letter_code   ? 
_struct_ref.pdbx_align_begin           1 
# 
loop_
_struct_ref_seq.align_id 
_struct_ref_seq.ref_id 
_struct_ref_seq.pdbx_PDB_id_code 
_struct_ref_seq.pdbx_strand_id 
_struct_ref_seq.seq_align_beg 
_struct_ref_seq.pdbx_seq_align_beg_ins_code 
_struct_ref_seq.seq_align_end 
_struct_ref_seq.pdbx_seq_align_end_ins_code 
_struct_ref_seq.pdbx_db_accession 
_struct_ref_seq.db_align_beg 
_struct_ref_seq.pdbx_db_align_beg_ins_code 
_struct_ref_seq.db_align_end 
_struct_ref_seq.pdbx_db_align_end_ins_code 
_struct_ref_seq.pdbx_auth_seq_align_beg 
_struct_ref_seq.pdbx_auth_seq_align_end 
1 1 5JQF A 1 ? 21 ? 5JQF 1 ? 21 ? 1 21 
2 1 5JQF B 1 ? 21 ? 5JQF 1 ? 21 ? 1 21 
# 
loop_
_pdbx_struct_assembly.id 
_pdbx_struct_assembly.details 
_pdbx_struct_assembly.method_details 
_pdbx_struct_assembly.oligomeric_details 
_pdbx_struct_assembly.oligomeric_count 
1 author_defined_assembly ? monomeric 1 
2 author_defined_assembly ? monomeric 1 
# 
loop_
_pdbx_struct_assembly_gen.assembly_id 
_pdbx_struct_assembly_gen.oper_expression 
_pdbx_struct_assembly_gen.asym_id_list 
1 1 A,C 
2 1 B,D 
# 
_pdbx_struct_oper_list.id                   1 
_pdbx_struct_oper_list.type                 'identity operation' 
_pdbx_struct_oper_list.name                 1_555 
_pdbx_struct_oper_list.symmetry_operation   x,y,z 
_pdbx_struct_oper_list.matrix[1][1]         1.0000000000 
_pdbx_struct_oper_list.matrix[1][2]         0.0000000000 
_pdbx_struct_oper_list.matrix[1][3]         0.0000000000 
_pdbx_struct_oper_list.vector[1]            0.0000000000 
_pdbx_struct_oper_list.matrix[2][1]         0.0000000000 
_pdbx_struct_oper_list.matrix[2][2]         1.0000000000 
_pdbx_struct_oper_list.matrix[2][3]         0.0000000000 
_pdbx_struct_oper_list.vector[2]            0.0000000000 
_pdbx_struct_oper_list.matrix[3][1]         0.0000000000 
_pdbx_struct_oper_list.matrix[3][2]         0.0000000000 
_pdbx_struct_oper_list.matrix[3][3]         1.0000000000 
_pdbx_struct_oper_list.vector[3]            0.0000000000 
# 
loop_
_struct_conn.id 
_struct_conn.conn_type_id 
_struct_conn.pdbx_leaving_atom_flag 
_struct_conn.pdbx_PDB_id 
_struct_conn.ptnr1_label_asym_id 
_struct_conn.ptnr1_label_comp_id 
_struct_conn.ptnr1_label_seq_id 
_struct_conn.ptnr1_label_atom_id 
_struct_conn.pdbx_ptnr1_label_alt_id 
_struct_conn.pdbx_ptnr1_PDB_ins_code 
_struct_conn.pdbx_ptnr1_standard_comp_id 
_struct_conn.ptnr1_symmetry 
_struct_conn.ptnr2_label_asym_id 
_struct_conn.ptnr2_label_comp_id 
_struct_conn.ptnr2_label_seq_id 
_struct_conn.ptnr2_label_atom_id 
_struct_conn.pdbx_ptnr2_label_alt_id 
_struct_conn.pdbx_ptnr2_PDB_ins_code 
_struct_conn.ptnr1_auth_asym_id 
_struct_conn.ptnr1_auth_comp_id 
_struct_conn.ptnr1_auth_seq_id 
_struct_conn.ptnr2_auth_asym_id 
_struct_conn.ptnr2_auth_comp_id 
_struct_conn.ptnr2_auth_seq_id 
_struct_conn.ptnr2_symmetry 
_struct_conn.pdbx_ptnr3_label_atom_id 
_struct_conn.pdbx_ptnr3_label_seq_id 
_struct_conn.pdbx_ptnr3_label_comp_id 
_struct_conn.pdbx_ptnr3_label_asym_id 
_struct_conn.pdbx_ptnr3_label_alt_id 
_struct_conn.pdbx_ptnr3_PDB_ins_code 
_struct_conn.details 
_struct_conn.pdbx_dist_value 
_struct_conn.pdbx_value_order 
_struct_conn.pdbx_role 
covale1 covale one ? A GLY 1 N ? ? ? 1_555 A ASP 9 CG ? ? A GLY 1 A ASP 9 1_555 ? ? ? ? ? ? ? 1.310 ? ? 
covale2 covale one ? B GLY 1 N ? ? ? 1_555 B ASP 9 CG ? ? B GLY 1 B ASP 9 1_555 ? ? ? ? ? ? ? 1.299 ? ? 
# 
_struct_conn_type.id          covale 
_struct_conn_type.criteria    ? 
_struct_conn_type.reference   ? 
# 
loop_
_pdbx_modification_feature.ordinal 
_pdbx_modification_feature.label_comp_id 
_pdbx_modification_feature.label_asym_id 
_pdbx_modification_feature.label_seq_id 
_pdbx_modification_feature.label_alt_id 
_pdbx_modification_feature.modified_residue_label_comp_id 
_pdbx_modification_feature.modified_residue_label_asym_id 
_pdbx_modification_feature.modified_residue_label_seq_id 
_pdbx_modification_feature.modified_residue_label_alt_id 
_pdbx_modification_feature.auth_comp_id 
_pdbx_modification_feature.auth_asym_id 
_pdbx_modification_feature.auth_seq_id 
_pdbx_modification_feature.PDB_ins_code 
_pdbx_modification_feature.symmetry 
_pdbx_modification_feature.modified_residue_auth_comp_id 
_pdbx_modification_feature.modified_residue_auth_asym_id 
_pdbx_modification_feature.modified_residue_auth_seq_id 
_pdbx_modification_feature.modified_residue_PDB_ins_code 
_pdbx_modification_feature.modified_residue_symmetry 
_pdbx_modification_feature.comp_id_linking_atom 
_pdbx_modification_feature.modified_residue_id_linking_atom 
_pdbx_modification_feature.modified_residue_id 
_pdbx_modification_feature.ref_pcm_id 
_pdbx_modification_feature.ref_comp_id 
_pdbx_modification_feature.type 
_pdbx_modification_feature.category 
1 GLY A 1 ? ASP A 9 ? GLY A 1 ? 1_555 ASP A 9 ? 1_555 N CG . . . None 'Isopeptide bond' 
2 GLY B 1 ? ASP B 9 ? GLY B 1 ? 1_555 ASP B 9 ? 1_555 N CG . . . None 'Isopeptide bond' 
# 
_struct_sheet.id               AA1 
_struct_sheet.type             ? 
_struct_sheet.number_strands   2 
_struct_sheet.details          ? 
# 
_struct_sheet_order.sheet_id     AA1 
_struct_sheet_order.range_id_1   1 
_struct_sheet_order.range_id_2   2 
_struct_sheet_order.offset       ? 
_struct_sheet_order.sense        anti-parallel 
# 
loop_
_struct_sheet_range.sheet_id 
_struct_sheet_range.id 
_struct_sheet_range.beg_label_comp_id 
_struct_sheet_range.beg_label_asym_id 
_struct_sheet_range.beg_label_seq_id 
_struct_sheet_range.pdbx_beg_PDB_ins_code 
_struct_sheet_range.end_label_comp_id 
_struct_sheet_range.end_label_asym_id 
_struct_sheet_range.end_label_seq_id 
_struct_sheet_range.pdbx_end_PDB_ins_code 
_struct_sheet_range.beg_auth_comp_id 
_struct_sheet_range.beg_auth_asym_id 
_struct_sheet_range.beg_auth_seq_id 
_struct_sheet_range.end_auth_comp_id 
_struct_sheet_range.end_auth_asym_id 
_struct_sheet_range.end_auth_seq_id 
AA1 1 PHE A 18 ? GLY A 20 ? PHE A 18 GLY A 20 
AA1 2 PHE B 18 ? GLY B 20 ? PHE B 18 GLY B 20 
# 
_pdbx_struct_sheet_hbond.sheet_id                AA1 
_pdbx_struct_sheet_hbond.range_id_1              1 
_pdbx_struct_sheet_hbond.range_id_2              2 
_pdbx_struct_sheet_hbond.range_1_label_atom_id   N 
_pdbx_struct_sheet_hbond.range_1_label_comp_id   GLY 
_pdbx_struct_sheet_hbond.range_1_label_asym_id   A 
_pdbx_struct_sheet_hbond.range_1_label_seq_id    20 
_pdbx_struct_sheet_hbond.range_1_PDB_ins_code    ? 
_pdbx_struct_sheet_hbond.range_1_auth_atom_id    N 
_pdbx_struct_sheet_hbond.range_1_auth_comp_id    GLY 
_pdbx_struct_sheet_hbond.range_1_auth_asym_id    A 
_pdbx_struct_sheet_hbond.range_1_auth_seq_id     20 
_pdbx_struct_sheet_hbond.range_2_label_atom_id   O 
_pdbx_struct_sheet_hbond.range_2_label_comp_id   PHE 
_pdbx_struct_sheet_hbond.range_2_label_asym_id   B 
_pdbx_struct_sheet_hbond.range_2_label_seq_id    18 
_pdbx_struct_sheet_hbond.range_2_PDB_ins_code    ? 
_pdbx_struct_sheet_hbond.range_2_auth_atom_id    O 
_pdbx_struct_sheet_hbond.range_2_auth_comp_id    PHE 
_pdbx_struct_sheet_hbond.range_2_auth_asym_id    B 
_pdbx_struct_sheet_hbond.range_2_auth_seq_id     18 
# 
_pdbx_entry_details.entry_id                   5JQF 
_pdbx_entry_details.compound_details           ? 
_pdbx_entry_details.source_details             ? 
_pdbx_entry_details.nonpolymer_details         ? 
_pdbx_entry_details.sequence_details           ? 
_pdbx_entry_details.has_ligand_of_interest     ? 
_pdbx_entry_details.has_protein_modification   Y 
# 
loop_
_pdbx_validate_torsion.id 
_pdbx_validate_torsion.PDB_model_num 
_pdbx_validate_torsion.auth_comp_id 
_pdbx_validate_torsion.auth_asym_id 
_pdbx_validate_torsion.auth_seq_id 
_pdbx_validate_torsion.PDB_ins_code 
_pdbx_validate_torsion.label_alt_id 
_pdbx_validate_torsion.phi 
_pdbx_validate_torsion.psi 
1 1 GLU A 14 ? ? -124.31 -120.62 
2 1 GLU B 14 ? ? -110.15 -119.72 
# 
loop_
_chem_comp_atom.comp_id 
_chem_comp_atom.atom_id 
_chem_comp_atom.type_symbol 
_chem_comp_atom.pdbx_aromatic_flag 
_chem_comp_atom.pdbx_stereo_config 
_chem_comp_atom.pdbx_ordinal 
ALA N    N N N 1   
ALA CA   C N S 2   
ALA C    C N N 3   
ALA O    O N N 4   
ALA CB   C N N 5   
ALA OXT  O N N 6   
ALA H    H N N 7   
ALA H2   H N N 8   
ALA HA   H N N 9   
ALA HB1  H N N 10  
ALA HB2  H N N 11  
ALA HB3  H N N 12  
ALA HXT  H N N 13  
ASP N    N N N 14  
ASP CA   C N S 15  
ASP C    C N N 16  
ASP O    O N N 17  
ASP CB   C N N 18  
ASP CG   C N N 19  
ASP OD1  O N N 20  
ASP OD2  O N N 21  
ASP OXT  O N N 22  
ASP H    H N N 23  
ASP H2   H N N 24  
ASP HA   H N N 25  
ASP HB2  H N N 26  
ASP HB3  H N N 27  
ASP HD2  H N N 28  
ASP HXT  H N N 29  
GLN N    N N N 30  
GLN CA   C N S 31  
GLN C    C N N 32  
GLN O    O N N 33  
GLN CB   C N N 34  
GLN CG   C N N 35  
GLN CD   C N N 36  
GLN OE1  O N N 37  
GLN NE2  N N N 38  
GLN OXT  O N N 39  
GLN H    H N N 40  
GLN H2   H N N 41  
GLN HA   H N N 42  
GLN HB2  H N N 43  
GLN HB3  H N N 44  
GLN HG2  H N N 45  
GLN HG3  H N N 46  
GLN HE21 H N N 47  
GLN HE22 H N N 48  
GLN HXT  H N N 49  
GLU N    N N N 50  
GLU CA   C N S 51  
GLU C    C N N 52  
GLU O    O N N 53  
GLU CB   C N N 54  
GLU CG   C N N 55  
GLU CD   C N N 56  
GLU OE1  O N N 57  
GLU OE2  O N N 58  
GLU OXT  O N N 59  
GLU H    H N N 60  
GLU H2   H N N 61  
GLU HA   H N N 62  
GLU HB2  H N N 63  
GLU HB3  H N N 64  
GLU HG2  H N N 65  
GLU HG3  H N N 66  
GLU HE2  H N N 67  
GLU HXT  H N N 68  
GLY N    N N N 69  
GLY CA   C N N 70  
GLY C    C N N 71  
GLY O    O N N 72  
GLY OXT  O N N 73  
GLY H    H N N 74  
GLY H2   H N N 75  
GLY HA2  H N N 76  
GLY HA3  H N N 77  
GLY HXT  H N N 78  
HIS N    N N N 79  
HIS CA   C N S 80  
HIS C    C N N 81  
HIS O    O N N 82  
HIS CB   C N N 83  
HIS CG   C Y N 84  
HIS ND1  N Y N 85  
HIS CD2  C Y N 86  
HIS CE1  C Y N 87  
HIS NE2  N Y N 88  
HIS OXT  O N N 89  
HIS H    H N N 90  
HIS H2   H N N 91  
HIS HA   H N N 92  
HIS HB2  H N N 93  
HIS HB3  H N N 94  
HIS HD1  H N N 95  
HIS HD2  H N N 96  
HIS HE1  H N N 97  
HIS HE2  H N N 98  
HIS HXT  H N N 99  
HOH O    O N N 100 
HOH H1   H N N 101 
HOH H2   H N N 102 
ILE N    N N N 103 
ILE CA   C N S 104 
ILE C    C N N 105 
ILE O    O N N 106 
ILE CB   C N S 107 
ILE CG1  C N N 108 
ILE CG2  C N N 109 
ILE CD1  C N N 110 
ILE OXT  O N N 111 
ILE H    H N N 112 
ILE H2   H N N 113 
ILE HA   H N N 114 
ILE HB   H N N 115 
ILE HG12 H N N 116 
ILE HG13 H N N 117 
ILE HG21 H N N 118 
ILE HG22 H N N 119 
ILE HG23 H N N 120 
ILE HD11 H N N 121 
ILE HD12 H N N 122 
ILE HD13 H N N 123 
ILE HXT  H N N 124 
LEU N    N N N 125 
LEU CA   C N S 126 
LEU C    C N N 127 
LEU O    O N N 128 
LEU CB   C N N 129 
LEU CG   C N N 130 
LEU CD1  C N N 131 
LEU CD2  C N N 132 
LEU OXT  O N N 133 
LEU H    H N N 134 
LEU H2   H N N 135 
LEU HA   H N N 136 
LEU HB2  H N N 137 
LEU HB3  H N N 138 
LEU HG   H N N 139 
LEU HD11 H N N 140 
LEU HD12 H N N 141 
LEU HD13 H N N 142 
LEU HD21 H N N 143 
LEU HD22 H N N 144 
LEU HD23 H N N 145 
LEU HXT  H N N 146 
PHE N    N N N 147 
PHE CA   C N S 148 
PHE C    C N N 149 
PHE O    O N N 150 
PHE CB   C N N 151 
PHE CG   C Y N 152 
PHE CD1  C Y N 153 
PHE CD2  C Y N 154 
PHE CE1  C Y N 155 
PHE CE2  C Y N 156 
PHE CZ   C Y N 157 
PHE OXT  O N N 158 
PHE H    H N N 159 
PHE H2   H N N 160 
PHE HA   H N N 161 
PHE HB2  H N N 162 
PHE HB3  H N N 163 
PHE HD1  H N N 164 
PHE HD2  H N N 165 
PHE HE1  H N N 166 
PHE HE2  H N N 167 
PHE HZ   H N N 168 
PHE HXT  H N N 169 
PRO N    N N N 170 
PRO CA   C N S 171 
PRO C    C N N 172 
PRO O    O N N 173 
PRO CB   C N N 174 
PRO CG   C N N 175 
PRO CD   C N N 176 
PRO OXT  O N N 177 
PRO H    H N N 178 
PRO HA   H N N 179 
PRO HB2  H N N 180 
PRO HB3  H N N 181 
PRO HG2  H N N 182 
PRO HG3  H N N 183 
PRO HD2  H N N 184 
PRO HD3  H N N 185 
PRO HXT  H N N 186 
TYR N    N N N 187 
TYR CA   C N S 188 
TYR C    C N N 189 
TYR O    O N N 190 
TYR CB   C N N 191 
TYR CG   C Y N 192 
TYR CD1  C Y N 193 
TYR CD2  C Y N 194 
TYR CE1  C Y N 195 
TYR CE2  C Y N 196 
TYR CZ   C Y N 197 
TYR OH   O N N 198 
TYR OXT  O N N 199 
TYR H    H N N 200 
TYR H2   H N N 201 
TYR HA   H N N 202 
TYR HB2  H N N 203 
TYR HB3  H N N 204 
TYR HD1  H N N 205 
TYR HD2  H N N 206 
TYR HE1  H N N 207 
TYR HE2  H N N 208 
TYR HH   H N N 209 
TYR HXT  H N N 210 
VAL N    N N N 211 
VAL CA   C N S 212 
VAL C    C N N 213 
VAL O    O N N 214 
VAL CB   C N N 215 
VAL CG1  C N N 216 
VAL CG2  C N N 217 
VAL OXT  O N N 218 
VAL H    H N N 219 
VAL H2   H N N 220 
VAL HA   H N N 221 
VAL HB   H N N 222 
VAL HG11 H N N 223 
VAL HG12 H N N 224 
VAL HG13 H N N 225 
VAL HG21 H N N 226 
VAL HG22 H N N 227 
VAL HG23 H N N 228 
VAL HXT  H N N 229 
# 
loop_
_chem_comp_bond.comp_id 
_chem_comp_bond.atom_id_1 
_chem_comp_bond.atom_id_2 
_chem_comp_bond.value_order 
_chem_comp_bond.pdbx_aromatic_flag 
_chem_comp_bond.pdbx_stereo_config 
_chem_comp_bond.pdbx_ordinal 
ALA N   CA   sing N N 1   
ALA N   H    sing N N 2   
ALA N   H2   sing N N 3   
ALA CA  C    sing N N 4   
ALA CA  CB   sing N N 5   
ALA CA  HA   sing N N 6   
ALA C   O    doub N N 7   
ALA C   OXT  sing N N 8   
ALA CB  HB1  sing N N 9   
ALA CB  HB2  sing N N 10  
ALA CB  HB3  sing N N 11  
ALA OXT HXT  sing N N 12  
ASP N   CA   sing N N 13  
ASP N   H    sing N N 14  
ASP N   H2   sing N N 15  
ASP CA  C    sing N N 16  
ASP CA  CB   sing N N 17  
ASP CA  HA   sing N N 18  
ASP C   O    doub N N 19  
ASP C   OXT  sing N N 20  
ASP CB  CG   sing N N 21  
ASP CB  HB2  sing N N 22  
ASP CB  HB3  sing N N 23  
ASP CG  OD1  doub N N 24  
ASP CG  OD2  sing N N 25  
ASP OD2 HD2  sing N N 26  
ASP OXT HXT  sing N N 27  
GLN N   CA   sing N N 28  
GLN N   H    sing N N 29  
GLN N   H2   sing N N 30  
GLN CA  C    sing N N 31  
GLN CA  CB   sing N N 32  
GLN CA  HA   sing N N 33  
GLN C   O    doub N N 34  
GLN C   OXT  sing N N 35  
GLN CB  CG   sing N N 36  
GLN CB  HB2  sing N N 37  
GLN CB  HB3  sing N N 38  
GLN CG  CD   sing N N 39  
GLN CG  HG2  sing N N 40  
GLN CG  HG3  sing N N 41  
GLN CD  OE1  doub N N 42  
GLN CD  NE2  sing N N 43  
GLN NE2 HE21 sing N N 44  
GLN NE2 HE22 sing N N 45  
GLN OXT HXT  sing N N 46  
GLU N   CA   sing N N 47  
GLU N   H    sing N N 48  
GLU N   H2   sing N N 49  
GLU CA  C    sing N N 50  
GLU CA  CB   sing N N 51  
GLU CA  HA   sing N N 52  
GLU C   O    doub N N 53  
GLU C   OXT  sing N N 54  
GLU CB  CG   sing N N 55  
GLU CB  HB2  sing N N 56  
GLU CB  HB3  sing N N 57  
GLU CG  CD   sing N N 58  
GLU CG  HG2  sing N N 59  
GLU CG  HG3  sing N N 60  
GLU CD  OE1  doub N N 61  
GLU CD  OE2  sing N N 62  
GLU OE2 HE2  sing N N 63  
GLU OXT HXT  sing N N 64  
GLY N   CA   sing N N 65  
GLY N   H    sing N N 66  
GLY N   H2   sing N N 67  
GLY CA  C    sing N N 68  
GLY CA  HA2  sing N N 69  
GLY CA  HA3  sing N N 70  
GLY C   O    doub N N 71  
GLY C   OXT  sing N N 72  
GLY OXT HXT  sing N N 73  
HIS N   CA   sing N N 74  
HIS N   H    sing N N 75  
HIS N   H2   sing N N 76  
HIS CA  C    sing N N 77  
HIS CA  CB   sing N N 78  
HIS CA  HA   sing N N 79  
HIS C   O    doub N N 80  
HIS C   OXT  sing N N 81  
HIS CB  CG   sing N N 82  
HIS CB  HB2  sing N N 83  
HIS CB  HB3  sing N N 84  
HIS CG  ND1  sing Y N 85  
HIS CG  CD2  doub Y N 86  
HIS ND1 CE1  doub Y N 87  
HIS ND1 HD1  sing N N 88  
HIS CD2 NE2  sing Y N 89  
HIS CD2 HD2  sing N N 90  
HIS CE1 NE2  sing Y N 91  
HIS CE1 HE1  sing N N 92  
HIS NE2 HE2  sing N N 93  
HIS OXT HXT  sing N N 94  
HOH O   H1   sing N N 95  
HOH O   H2   sing N N 96  
ILE N   CA   sing N N 97  
ILE N   H    sing N N 98  
ILE N   H2   sing N N 99  
ILE CA  C    sing N N 100 
ILE CA  CB   sing N N 101 
ILE CA  HA   sing N N 102 
ILE C   O    doub N N 103 
ILE C   OXT  sing N N 104 
ILE CB  CG1  sing N N 105 
ILE CB  CG2  sing N N 106 
ILE CB  HB   sing N N 107 
ILE CG1 CD1  sing N N 108 
ILE CG1 HG12 sing N N 109 
ILE CG1 HG13 sing N N 110 
ILE CG2 HG21 sing N N 111 
ILE CG2 HG22 sing N N 112 
ILE CG2 HG23 sing N N 113 
ILE CD1 HD11 sing N N 114 
ILE CD1 HD12 sing N N 115 
ILE CD1 HD13 sing N N 116 
ILE OXT HXT  sing N N 117 
LEU N   CA   sing N N 118 
LEU N   H    sing N N 119 
LEU N   H2   sing N N 120 
LEU CA  C    sing N N 121 
LEU CA  CB   sing N N 122 
LEU CA  HA   sing N N 123 
LEU C   O    doub N N 124 
LEU C   OXT  sing N N 125 
LEU CB  CG   sing N N 126 
LEU CB  HB2  sing N N 127 
LEU CB  HB3  sing N N 128 
LEU CG  CD1  sing N N 129 
LEU CG  CD2  sing N N 130 
LEU CG  HG   sing N N 131 
LEU CD1 HD11 sing N N 132 
LEU CD1 HD12 sing N N 133 
LEU CD1 HD13 sing N N 134 
LEU CD2 HD21 sing N N 135 
LEU CD2 HD22 sing N N 136 
LEU CD2 HD23 sing N N 137 
LEU OXT HXT  sing N N 138 
PHE N   CA   sing N N 139 
PHE N   H    sing N N 140 
PHE N   H2   sing N N 141 
PHE CA  C    sing N N 142 
PHE CA  CB   sing N N 143 
PHE CA  HA   sing N N 144 
PHE C   O    doub N N 145 
PHE C   OXT  sing N N 146 
PHE CB  CG   sing N N 147 
PHE CB  HB2  sing N N 148 
PHE CB  HB3  sing N N 149 
PHE CG  CD1  doub Y N 150 
PHE CG  CD2  sing Y N 151 
PHE CD1 CE1  sing Y N 152 
PHE CD1 HD1  sing N N 153 
PHE CD2 CE2  doub Y N 154 
PHE CD2 HD2  sing N N 155 
PHE CE1 CZ   doub Y N 156 
PHE CE1 HE1  sing N N 157 
PHE CE2 CZ   sing Y N 158 
PHE CE2 HE2  sing N N 159 
PHE CZ  HZ   sing N N 160 
PHE OXT HXT  sing N N 161 
PRO N   CA   sing N N 162 
PRO N   CD   sing N N 163 
PRO N   H    sing N N 164 
PRO CA  C    sing N N 165 
PRO CA  CB   sing N N 166 
PRO CA  HA   sing N N 167 
PRO C   O    doub N N 168 
PRO C   OXT  sing N N 169 
PRO CB  CG   sing N N 170 
PRO CB  HB2  sing N N 171 
PRO CB  HB3  sing N N 172 
PRO CG  CD   sing N N 173 
PRO CG  HG2  sing N N 174 
PRO CG  HG3  sing N N 175 
PRO CD  HD2  sing N N 176 
PRO CD  HD3  sing N N 177 
PRO OXT HXT  sing N N 178 
TYR N   CA   sing N N 179 
TYR N   H    sing N N 180 
TYR N   H2   sing N N 181 
TYR CA  C    sing N N 182 
TYR CA  CB   sing N N 183 
TYR CA  HA   sing N N 184 
TYR C   O    doub N N 185 
TYR C   OXT  sing N N 186 
TYR CB  CG   sing N N 187 
TYR CB  HB2  sing N N 188 
TYR CB  HB3  sing N N 189 
TYR CG  CD1  doub Y N 190 
TYR CG  CD2  sing Y N 191 
TYR CD1 CE1  sing Y N 192 
TYR CD1 HD1  sing N N 193 
TYR CD2 CE2  doub Y N 194 
TYR CD2 HD2  sing N N 195 
TYR CE1 CZ   doub Y N 196 
TYR CE1 HE1  sing N N 197 
TYR CE2 CZ   sing Y N 198 
TYR CE2 HE2  sing N N 199 
TYR CZ  OH   sing N N 200 
TYR OH  HH   sing N N 201 
TYR OXT HXT  sing N N 202 
VAL N   CA   sing N N 203 
VAL N   H    sing N N 204 
VAL N   H2   sing N N 205 
VAL CA  C    sing N N 206 
VAL CA  CB   sing N N 207 
VAL CA  HA   sing N N 208 
VAL C   O    doub N N 209 
VAL C   OXT  sing N N 210 
VAL CB  CG1  sing N N 211 
VAL CB  CG2  sing N N 212 
VAL CB  HB   sing N N 213 
VAL CG1 HG11 sing N N 214 
VAL CG1 HG12 sing N N 215 
VAL CG1 HG13 sing N N 216 
VAL CG2 HG21 sing N N 217 
VAL CG2 HG22 sing N N 218 
VAL CG2 HG23 sing N N 219 
VAL OXT HXT  sing N N 220 
# 
loop_
_pdbx_audit_support.funding_organization 
_pdbx_audit_support.country 
_pdbx_audit_support.grant_number 
_pdbx_audit_support.ordinal 
'German Research Foundation'                    Germany ? 1 
'LOEWE-Zentrum fuer Synthetische Mikrobiologie' Germany ? 2 
# 
_atom_sites.entry_id                    5JQF 
_atom_sites.fract_transf_matrix[1][1]   0.01816960 
_atom_sites.fract_transf_matrix[1][2]   -0.01577496 
_atom_sites.fract_transf_matrix[1][3]   -0.01693879 
_atom_sites.fract_transf_matrix[2][1]   -0.00765282 
_atom_sites.fract_transf_matrix[2][2]   -0.02710503 
_atom_sites.fract_transf_matrix[2][3]   -0.00852642 
_atom_sites.fract_transf_matrix[3][1]   -0.01378153 
_atom_sites.fract_transf_matrix[3][2]   0.01208033 
_atom_sites.fract_transf_matrix[3][3]   -0.02603324 
_atom_sites.fract_transf_vector[1]      0.360601 
_atom_sites.fract_transf_vector[2]      0.090211 
_atom_sites.fract_transf_vector[3]      -0.053499 
# 
loop_
_atom_type.symbol 
C 
H 
N 
O 
# 
loop_
_atom_site.group_PDB 
_atom_site.id 
_atom_site.type_symbol 
_atom_site.label_atom_id 
_atom_site.label_alt_id 
_atom_site.label_comp_id 
_atom_site.label_asym_id 
_atom_site.label_entity_id 
_atom_site.label_seq_id 
_atom_site.pdbx_PDB_ins_code 
_atom_site.Cartn_x 
_atom_site.Cartn_y 
_atom_site.Cartn_z 
_atom_site.occupancy 
_atom_site.B_iso_or_equiv 
_atom_site.pdbx_formal_charge 
_atom_site.auth_seq_id 
_atom_site.auth_comp_id 
_atom_site.auth_asym_id 
_atom_site.auth_atom_id 
_atom_site.pdbx_PDB_model_num 
ATOM   1   N N    . GLY A 1 1  ? 5.074   3.841   2.303   1.00 5.71  ? 1   GLY A N    1 
ATOM   2   C CA   . GLY A 1 1  ? 4.943   3.504   3.721   1.00 6.20  ? 1   GLY A CA   1 
ATOM   3   C C    . GLY A 1 1  ? 6.259   3.162   4.402   1.00 5.69  ? 1   GLY A C    1 
ATOM   4   O O    . GLY A 1 1  ? 7.172   2.615   3.795   1.00 5.43  ? 1   GLY A O    1 
ATOM   5   H H2   . GLY A 1 1  ? 5.136   4.818   2.231   1.00 5.70  ? 1   GLY A H2   1 
ATOM   6   H HA2  . GLY A 1 1  ? 4.601   4.300   4.174   1.00 5.90  ? 1   GLY A HA2  1 
ATOM   7   H HA3  . GLY A 1 1  ? 4.358   2.792   3.857   1.00 6.32  ? 1   GLY A HA3  1 
ATOM   8   N N    . ILE A 1 2  ? 6.313   3.538   5.695   1.00 6.68  ? 2   ILE A N    1 
ATOM   9   C CA   . ILE A 1 2  ? 7.521   3.394   6.496   1.00 6.61  ? 2   ILE A CA   1 
ATOM   10  C C    . ILE A 1 2  ? 7.413   2.339   7.608   1.00 6.51  ? 2   ILE A C    1 
ATOM   11  O O    . ILE A 1 2  ? 8.380   2.138   8.349   1.00 7.38  ? 2   ILE A O    1 
ATOM   12  C CB   . ILE A 1 2  ? 7.982   4.739   7.122   1.00 8.62  ? 2   ILE A CB   1 
ATOM   13  C CG1  . ILE A 1 2  ? 7.013   5.273   8.191   1.00 11.39 ? 2   ILE A CG1  1 
ATOM   14  C CG2  . ILE A 1 2  ? 8.239   5.731   6.018   1.00 9.83  ? 2   ILE A CG2  1 
ATOM   15  C CD1  . ILE A 1 2  ? 7.608   6.360   9.060   1.00 12.86 ? 2   ILE A CD1  1 
ATOM   16  H H    . ILE A 1 2  ? 5.558   3.986   6.202   1.00 6.34  ? 2   ILE A H    1 
ATOM   17  H HA   . ILE A 1 2  ? 8.254   3.098   5.918   1.00 6.58  ? 2   ILE A HA   1 
ATOM   18  H HB   . ILE A 1 2  ? 8.833   4.577   7.587   1.00 8.78  ? 2   ILE A HB   1 
ATOM   19  H HG12 . ILE A 1 2  ? 6.275   5.685   7.727   1.00 11.24 ? 2   ILE A HG12 1 
ATOM   20  H HG13 . ILE A 1 2  ? 6.690   4.570   8.773   1.00 11.02 ? 2   ILE A HG13 1 
ATOM   21  H HG21 . ILE A 1 2  ? 8.996   5.388   5.539   1.00 9.55  ? 2   ILE A HG21 1 
ATOM   22  H HG22 . ILE A 1 2  ? 8.424   6.572   6.404   1.00 9.77  ? 2   ILE A HG22 1 
ATOM   23  H HG23 . ILE A 1 2  ? 7.505   5.743   5.410   1.00 9.67  ? 2   ILE A HG23 1 
ATOM   24  H HD11 . ILE A 1 2  ? 8.104   5.947   9.775   1.00 12.62 ? 2   ILE A HD11 1 
ATOM   25  H HD12 . ILE A 1 2  ? 6.891   6.886   9.424   1.00 12.09 ? 2   ILE A HD12 1 
ATOM   26  H HD13 . ILE A 1 2  ? 8.195   6.913   8.540   1.00 13.07 ? 2   ILE A HD13 1 
ATOM   27  N N    . GLU A 1 3  ? 6.246   1.718   7.763   1.00 6.40  ? 3   GLU A N    1 
ATOM   28  C CA   . GLU A 1 3  ? 6.039   0.730   8.828   1.00 6.38  ? 3   GLU A CA   1 
ATOM   29  C C    . GLU A 1 3  ? 6.774   -0.560  8.503   1.00 5.51  ? 3   GLU A C    1 
ATOM   30  O O    . GLU A 1 3  ? 6.983   -0.887  7.338   1.00 5.60  ? 3   GLU A O    1 
ATOM   31  C CB   . GLU A 1 3  ? 4.550   0.394   8.987   1.00 7.11  ? 3   GLU A CB   1 
ATOM   32  C CG   . GLU A 1 3  ? 3.691   1.520   9.470   1.00 8.30  ? 3   GLU A CG   1 
ATOM   33  C CD   . GLU A 1 3  ? 3.730   1.715   10.983  1.00 7.91  ? 3   GLU A CD   1 
ATOM   34  O OE1  . GLU A 1 3  ? 4.440   1.006   11.701  1.00 9.56  ? 3   GLU A OE1  1 
ATOM   35  O OE2  . GLU A 1 3  ? 2.929   2.592   11.428  1.00 10.87 ? 3   GLU A OE2  1 
ATOM   36  H H    . GLU A 1 3  ? 5.483   1.849   7.130   1.00 6.43  ? 3   GLU A H    1 
ATOM   37  H HA   . GLU A 1 3  ? 6.381   1.118   9.655   1.00 6.20  ? 3   GLU A HA   1 
ATOM   38  H HB2  . GLU A 1 3  ? 4.207   0.160   8.143   1.00 6.78  ? 3   GLU A HB2  1 
ATOM   39  H HB3  . GLU A 1 3  ? 4.504   -0.318  9.616   1.00 7.23  ? 3   GLU A HB3  1 
ATOM   40  H HG2  . GLU A 1 3  ? 4.115   2.296   9.096   1.00 8.00  ? 3   GLU A HG2  1 
ATOM   41  H HG3  . GLU A 1 3  ? 2.772   1.447   9.175   1.00 7.96  ? 3   GLU A HG3  1 
ATOM   42  N N    . PRO A 1 4  ? 7.106   -1.354  9.534   1.00 5.77  ? 4   PRO A N    1 
ATOM   43  C CA   . PRO A 1 4  ? 7.844   -2.601  9.293   1.00 5.85  ? 4   PRO A CA   1 
ATOM   44  C C    . PRO A 1 4  ? 6.997   -3.769  8.822   1.00 6.72  ? 4   PRO A C    1 
ATOM   45  O O    . PRO A 1 4  ? 7.556   -4.788  8.425   1.00 8.51  ? 4   PRO A O    1 
ATOM   46  C CB   . PRO A 1 4  ? 8.499   -2.893  10.653  1.00 6.86  ? 4   PRO A CB   1 
ATOM   47  C CG   . PRO A 1 4  ? 7.567   -2.270  11.627  1.00 7.46  ? 4   PRO A CG   1 
ATOM   48  C CD   . PRO A 1 4  ? 7.134   -0.995  10.958  1.00 6.98  ? 4   PRO A CD   1 
ATOM   49  H HA   . PRO A 1 4  ? 8.555   -2.464  8.638   1.00 6.02  ? 4   PRO A HA   1 
ATOM   50  H HB2  . PRO A 1 4  ? 8.580   -3.840  10.805  1.00 6.79  ? 4   PRO A HB2  1 
ATOM   51  H HB3  . PRO A 1 4  ? 9.366   -2.452  10.692  1.00 6.62  ? 4   PRO A HB3  1 
ATOM   52  H HG2  . PRO A 1 4  ? 6.809   -2.866  11.782  1.00 7.02  ? 4   PRO A HG2  1 
ATOM   53  H HG3  . PRO A 1 4  ? 8.032   -2.075  12.453  1.00 7.25  ? 4   PRO A HG3  1 
ATOM   54  H HD2  . PRO A 1 4  ? 6.220   -0.769  11.248  1.00 6.95  ? 4   PRO A HD2  1 
ATOM   55  H HD3  . PRO A 1 4  ? 7.740   -0.280  11.120  1.00 6.77  ? 4   PRO A HD3  1 
ATOM   56  N N    . LEU A 1 5  ? 5.674   -3.673  8.900   1.00 7.46  ? 5   LEU A N    1 
ATOM   57  C CA   A LEU A 1 5  ? 4.746   -4.736  8.450   0.50 8.72  ? 5   LEU A CA   1 
ATOM   58  C CA   B LEU A 1 5  ? 4.813   -4.723  8.325   0.50 8.81  ? 5   LEU A CA   1 
ATOM   59  C C    . LEU A 1 5  ? 3.522   -4.048  7.844   1.00 8.22  ? 5   LEU A C    1 
ATOM   60  O O    . LEU A 1 5  ? 3.179   -2.913  8.228   1.00 9.29  ? 5   LEU A O    1 
ATOM   61  C CB   A LEU A 1 5  ? 4.331   -5.682  9.554   0.50 10.50 ? 5   LEU A CB   1 
ATOM   62  C CB   B LEU A 1 5  ? 4.600   -5.937  9.240   0.50 9.79  ? 5   LEU A CB   1 
ATOM   63  C CG   A LEU A 1 5  ? 3.252   -5.254  10.487  0.50 12.40 ? 5   LEU A CG   1 
ATOM   64  C CG   B LEU A 1 5  ? 4.390   -5.735  10.752  0.50 10.66 ? 5   LEU A CG   1 
ATOM   65  C CD1  A LEU A 1 5  ? 2.983   -6.469  11.329  0.50 12.67 ? 5   LEU A CD1  1 
ATOM   66  C CD1  B LEU A 1 5  ? 3.207   -4.805  11.033  0.50 11.72 ? 5   LEU A CD1  1 
ATOM   67  C CD2  A LEU A 1 5  ? 3.746   -4.098  11.324  0.50 12.67 ? 5   LEU A CD2  1 
ATOM   68  C CD2  B LEU A 1 5  ? 4.214   -7.076  11.439  0.50 11.55 ? 5   LEU A CD2  1 
ATOM   69  H H    . LEU A 1 5  ? 5.171   -2.890  9.296   1.00 7.90  ? 5   LEU A H    1 
ATOM   70  H HA   A LEU A 1 5  ? 5.170   -5.306  7.785   0.50 9.27  ? 5   LEU A HA   1 
ATOM   71  H HA   B LEU A 1 5  ? 5.246   -5.104  7.525   0.50 8.96  ? 5   LEU A HA   1 
ATOM   72  H HB2  A LEU A 1 5  ? 4.034   -6.509  9.141   0.50 10.47 ? 5   LEU A HB2  1 
ATOM   73  H HB2  B LEU A 1 5  ? 3.797   -6.383  8.927   0.50 9.69  ? 5   LEU A HB2  1 
ATOM   74  H HB3  A LEU A 1 5  ? 5.114   -5.867  10.097  0.50 10.70 ? 5   LEU A HB3  1 
ATOM   75  H HB3  B LEU A 1 5  ? 5.337   -6.547  9.109   0.50 10.19 ? 5   LEU A HB3  1 
ATOM   76  H HG   A LEU A 1 5  ? 2.455   -4.987  10.012  0.50 11.99 ? 5   LEU A HG   1 
ATOM   77  H HG   B LEU A 1 5  ? 5.185   -5.316  11.134  0.50 10.59 ? 5   LEU A HG   1 
ATOM   78  H HD11 A LEU A 1 5  ? 2.870   -7.233  10.748  0.50 12.69 ? 5   LEU A HD11 1 
ATOM   79  H HD11 B LEU A 1 5  ? 3.385   -3.934  10.680  0.50 11.44 ? 5   LEU A HD11 1 
ATOM   80  H HD12 A LEU A 1 5  ? 2.177   -6.319  11.840  0.50 12.56 ? 5   LEU A HD12 1 
ATOM   81  H HD12 B LEU A 1 5  ? 3.076   -4.751  11.983  0.50 11.32 ? 5   LEU A HD12 1 
ATOM   82  H HD13 A LEU A 1 5  ? 3.731   -6.610  11.923  0.50 12.65 ? 5   LEU A HD13 1 
ATOM   83  H HD13 B LEU A 1 5  ? 2.421   -5.169  10.617  0.50 11.36 ? 5   LEU A HD13 1 
ATOM   84  H HD21 A LEU A 1 5  ? 4.705   -4.151  11.394  0.50 12.72 ? 5   LEU A HD21 1 
ATOM   85  H HD21 B LEU A 1 5  ? 3.443   -7.516  11.073  0.50 11.90 ? 5   LEU A HD21 1 
ATOM   86  H HD22 A LEU A 1 5  ? 3.347   -4.156  12.200  0.50 12.37 ? 5   LEU A HD22 1 
ATOM   87  H HD22 B LEU A 1 5  ? 4.092   -6.932  12.380  0.50 11.28 ? 5   LEU A HD22 1 
ATOM   88  H HD23 A LEU A 1 5  ? 3.489   -3.272  10.899  0.50 12.97 ? 5   LEU A HD23 1 
ATOM   89  H HD23 B LEU A 1 5  ? 4.998   -7.609  11.289  0.50 11.63 ? 5   LEU A HD23 1 
ATOM   90  N N    . GLY A 1 6  ? 2.854   -4.740  6.952   1.00 8.24  ? 6   GLY A N    1 
ATOM   91  C CA   . GLY A 1 6  ? 1.639   -4.247  6.331   1.00 7.82  ? 6   GLY A CA   1 
ATOM   92  C C    . GLY A 1 6  ? 1.731   -4.395  4.834   1.00 6.90  ? 6   GLY A C    1 
ATOM   93  O O    . GLY A 1 6  ? 2.711   -4.904  4.281   1.00 7.47  ? 6   GLY A O    1 
ATOM   94  H H    . GLY A 1 6  ? 3.189   -5.616  6.607   1.00 8.77  ? 6   GLY A H    1 
ATOM   95  H HA2  . GLY A 1 6  ? 0.891   -4.747  6.650   1.00 6.33  ? 6   GLY A HA2  1 
ATOM   96  H HA3  . GLY A 1 6  ? 1.441   -3.341  6.565   1.00 7.99  ? 6   GLY A HA3  1 
ATOM   97  N N    . PRO A 1 7  ? 0.723   -3.924  4.111   1.00 6.93  ? 7   PRO A N    1 
ATOM   98  C CA   . PRO A 1 7  ? 0.796   -3.902  2.659   1.00 6.24  ? 7   PRO A CA   1 
ATOM   99  C C    . PRO A 1 7  ? 2.037   -3.118  2.230   1.00 5.63  ? 7   PRO A C    1 
ATOM   100 O O    . PRO A 1 7  ? 2.311   -2.059  2.796   1.00 6.45  ? 7   PRO A O    1 
ATOM   101 C CB   . PRO A 1 7  ? -0.518  -3.183  2.269   1.00 7.21  ? 7   PRO A CB   1 
ATOM   102 C CG   . PRO A 1 7  ? -1.435  -3.467  3.432   1.00 9.50  ? 7   PRO A CG   1 
ATOM   103 C CD   . PRO A 1 7  ? -0.535  -3.339  4.615   1.00 8.34  ? 7   PRO A CD   1 
ATOM   104 H HA   . PRO A 1 7  ? 0.784   -4.801  2.280   1.00 6.31  ? 7   PRO A HA   1 
ATOM   105 H HB2  . PRO A 1 7  ? -0.379  -2.225  2.178   1.00 7.29  ? 7   PRO A HB2  1 
ATOM   106 H HB3  . PRO A 1 7  ? -0.882  -3.534  1.447   1.00 6.81  ? 7   PRO A HB3  1 
ATOM   107 H HG2  . PRO A 1 7  ? -2.170  -2.819  3.484   1.00 9.18  ? 7   PRO A HG2  1 
ATOM   108 H HG3  . PRO A 1 7  ? -1.818  -4.360  3.365   1.00 8.99  ? 7   PRO A HG3  1 
ATOM   109 H HD2  . PRO A 1 7  ? -0.437  -2.419  4.870   1.00 8.31  ? 7   PRO A HD2  1 
ATOM   110 H HD3  . PRO A 1 7  ? -0.898  -3.877  5.354   1.00 8.50  ? 7   PRO A HD3  1 
ATOM   111 N N    . VAL A 1 8  ? 2.785   -3.606  1.248   1.00 5.31  ? 8   VAL A N    1 
ATOM   112 C CA   . VAL A 1 8  ? 4.053   -2.980  0.914   1.00 5.26  ? 8   VAL A CA   1 
ATOM   113 C C    . VAL A 1 8  ? 3.852   -1.591  0.306   1.00 5.01  ? 8   VAL A C    1 
ATOM   114 O O    . VAL A 1 8  ? 2.933   -1.354  -0.507  1.00 5.91  ? 8   VAL A O    1 
ATOM   115 C CB   . VAL A 1 8  ? 4.854   -3.936  0.011   1.00 5.86  ? 8   VAL A CB   1 
ATOM   116 C CG1  . VAL A 1 8  ? 6.047   -3.233  -0.646  1.00 5.94  ? 8   VAL A CG1  1 
ATOM   117 C CG2  . VAL A 1 8  ? 5.337   -5.121  0.826   1.00 6.99  ? 8   VAL A CG2  1 
ATOM   118 H H    . VAL A 1 8  ? 2.510   -4.413  0.711   1.00 5.32  ? 8   VAL A H    1 
ATOM   119 H HA   . VAL A 1 8  ? 4.583   -2.873  1.722   1.00 5.26  ? 8   VAL A HA   1 
ATOM   120 H HB   . VAL A 1 8  ? 4.271   -4.253  -0.725  1.00 5.81  ? 8   VAL A HB   1 
ATOM   121 H HG11 . VAL A 1 8  ? 5.724   -2.640  -1.366  1.00 5.97  ? 8   VAL A HG11 1 
ATOM   122 H HG12 . VAL A 1 8  ? 6.637   -3.895  -1.025  1.00 5.87  ? 8   VAL A HG12 1 
ATOM   123 H HG13 . VAL A 1 8  ? 6.502   -2.703  -0.013  1.00 5.90  ? 8   VAL A HG13 1 
ATOM   124 H HG21 . VAL A 1 8  ? 6.011   -4.792  1.422   1.00 7.13  ? 8   VAL A HG21 1 
ATOM   125 H HG22 . VAL A 1 8  ? 5.708   -5.763  0.213   1.00 6.92  ? 8   VAL A HG22 1 
ATOM   126 H HG23 . VAL A 1 8  ? 4.599   -5.494  1.273   1.00 6.77  ? 8   VAL A HG23 1 
ATOM   127 N N    . ASP A 1 9  ? 4.738   -0.680  0.694   1.00 4.97  ? 9   ASP A N    1 
ATOM   128 C CA   . ASP A 1 9  ? 4.733   0.707   0.263   1.00 5.01  ? 9   ASP A CA   1 
ATOM   129 C C    . ASP A 1 9  ? 5.890   0.929   -0.702  1.00 4.66  ? 9   ASP A C    1 
ATOM   130 O O    . ASP A 1 9  ? 7.051   1.015   -0.287  1.00 5.41  ? 9   ASP A O    1 
ATOM   131 C CB   . ASP A 1 9  ? 4.851   1.543   1.524   1.00 5.18  ? 9   ASP A CB   1 
ATOM   132 C CG   . ASP A 1 9  ? 5.043   3.029   1.275   1.00 5.23  ? 9   ASP A CG   1 
ATOM   133 O OD1  . ASP A 1 9  ? 5.200   3.466   0.124   1.00 5.76  ? 9   ASP A OD1  1 
ATOM   134 H H    . ASP A 1 9  ? 5.439   -0.873  1.381   1.00 4.96  ? 9   ASP A H    1 
ATOM   135 H HA   . ASP A 1 9  ? 3.880   0.966   -0.150  1.00 4.88  ? 9   ASP A HA   1 
ATOM   136 H HB2  . ASP A 1 9  ? 4.028   1.441   2.070   1.00 5.24  ? 9   ASP A HB2  1 
ATOM   137 H HB3  . ASP A 1 9  ? 5.606   1.244   2.062   1.00 5.17  ? 9   ASP A HB3  1 
ATOM   138 N N    . GLU A 1 10 ? 5.569   0.972   -2.001  1.00 4.87  ? 10  GLU A N    1 
ATOM   139 C CA   . GLU A 1 10 ? 6.611   1.177   -3.014  1.00 5.19  ? 10  GLU A CA   1 
ATOM   140 C C    . GLU A 1 10 ? 7.332   2.512   -2.860  1.00 5.41  ? 10  GLU A C    1 
ATOM   141 O O    . GLU A 1 10 ? 8.487   2.613   -3.236  1.00 7.05  ? 10  GLU A O    1 
ATOM   142 C CB   . GLU A 1 10 ? 5.978   1.093   -4.434  1.00 5.83  ? 10  GLU A CB   1 
ATOM   143 C CG   . GLU A 1 10 ? 7.024   1.265   -5.523  1.00 6.62  ? 10  GLU A CG   1 
ATOM   144 C CD   . GLU A 1 10 ? 6.554   1.094   -6.943  1.00 6.53  ? 10  GLU A CD   1 
ATOM   145 O OE1  . GLU A 1 10 ? 5.401   0.649   -7.174  1.00 7.46  ? 10  GLU A OE1  1 
ATOM   146 O OE2  . GLU A 1 10 ? 7.401   1.377   -7.843  1.00 9.02  ? 10  GLU A OE2  1 
ATOM   147 H H    . GLU A 1 10 ? 4.620   0.857   -2.331  1.00 4.79  ? 10  GLU A H    1 
ATOM   148 H HA   . GLU A 1 10 ? 7.295   0.467   -2.899  1.00 5.06  ? 10  GLU A HA   1 
ATOM   149 H HB2  . GLU A 1 10 ? 5.597   0.220   -4.515  1.00 5.91  ? 10  GLU A HB2  1 
ATOM   150 H HB3  . GLU A 1 10 ? 5.312   1.765   -4.618  1.00 5.78  ? 10  GLU A HB3  1 
ATOM   151 H HG2  . GLU A 1 10 ? 7.348   2.161   -5.434  1.00 6.61  ? 10  GLU A HG2  1 
ATOM   152 H HG3  . GLU A 1 10 ? 7.732   0.629   -5.377  1.00 6.46  ? 10  GLU A HG3  1 
ATOM   153 N N    . ASP A 1 11 ? 6.621   3.511   -2.368  1.00 5.16  ? 11  ASP A N    1 
ATOM   154 C CA   . ASP A 1 11 ? 7.100   4.874   -2.380  1.00 5.74  ? 11  ASP A CA   1 
ATOM   155 C C    . ASP A 1 11 ? 8.126   5.202   -1.312  1.00 5.85  ? 11  ASP A C    1 
ATOM   156 O O    . ASP A 1 11 ? 9.020   6.006   -1.559  1.00 8.28  ? 11  ASP A O    1 
ATOM   157 C CB   . ASP A 1 11 ? 5.917   5.814   -2.338  1.00 6.40  ? 11  ASP A CB   1 
ATOM   158 C CG   . ASP A 1 11 ? 5.077   5.676   -3.592  1.00 6.61  ? 11  ASP A CG   1 
ATOM   159 O OD1  . ASP A 1 11 ? 5.616   5.218   -4.629  1.00 8.16  ? 11  ASP A OD1  1 
ATOM   160 O OD2  . ASP A 1 11 ? 3.888   6.000   -3.544  1.00 10.11 ? 11  ASP A OD2  1 
ATOM   161 H H    . ASP A 1 11 ? 5.678   3.386   -2.019  1.00 5.35  ? 11  ASP A H    1 
ATOM   162 H HA   . ASP A 1 11 ? 7.554   5.042   -3.242  1.00 5.74  ? 11  ASP A HA   1 
ATOM   163 H HB2  . ASP A 1 11 ? 5.356   5.553   -1.557  1.00 6.29  ? 11  ASP A HB2  1 
ATOM   164 H HB3  . ASP A 1 11 ? 6.209   6.718   -2.216  1.00 6.29  ? 11  ASP A HB3  1 
ATOM   165 N N    . GLN A 1 12 ? 8.034   4.588   -0.138  1.00 6.08  ? 12  GLN A N    1 
ATOM   166 C CA   . GLN A 1 12 ? 9.058   4.728   0.903   1.00 6.04  ? 12  GLN A CA   1 
ATOM   167 C C    . GLN A 1 12 ? 9.815   3.430   1.187   1.00 5.49  ? 12  GLN A C    1 
ATOM   168 O O    . GLN A 1 12 ? 10.770  3.424   1.988   1.00 6.47  ? 12  GLN A O    1 
ATOM   169 C CB   . GLN A 1 12 ? 8.497   5.330   2.199   1.00 7.23  ? 12  GLN A CB   1 
ATOM   170 C CG   . GLN A 1 12 ? 8.207   6.813   2.098   1.00 8.25  ? 12  GLN A CG   1 
ATOM   171 C CD   . GLN A 1 12 ? 6.940   7.176   1.353   1.00 7.99  ? 12  GLN A CD   1 
ATOM   172 O OE1  . GLN A 1 12 ? 5.893   6.578   1.571   1.00 9.64  ? 12  GLN A OE1  1 
ATOM   173 N NE2  . GLN A 1 12 ? 7.027   8.144   0.465   1.00 9.26  ? 12  GLN A NE2  1 
ATOM   174 H H    . GLN A 1 12 ? 7.249   4.026   0.107   1.00 5.72  ? 12  GLN A H    1 
ATOM   175 H HA   . GLN A 1 12 ? 9.757   5.338   0.585   1.00 6.05  ? 12  GLN A HA   1 
ATOM   176 H HB2  . GLN A 1 12 ? 7.701   4.884   2.405   1.00 7.33  ? 12  GLN A HB2  1 
ATOM   177 H HB3  . GLN A 1 12 ? 9.176   5.253   2.887   1.00 7.10  ? 12  GLN A HB3  1 
ATOM   178 H HG2  . GLN A 1 12 ? 8.140   7.192   2.977   1.00 8.07  ? 12  GLN A HG2  1 
ATOM   179 H HG3  . GLN A 1 12 ? 8.947   7.254   1.616   1.00 8.14  ? 12  GLN A HG3  1 
ATOM   180 H HE21 . GLN A 1 12 ? 6.429   8.175   -0.169  1.00 8.98  ? 12  GLN A HE21 1 
ATOM   181 H HE22 . GLN A 1 12 ? 7.624   8.762   0.510   1.00 9.10  ? 12  GLN A HE22 1 
ATOM   182 N N    . GLY A 1 13 ? 9.443   2.334   0.541   1.00 5.36  ? 13  GLY A N    1 
ATOM   183 C CA   . GLY A 1 13 ? 10.240  1.134   0.580   1.00 5.10  ? 13  GLY A CA   1 
ATOM   184 C C    . GLY A 1 13 ? 10.021  0.189   1.738   1.00 4.62  ? 13  GLY A C    1 
ATOM   185 O O    . GLY A 1 13 ? 10.752  -0.792  1.849   1.00 5.55  ? 13  GLY A O    1 
ATOM   186 H H    . GLY A 1 13 ? 8.625   2.245   -0.073  1.00 5.23  ? 13  GLY A H    1 
ATOM   187 H HA2  . GLY A 1 13 ? 10.034  0.621   -0.233  1.00 4.85  ? 13  GLY A HA2  1 
ATOM   188 H HA3  . GLY A 1 13 ? 11.177  1.353   0.552   1.00 5.05  ? 13  GLY A HA3  1 
ATOM   189 N N    . GLU A 1 14 ? 9.022   0.451   2.585   1.00 4.46  ? 14  GLU A N    1 
ATOM   190 C CA   . GLU A 1 14 ? 8.662   -0.456  3.664   1.00 4.14  ? 14  GLU A CA   1 
ATOM   191 C C    . GLU A 1 14 ? 7.177   -0.800  3.509   1.00 4.01  ? 14  GLU A C    1 
ATOM   192 O O    . GLU A 1 14 ? 6.823   -1.379  2.463   1.00 4.78  ? 14  GLU A O    1 
ATOM   193 C CB   . GLU A 1 14 ? 9.118   0.088   5.012   1.00 4.22  ? 14  GLU A CB   1 
ATOM   194 C CG   . GLU A 1 14 ? 10.595  -0.160  5.249   1.00 4.96  ? 14  GLU A CG   1 
ATOM   195 C CD   . GLU A 1 14 ? 10.905  -1.634  5.565   1.00 5.16  ? 14  GLU A CD   1 
ATOM   196 O OE1  . GLU A 1 14 ? 10.027  -2.494  5.591   1.00 7.12  ? 14  GLU A OE1  1 
ATOM   197 O OE2  . GLU A 1 14 ? 12.140  -1.913  5.746   1.00 6.40  ? 14  GLU A OE2  1 
ATOM   198 H H    . GLU A 1 14 ? 8.464   1.293   2.566   1.00 4.42  ? 14  GLU A H    1 
ATOM   199 H HA   . GLU A 1 14 ? 9.116   -1.311  3.508   1.00 4.29  ? 14  GLU A HA   1 
ATOM   200 H HB2  . GLU A 1 14 ? 8.899   1.029   5.031   1.00 4.41  ? 14  GLU A HB2  1 
ATOM   201 H HB3  . GLU A 1 14 ? 8.657   -0.344  5.730   1.00 4.43  ? 14  GLU A HB3  1 
ATOM   202 H HG2  . GLU A 1 14 ? 11.096  0.144   4.463   1.00 5.03  ? 14  GLU A HG2  1 
ATOM   203 H HG3  . GLU A 1 14 ? 10.860  0.357   6.021   1.00 4.73  ? 14  GLU A HG3  1 
ATOM   204 N N    . HIS A 1 15 ? 6.345   -0.513  4.489   1.00 4.34  ? 15  HIS A N    1 
ATOM   205 C CA   . HIS A 1 15 ? 4.963   -0.977  4.493   1.00 4.68  ? 15  HIS A CA   1 
ATOM   206 C C    . HIS A 1 15 ? 4.023   0.132   4.940   1.00 5.23  ? 15  HIS A C    1 
ATOM   207 O O    . HIS A 1 15 ? 4.392   0.970   5.761   1.00 5.74  ? 15  HIS A O    1 
ATOM   208 C CB   . HIS A 1 15 ? 4.766   -2.179  5.422   1.00 5.51  ? 15  HIS A CB   1 
ATOM   209 C CG   . HIS A 1 15 ? 5.731   -3.292  5.178   1.00 5.57  ? 15  HIS A CG   1 
ATOM   210 N ND1  . HIS A 1 15 ? 5.385   -4.471  4.553   1.00 6.90  ? 15  HIS A ND1  1 
ATOM   211 C CD2  . HIS A 1 15 ? 7.047   -3.396  5.482   1.00 5.55  ? 15  HIS A CD2  1 
ATOM   212 C CE1  . HIS A 1 15 ? 6.459   -5.247  4.475   1.00 7.33  ? 15  HIS A CE1  1 
ATOM   213 N NE2  . HIS A 1 15 ? 7.469   -4.615  5.041   1.00 7.05  ? 15  HIS A NE2  1 
ATOM   214 H H    . HIS A 1 15 ? 6.571   0.048   5.285   1.00 4.26  ? 15  HIS A H    1 
ATOM   215 H HA   . HIS A 1 15 ? 4.695   -1.280  3.604   1.00 4.73  ? 15  HIS A HA   1 
ATOM   216 H HB2  . HIS A 1 15 ? 4.875   -1.905  6.349   1.00 5.42  ? 15  HIS A HB2  1 
ATOM   217 H HB3  . HIS A 1 15 ? 3.888   -2.544  5.283   1.00 5.23  ? 15  HIS A HB3  1 
ATOM   218 H HD1  . HIS A 1 15 ? 4.609   -4.664  4.244   1.00 6.03  ? 15  HIS A HD1  1 
ATOM   219 H HD2  . HIS A 1 15 ? 7.582   -2.769  5.912   1.00 5.86  ? 15  HIS A HD2  1 
ATOM   220 H HE1  . HIS A 1 15 ? 6.484   -6.104  4.118   1.00 7.10  ? 15  HIS A HE1  1 
ATOM   221 H HE2  . HIS A 1 15 ? 8.272   -4.922  5.104   1.00 6.61  ? 15  HIS A HE2  1 
ATOM   222 N N    . TYR A 1 16 ? 2.814   0.142   4.382   1.00 6.21  ? 16  TYR A N    1 
ATOM   223 C CA   A TYR A 1 16 ? 1.782   0.988   4.950   0.30 5.26  ? 16  TYR A CA   1 
ATOM   224 C CA   B TYR A 1 16 ? 1.720   0.929   4.914   0.70 5.81  ? 16  TYR A CA   1 
ATOM   225 C C    . TYR A 1 16 ? 1.206   0.340   6.219   1.00 4.98  ? 16  TYR A C    1 
ATOM   226 O O    . TYR A 1 16 ? 1.233   -0.880  6.414   1.00 7.32  ? 16  TYR A O    1 
ATOM   227 C CB   A TYR A 1 16 ? 0.693   1.238   3.930   0.30 5.38  ? 16  TYR A CB   1 
ATOM   228 C CB   B TYR A 1 16 ? 0.543   0.882   3.912   0.70 6.34  ? 16  TYR A CB   1 
ATOM   229 C CG   A TYR A 1 16 ? 1.076   2.136   2.763   0.30 4.99  ? 16  TYR A CG   1 
ATOM   230 C CG   B TYR A 1 16 ? 0.871   1.470   2.572   0.70 5.88  ? 16  TYR A CG   1 
ATOM   231 C CD1  A TYR A 1 16 ? 1.251   3.494   2.946   0.30 5.17  ? 16  TYR A CD1  1 
ATOM   232 C CD1  B TYR A 1 16 ? 1.284   2.781   2.479   0.70 6.46  ? 16  TYR A CD1  1 
ATOM   233 C CD2  A TYR A 1 16 ? 1.218   1.616   1.453   0.30 4.61  ? 16  TYR A CD2  1 
ATOM   234 C CD2  B TYR A 1 16 ? 0.775   0.734   1.409   0.70 5.66  ? 16  TYR A CD2  1 
ATOM   235 C CE1  A TYR A 1 16 ? 1.558   4.326   1.888   0.30 6.18  ? 16  TYR A CE1  1 
ATOM   236 C CE1  B TYR A 1 16 ? 1.577   3.362   1.228   0.70 6.60  ? 16  TYR A CE1  1 
ATOM   237 C CE2  A TYR A 1 16 ? 1.500   2.435   0.377   0.30 4.86  ? 16  TYR A CE2  1 
ATOM   238 C CE2  B TYR A 1 16 ? 1.042   1.297   0.160   0.70 6.14  ? 16  TYR A CE2  1 
ATOM   239 C CZ   A TYR A 1 16 ? 1.681   3.797   0.599   0.30 6.09  ? 16  TYR A CZ   1 
ATOM   240 C CZ   B TYR A 1 16 ? 1.459   2.596   0.075   0.70 6.01  ? 16  TYR A CZ   1 
ATOM   241 O OH   A TYR A 1 16 ? 1.982   4.626   -0.456  0.30 7.87  ? 16  TYR A OH   1 
ATOM   242 O OH   B TYR A 1 16 ? 1.721   3.103   -1.165  0.70 6.77  ? 16  TYR A OH   1 
ATOM   243 H H    . TYR A 1 16 ? 2.597   -0.376  3.543   1.00 5.54  ? 16  TYR A H    1 
ATOM   244 H HA   A TYR A 1 16 ? 2.120   1.863   5.164   0.30 5.36  ? 16  TYR A HA   1 
ATOM   245 H HA   B TYR A 1 16 ? 2.033   1.840   5.088   0.70 5.91  ? 16  TYR A HA   1 
ATOM   246 H HB2  A TYR A 1 16 ? 0.441   0.350   3.600   0.30 5.34  ? 16  TYR A HB2  1 
ATOM   247 H HB2  B TYR A 1 16 ? 0.293   -0.032  3.779   0.70 6.19  ? 16  TYR A HB2  1 
ATOM   248 H HB3  A TYR A 1 16 ? -0.077  1.588   4.364   0.30 5.32  ? 16  TYR A HB3  1 
ATOM   249 H HB3  B TYR A 1 16 ? -0.177  1.429   4.281   0.70 6.26  ? 16  TYR A HB3  1 
ATOM   250 H HD1  A TYR A 1 16 ? 1.157   3.868   3.776   0.30 4.05  ? 16  TYR A HD1  1 
ATOM   251 H HD1  B TYR A 1 16 ? 1.314   3.289   3.254   0.70 6.42  ? 16  TYR A HD1  1 
ATOM   252 H HD2  A TYR A 1 16 ? 1.084   0.694   1.259   0.30 4.68  ? 16  TYR A HD2  1 
ATOM   253 H HD2  B TYR A 1 16 ? 0.500   -0.149  1.461   0.70 5.53  ? 16  TYR A HD2  1 
ATOM   254 H HE1  A TYR A 1 16 ? 1.658   5.233   2.024   0.30 5.93  ? 16  TYR A HE1  1 
ATOM   255 H HE1  B TYR A 1 16 ? 1.812   4.252   1.165   0.70 6.39  ? 16  TYR A HE1  1 
ATOM   256 H HE2  A TYR A 1 16 ? 1.566   2.046   -0.498  0.30 4.18  ? 16  TYR A HE2  1 
ATOM   257 H HE2  B TYR A 1 16 ? 0.995   0.794   -0.612  0.70 6.03  ? 16  TYR A HE2  1 
ATOM   258 H HH   A TYR A 1 16 ? 2.700   4.998   -0.329  0.00 7.85  ? 16  TYR A HH   1 
ATOM   259 H HH   B TYR A 1 16 ? 2.497   3.368   -1.204  0.00 6.75  ? 16  TYR A HH   1 
ATOM   260 N N    . LEU A 1 17 ? 0.638   1.179   7.077   1.00 4.78  ? 17  LEU A N    1 
ATOM   261 C CA   . LEU A 1 17 ? -0.105  0.679   8.213   1.00 6.31  ? 17  LEU A CA   1 
ATOM   262 C C    . LEU A 1 17 ? -1.338  -0.116  7.733   1.00 6.13  ? 17  LEU A C    1 
ATOM   263 O O    . LEU A 1 17 ? -1.678  -1.151  8.300   1.00 8.76  ? 17  LEU A O    1 
ATOM   264 C CB   . LEU A 1 17 ? -0.535  1.835   9.128   1.00 9.29  ? 17  LEU A CB   1 
ATOM   265 C CG   . LEU A 1 17 ? -1.271  1.399   10.389  1.00 12.40 ? 17  LEU A CG   1 
ATOM   266 C CD1  . LEU A 1 17 ? -0.434  0.492   11.301  1.00 14.36 ? 17  LEU A CD1  1 
ATOM   267 C CD2  . LEU A 1 17 ? -1.768  2.611   11.161  1.00 15.85 ? 17  LEU A CD2  1 
ATOM   268 H H    . LEU A 1 17 ? 0.656   2.180   6.997   1.00 5.04  ? 17  LEU A H    1 
ATOM   269 H HA   . LEU A 1 17 ? 0.456   0.080   8.735   1.00 6.48  ? 17  LEU A HA   1 
ATOM   270 H HB2  . LEU A 1 17 ? 0.250   2.315   9.423   1.00 8.66  ? 17  LEU A HB2  1 
ATOM   271 H HB3  . LEU A 1 17 ? -1.144  2.419   8.642   1.00 9.32  ? 17  LEU A HB3  1 
ATOM   272 H HG   . LEU A 1 17 ? -2.067  0.885   10.132  1.00 11.92 ? 17  LEU A HG   1 
ATOM   273 H HD11 . LEU A 1 17 ? -0.331  -0.374  10.871  1.00 13.23 ? 17  LEU A HD11 1 
ATOM   274 H HD12 . LEU A 1 17 ? -0.895  0.363   12.130  1.00 13.46 ? 17  LEU A HD12 1 
ATOM   275 H HD13 . LEU A 1 17 ? 0.422   0.898   11.438  1.00 13.68 ? 17  LEU A HD13 1 
ATOM   276 H HD21 . LEU A 1 17 ? -1.031  3.194   11.310  1.00 15.66 ? 17  LEU A HD21 1 
ATOM   277 H HD22 . LEU A 1 17 ? -2.124  2.326   12.015  1.00 15.39 ? 17  LEU A HD22 1 
ATOM   278 H HD23 . LEU A 1 17 ? -2.453  3.040   10.642  1.00 15.59 ? 17  LEU A HD23 1 
ATOM   279 N N    . PHE A 1 18 ? -2.034  0.403   6.715   1.00 4.45  ? 18  PHE A N    1 
ATOM   280 C CA   . PHE A 1 18 ? -3.199  -0.266  6.176   1.00 4.13  ? 18  PHE A CA   1 
ATOM   281 C C    . PHE A 1 18 ? -3.384  0.182   4.737   1.00 3.66  ? 18  PHE A C    1 
ATOM   282 O O    . PHE A 1 18 ? -2.882  1.224   4.309   1.00 3.95  ? 18  PHE A O    1 
ATOM   283 C CB   . PHE A 1 18 ? -4.477  0.027   7.007   1.00 5.00  ? 18  PHE A CB   1 
ATOM   284 C CG   . PHE A 1 18 ? -4.818  1.495   7.122   1.00 5.75  ? 18  PHE A CG   1 
ATOM   285 C CD1  . PHE A 1 18 ? -5.557  2.141   6.146   1.00 6.65  ? 18  PHE A CD1  1 
ATOM   286 C CD2  . PHE A 1 18 ? -4.331  2.247   8.177   1.00 7.89  ? 18  PHE A CD2  1 
ATOM   287 C CE1  . PHE A 1 18 ? -5.811  3.509   6.238   1.00 8.49  ? 18  PHE A CE1  1 
ATOM   288 C CE2  . PHE A 1 18 ? -4.585  3.611   8.273   1.00 9.62  ? 18  PHE A CE2  1 
ATOM   289 C CZ   . PHE A 1 18 ? -5.328  4.239   7.300   1.00 9.88  ? 18  PHE A CZ   1 
ATOM   290 H H    . PHE A 1 18 ? -1.850  1.295   6.274   1.00 4.55  ? 18  PHE A H    1 
ATOM   291 H HA   . PHE A 1 18 ? -3.044  -1.235  6.173   1.00 4.10  ? 18  PHE A HA   1 
ATOM   292 H HB2  . PHE A 1 18 ? -5.228  -0.434  6.587   1.00 4.94  ? 18  PHE A HB2  1 
ATOM   293 H HB3  . PHE A 1 18 ? -4.347  -0.309  7.904   1.00 4.88  ? 18  PHE A HB3  1 
ATOM   294 H HD1  . PHE A 1 18 ? -5.890  1.645   5.429   1.00 6.77  ? 18  PHE A HD1  1 
ATOM   295 H HD2  . PHE A 1 18 ? -3.778  1.850   8.814   1.00 7.67  ? 18  PHE A HD2  1 
ATOM   296 H HE1  . PHE A 1 18 ? -6.337  3.915   5.587   1.00 8.15  ? 18  PHE A HE1  1 
ATOM   297 H HE2  . PHE A 1 18 ? -4.249  4.100   8.991   1.00 9.15  ? 18  PHE A HE2  1 
ATOM   298 H HZ   . PHE A 1 18 ? -5.524  5.147   7.358   1.00 9.82  ? 18  PHE A HZ   1 
ATOM   299 N N    . ALA A 1 19 ? -4.165  -0.615  4.009   1.00 3.70  ? 19  ALA A N    1 
ATOM   300 C CA   . ALA A 1 19 ? -4.554  -0.253  2.650   1.00 3.97  ? 19  ALA A CA   1 
ATOM   301 C C    . ALA A 1 19 ? -5.915  -0.850  2.377   1.00 3.82  ? 19  ALA A C    1 
ATOM   302 O O    . ALA A 1 19 ? -6.303  -1.851  2.994   1.00 4.61  ? 19  ALA A O    1 
ATOM   303 C CB   . ALA A 1 19 ? -3.541  -0.701  1.623   1.00 5.81  ? 19  ALA A CB   1 
ATOM   304 H H    . ALA A 1 19 ? -4.532  -1.498  4.340   1.00 3.67  ? 19  ALA A H    1 
ATOM   305 H HA   . ALA A 1 19 ? -4.652  0.710   2.575   1.00 4.08  ? 19  ALA A HA   1 
ATOM   306 H HB1  . ALA A 1 19 ? -2.706  -0.254  1.790   1.00 5.52  ? 19  ALA A HB1  1 
ATOM   307 H HB2  . ALA A 1 19 ? -3.859  -0.454  0.752   1.00 5.45  ? 19  ALA A HB2  1 
ATOM   308 H HB3  . ALA A 1 19 ? -3.405  -1.637  1.679   1.00 5.65  ? 19  ALA A HB3  1 
ATOM   309 N N    . GLY A 1 20 ? -6.638  -0.221  1.450   1.00 4.90  ? 20  GLY A N    1 
ATOM   310 C CA   . GLY A 1 20 ? -8.005  -0.580  1.214   1.00 6.15  ? 20  GLY A CA   1 
ATOM   311 C C    . GLY A 1 20 ? -8.443  -0.369  -0.199  1.00 4.24  ? 20  GLY A C    1 
ATOM   312 O O    . GLY A 1 20 ? -7.802  0.334   -0.985  1.00 4.67  ? 20  GLY A O    1 
ATOM   313 H H    . GLY A 1 20 ? -6.289  0.531   0.871   1.00 4.28  ? 20  GLY A H    1 
ATOM   314 H HA2  . GLY A 1 20 ? -8.123  -1.524  1.397   1.00 5.79  ? 20  GLY A HA2  1 
ATOM   315 H HA3  . GLY A 1 20 ? -8.569  -0.075  1.803   1.00 6.15  ? 20  GLY A HA3  1 
ATOM   316 N N    . GLY A 1 21 ? -9.607  -0.934  -0.488  1.00 4.68  ? 21  GLY A N    1 
ATOM   317 C CA   . GLY A 1 21 ? -10.042 -1.024  -1.863  1.00 5.51  ? 21  GLY A CA   1 
ATOM   318 C C    . GLY A 1 21 ? -9.215  -1.989  -2.693  1.00 5.40  ? 21  GLY A C    1 
ATOM   319 O O    . GLY A 1 21 ? -9.509  -2.054  -3.923  1.00 7.02  ? 21  GLY A O    1 
ATOM   320 O OXT  . GLY A 1 21 ? -8.317  -2.659  -2.149  1.00 6.66  ? 21  GLY A OXT  1 
ATOM   321 H H    . GLY A 1 21 ? -10.254 -1.304  0.194   1.00 4.63  ? 21  GLY A H    1 
ATOM   322 H HA2  . GLY A 1 21 ? -10.959 -1.332  -1.884  1.00 5.47  ? 21  GLY A HA2  1 
ATOM   323 H HA3  . GLY A 1 21 ? -10.002 -0.149  -2.279  1.00 5.43  ? 21  GLY A HA3  1 
ATOM   324 N N    . GLY B 1 1  ? -4.058  -4.911  -4.618  1.00 4.03  ? 1   GLY B N    1 
ATOM   325 C CA   . GLY B 1 1  ? -5.157  -4.161  -5.206  1.00 3.86  ? 1   GLY B CA   1 
ATOM   326 C C    . GLY B 1 1  ? -5.272  -4.356  -6.718  1.00 3.61  ? 1   GLY B C    1 
ATOM   327 O O    . GLY B 1 1  ? -4.258  -4.478  -7.411  1.00 4.25  ? 1   GLY B O    1 
ATOM   328 H H2   . GLY B 1 1  ? -4.402  -5.712  -4.252  1.00 3.77  ? 1   GLY B H2   1 
ATOM   329 H HA2  . GLY B 1 1  ? -5.963  -4.412  -4.768  1.00 3.84  ? 1   GLY B HA2  1 
ATOM   330 H HA3  . GLY B 1 1  ? -5.058  -3.188  -4.994  1.00 3.99  ? 1   GLY B HA3  1 
ATOM   331 N N    . ILE B 1 2  ? -6.527  -4.347  -7.189  1.00 3.87  ? 2   ILE B N    1 
ATOM   332 C CA   . ILE B 1 2  ? -6.832  -4.489  -8.618  1.00 4.01  ? 2   ILE B CA   1 
ATOM   333 C C    . ILE B 1 2  ? -7.486  -3.233  -9.212  1.00 4.59  ? 2   ILE B C    1 
ATOM   334 O O    . ILE B 1 2  ? -7.948  -3.269  -10.342 1.00 6.51  ? 2   ILE B O    1 
ATOM   335 C CB   . ILE B 1 2  ? -7.608  -5.781  -8.948  1.00 4.48  ? 2   ILE B CB   1 
ATOM   336 C CG1  . ILE B 1 2  ? -8.900  -5.973  -8.157  1.00 4.80  ? 2   ILE B CG1  1 
ATOM   337 C CG2  . ILE B 1 2  ? -6.711  -6.990  -8.745  1.00 5.34  ? 2   ILE B CG2  1 
ATOM   338 C CD1  . ILE B 1 2  ? -9.932  -4.882  -8.319  1.00 5.93  ? 2   ILE B CD1  1 
ATOM   339 H H    . ILE B 1 2  ? -7.324  -4.174  -6.603  1.00 3.91  ? 2   ILE B H    1 
ATOM   340 H HA   . ILE B 1 2  ? -6.011  -4.599  -9.118  1.00 4.10  ? 2   ILE B HA   1 
ATOM   341 H HB   . ILE B 1 2  ? -7.818  -5.787  -9.880  1.00 4.49  ? 2   ILE B HB   1 
ATOM   342 H HG12 . ILE B 1 2  ? -9.331  -6.792  -8.433  1.00 4.89  ? 2   ILE B HG12 1 
ATOM   343 H HG13 . ILE B 1 2  ? -8.676  -6.030  -7.218  1.00 4.86  ? 2   ILE B HG13 1 
ATOM   344 H HG21 . ILE B 1 2  ? -5.985  -6.998  -9.370  1.00 5.18  ? 2   ILE B HG21 1 
ATOM   345 H HG22 . ILE B 1 2  ? -7.215  -7.816  -8.858  1.00 5.26  ? 2   ILE B HG22 1 
ATOM   346 H HG23 . ILE B 1 2  ? -6.398  -7.001  -7.833  1.00 5.15  ? 2   ILE B HG23 1 
ATOM   347 H HD11 . ILE B 1 2  ? -9.694  -4.141  -7.759  1.00 5.77  ? 2   ILE B HD11 1 
ATOM   348 H HD12 . ILE B 1 2  ? -10.787 -5.229  -8.047  1.00 5.69  ? 2   ILE B HD12 1 
ATOM   349 H HD13 . ILE B 1 2  ? -9.984  -4.607  -9.237  1.00 5.83  ? 2   ILE B HD13 1 
ATOM   350 N N    . GLU B 1 3  ? -7.473  -2.123  -8.470  1.00 4.49  ? 3   GLU B N    1 
ATOM   351 C CA   . GLU B 1 3  ? -8.041  -0.892  -8.986  1.00 4.82  ? 3   GLU B CA   1 
ATOM   352 C C    . GLU B 1 3  ? -7.049  -0.175  -9.898  1.00 4.62  ? 3   GLU B C    1 
ATOM   353 O O    . GLU B 1 3  ? -5.843  -0.410  -9.834  1.00 4.86  ? 3   GLU B O    1 
ATOM   354 C CB   . GLU B 1 3  ? -8.412  0.035   -7.866  1.00 5.77  ? 3   GLU B CB   1 
ATOM   355 C CG   . GLU B 1 3  ? -9.390  -0.595  -6.879  1.00 7.01  ? 3   GLU B CG   1 
ATOM   356 C CD   . GLU B 1 3  ? -10.171 0.366   -6.040  1.00 6.87  ? 3   GLU B CD   1 
ATOM   357 O OE1  . GLU B 1 3  ? -10.402 1.505   -6.446  1.00 8.04  ? 3   GLU B OE1  1 
ATOM   358 O OE2  . GLU B 1 3  ? -10.625 -0.025  -4.920  1.00 7.14  ? 3   GLU B OE2  1 
ATOM   359 H H    . GLU B 1 3  ? -7.110  -2.005  -7.528  1.00 4.55  ? 3   GLU B H    1 
ATOM   360 H HA   . GLU B 1 3  ? -8.870  -1.065  -9.480  1.00 4.91  ? 3   GLU B HA   1 
ATOM   361 H HB2  . GLU B 1 3  ? -7.572  0.269   -7.387  1.00 5.88  ? 3   GLU B HB2  1 
ATOM   362 H HB3  . GLU B 1 3  ? -8.745  0.899   -8.180  1.00 5.65  ? 3   GLU B HB3  1 
ATOM   363 H HG2  . GLU B 1 3  ? -10.030 -1.216  -7.272  1.00 7.10  ? 3   GLU B HG2  1 
ATOM   364 H HG3  . GLU B 1 3  ? -8.838  -1.116  -6.281  1.00 6.73  ? 3   GLU B HG3  1 
ATOM   365 N N    . PRO B 1 4  ? -7.548  0.762   -10.731 1.00 5.39  ? 4   PRO B N    1 
ATOM   366 C CA   . PRO B 1 4  ? -6.665  1.444   -11.680 1.00 5.85  ? 4   PRO B CA   1 
ATOM   367 C C    . PRO B 1 4  ? -5.934  2.674   -11.118 1.00 6.02  ? 4   PRO B C    1 
ATOM   368 O O    . PRO B 1 4  ? -4.996  3.128   -11.766 1.00 7.98  ? 4   PRO B O    1 
ATOM   369 C CB   . PRO B 1 4  ? -7.602  1.820   -12.827 1.00 6.95  ? 4   PRO B CB   1 
ATOM   370 C CG   . PRO B 1 4  ? -8.909  2.010   -12.162 1.00 7.31  ? 4   PRO B CG   1 
ATOM   371 C CD   . PRO B 1 4  ? -8.964  0.912   -11.124 1.00 6.39  ? 4   PRO B CD   1 
ATOM   372 H HA   . PRO B 1 4  ? -5.999  0.817   -12.041 1.00 5.83  ? 4   PRO B HA   1 
ATOM   373 H HB2  . PRO B 1 4  ? -7.301  2.649   -13.249 1.00 6.64  ? 4   PRO B HB2  1 
ATOM   374 H HB3  . PRO B 1 4  ? -7.636  1.107   -13.480 1.00 6.82  ? 4   PRO B HB3  1 
ATOM   375 H HG2  . PRO B 1 4  ? -8.954  2.879   -11.743 1.00 7.26  ? 4   PRO B HG2  1 
ATOM   376 H HG3  . PRO B 1 4  ? -9.622  1.912   -12.816 1.00 7.36  ? 4   PRO B HG3  1 
ATOM   377 H HD2  . PRO B 1 4  ? -9.515  1.170   -10.395 1.00 6.35  ? 4   PRO B HD2  1 
ATOM   378 H HD3  . PRO B 1 4  ? -9.288  0.082   -11.552 1.00 6.43  ? 4   PRO B HD3  1 
ATOM   379 N N    . LEU B 1 5  ? -6.388  3.235   -10.002 1.00 5.88  ? 5   LEU B N    1 
ATOM   380 C CA   . LEU B 1 5  ? -5.875  4.496   -9.466  1.00 6.24  ? 5   LEU B CA   1 
ATOM   381 C C    . LEU B 1 5  ? -5.725  4.370   -7.964  1.00 6.08  ? 5   LEU B C    1 
ATOM   382 O O    . LEU B 1 5  ? -6.681  4.003   -7.285  1.00 8.64  ? 5   LEU B O    1 
ATOM   383 C CB   . LEU B 1 5  ? -6.823  5.681   -9.726  1.00 7.30  ? 5   LEU B CB   1 
ATOM   384 C CG   . LEU B 1 5  ? -7.037  6.080   -11.154 1.00 8.25  ? 5   LEU B CG   1 
ATOM   385 C CD1  . LEU B 1 5  ? -8.165  7.081   -11.283 1.00 10.12 ? 5   LEU B CD1  1 
ATOM   386 C CD2  . LEU B 1 5  ? -5.773  6.685   -11.686 1.00 10.19 ? 5   LEU B CD2  1 
ATOM   387 H H    . LEU B 1 5  ? -7.130  2.847   -9.430  1.00 5.67  ? 5   LEU B H    1 
ATOM   388 H HA   . LEU B 1 5  ? -4.989  4.663   -9.821  1.00 6.29  ? 5   LEU B HA   1 
ATOM   389 H HB2  . LEU B 1 5  ? -7.694  5.424   -9.385  1.00 7.19  ? 5   LEU B HB2  1 
ATOM   390 H HB3  . LEU B 1 5  ? -6.536  6.472   -9.248  1.00 7.28  ? 5   LEU B HB3  1 
ATOM   391 H HG   . LEU B 1 5  ? -7.238  5.316   -11.705 1.00 8.57  ? 5   LEU B HG   1 
ATOM   392 H HD11 . LEU B 1 5  ? -8.996  6.602   -11.200 1.00 9.82  ? 5   LEU B HD11 1 
ATOM   393 H HD12 . LEU B 1 5  ? -8.124  7.510   -12.141 1.00 10.03 ? 5   LEU B HD12 1 
ATOM   394 H HD13 . LEU B 1 5  ? -8.089  7.737   -10.585 1.00 9.96  ? 5   LEU B HD13 1 
ATOM   395 H HD21 . LEU B 1 5  ? -5.516  7.425   -11.129 1.00 9.96  ? 5   LEU B HD21 1 
ATOM   396 H HD22 . LEU B 1 5  ? -5.923  6.994   -12.582 1.00 9.86  ? 5   LEU B HD22 1 
ATOM   397 H HD23 . LEU B 1 5  ? -5.078  6.024   -11.693 1.00 9.49  ? 5   LEU B HD23 1 
ATOM   398 N N    . GLY B 1 6  ? -4.551  4.737   -7.456  1.00 5.08  ? 6   GLY B N    1 
ATOM   399 C CA   . GLY B 1 6  ? -4.314  4.757   -6.035  1.00 4.87  ? 6   GLY B CA   1 
ATOM   400 C C    . GLY B 1 6  ? -2.934  4.277   -5.678  1.00 4.27  ? 6   GLY B C    1 
ATOM   401 O O    . GLY B 1 6  ? -2.116  3.923   -6.550  1.00 4.78  ? 6   GLY B O    1 
ATOM   402 H H    . GLY B 1 6  ? -3.728  5.060   -7.982  1.00 5.08  ? 6   GLY B H    1 
ATOM   403 H HA2  . GLY B 1 6  ? -4.372  5.675   -5.722  1.00 4.95  ? 6   GLY B HA2  1 
ATOM   404 H HA3  . GLY B 1 6  ? -4.952  4.185   -5.583  1.00 4.85  ? 6   GLY B HA3  1 
ATOM   405 N N    . PRO B 1 7  ? -2.634  4.207   -4.400  1.00 4.26  ? 7   PRO B N    1 
ATOM   406 C CA   . PRO B 1 7  ? -1.348  3.663   -3.962  1.00 4.50  ? 7   PRO B CA   1 
ATOM   407 C C    . PRO B 1 7  ? -1.157  2.256   -4.533  1.00 3.99  ? 7   PRO B C    1 
ATOM   408 O O    . PRO B 1 7  ? -2.074  1.443   -4.570  1.00 4.77  ? 7   PRO B O    1 
ATOM   409 C CB   . PRO B 1 7  ? -1.501  3.645   -2.435  1.00 5.60  ? 7   PRO B CB   1 
ATOM   410 C CG   . PRO B 1 7  ? -2.503  4.776   -2.151  1.00 6.65  ? 7   PRO B CG   1 
ATOM   411 C CD   . PRO B 1 7  ? -3.491  4.613   -3.260  1.00 5.41  ? 7   PRO B CD   1 
ATOM   412 H HA   . PRO B 1 7  ? -0.609  4.245   -4.248  1.00 4.65  ? 7   PRO B HA   1 
ATOM   413 H HB2  . PRO B 1 7  ? -1.842  2.785   -2.148  1.00 5.57  ? 7   PRO B HB2  1 
ATOM   414 H HB3  . PRO B 1 7  ? -0.635  3.853   -2.041  1.00 5.51  ? 7   PRO B HB3  1 
ATOM   415 H HG2  . PRO B 1 7  ? -2.902  4.614   -1.296  1.00 6.28  ? 7   PRO B HG2  1 
ATOM   416 H HG3  . PRO B 1 7  ? -2.052  5.627   -2.223  1.00 6.45  ? 7   PRO B HG3  1 
ATOM   417 H HD2  . PRO B 1 7  ? -4.112  3.880   -3.066  1.00 5.61  ? 7   PRO B HD2  1 
ATOM   418 H HD3  . PRO B 1 7  ? -3.941  5.439   -3.429  1.00 5.38  ? 7   PRO B HD3  1 
ATOM   419 N N    . VAL B 1 8  ? 0.054   1.953   -4.969  1.00 3.93  ? 8   VAL B N    1 
ATOM   420 C CA   . VAL B 1 8  ? 0.315   0.676   -5.617  1.00 3.92  ? 8   VAL B CA   1 
ATOM   421 C C    . VAL B 1 8  ? 0.004   -0.482  -4.661  1.00 3.82  ? 8   VAL B C    1 
ATOM   422 O O    . VAL B 1 8  ? 0.410   -0.479  -3.489  1.00 4.43  ? 8   VAL B O    1 
ATOM   423 C CB   . VAL B 1 8  ? 1.759   0.609   -6.147  1.00 5.15  ? 8   VAL B CB   1 
ATOM   424 C CG1  . VAL B 1 8  ? 2.176   -0.810  -6.490  1.00 6.09  ? 8   VAL B CG1  1 
ATOM   425 C CG2  . VAL B 1 8  ? 1.874   1.483   -7.391  1.00 6.14  ? 8   VAL B CG2  1 
ATOM   426 H H    . VAL B 1 8  ? 0.864   2.554   -4.899  1.00 4.02  ? 8   VAL B H    1 
ATOM   427 H HA   . VAL B 1 8  ? -0.300  0.613   -6.385  1.00 3.97  ? 8   VAL B HA   1 
ATOM   428 H HB   . VAL B 1 8  ? 2.377   0.970   -5.494  1.00 5.26  ? 8   VAL B HB   1 
ATOM   429 H HG11 . VAL B 1 8  ? 2.379   -1.278  -5.706  1.00 5.84  ? 8   VAL B HG11 1 
ATOM   430 H HG12 . VAL B 1 8  ? 2.954   -0.770  -7.047  1.00 5.91  ? 8   VAL B HG12 1 
ATOM   431 H HG13 . VAL B 1 8  ? 1.450   -1.223  -7.000  1.00 6.28  ? 8   VAL B HG13 1 
ATOM   432 H HG21 . VAL B 1 8  ? 1.366   1.102   -8.116  1.00 6.22  ? 8   VAL B HG21 1 
ATOM   433 H HG22 . VAL B 1 8  ? 2.790   1.573   -7.656  1.00 6.09  ? 8   VAL B HG22 1 
ATOM   434 H HG23 . VAL B 1 8  ? 1.491   2.365   -7.214  1.00 6.02  ? 8   VAL B HG23 1 
ATOM   435 N N    . ASP B 1 9  ? -0.681  -1.467  -5.220  1.00 3.94  ? 9   ASP B N    1 
ATOM   436 C CA   . ASP B 1 9  ? -0.985  -2.748  -4.579  1.00 3.98  ? 9   ASP B CA   1 
ATOM   437 C C    . ASP B 1 9  ? -0.012  -3.766  -5.106  1.00 4.27  ? 9   ASP B C    1 
ATOM   438 O O    . ASP B 1 9  ? -0.131  -4.240  -6.236  1.00 4.98  ? 9   ASP B O    1 
ATOM   439 C CB   . ASP B 1 9  ? -2.433  -3.104  -4.912  1.00 3.95  ? 9   ASP B CB   1 
ATOM   440 C CG   . ASP B 1 9  ? -2.830  -4.511  -4.472  1.00 4.04  ? 9   ASP B CG   1 
ATOM   441 O OD1  . ASP B 1 9  ? -1.952  -5.278  -4.020  1.00 4.82  ? 9   ASP B OD1  1 
ATOM   442 H H    . ASP B 1 9  ? -0.948  -1.461  -6.196  1.00 3.93  ? 9   ASP B H    1 
ATOM   443 H HA   . ASP B 1 9  ? -0.868  -2.683  -3.617  1.00 4.08  ? 9   ASP B HA   1 
ATOM   444 H HB2  . ASP B 1 9  ? -2.951  -2.444  -4.472  1.00 4.08  ? 9   ASP B HB2  1 
ATOM   445 H HB3  . ASP B 1 9  ? -2.533  -3.050  -5.871  1.00 4.06  ? 9   ASP B HB3  1 
ATOM   446 N N    . GLU B 1 10 ? 1.020   -4.075  -4.319  1.00 4.96  ? 10  GLU B N    1 
ATOM   447 C CA   . GLU B 1 10 ? 2.026   -5.036  -4.740  1.00 6.20  ? 10  GLU B CA   1 
ATOM   448 C C    . GLU B 1 10 ? 1.482   -6.460  -4.716  1.00 6.65  ? 10  GLU B C    1 
ATOM   449 O O    . GLU B 1 10 ? 1.974   -7.298  -5.459  1.00 9.57  ? 10  GLU B O    1 
ATOM   450 C CB   . GLU B 1 10 ? 3.241   -4.951  -3.830  1.00 6.90  ? 10  GLU B CB   1 
ATOM   451 C CG   . GLU B 1 10 ? 3.971   -3.618  -3.846  1.00 7.31  ? 10  GLU B CG   1 
ATOM   452 C CD   . GLU B 1 10 ? 4.762   -3.320  -5.080  1.00 7.68  ? 10  GLU B CD   1 
ATOM   453 O OE1  . GLU B 1 10 ? 4.669   -4.030  -6.092  1.00 10.39 ? 10  GLU B OE1  1 
ATOM   454 O OE2  . GLU B 1 10 ? 5.593   -2.375  -5.009  1.00 9.90  ? 10  GLU B OE2  1 
ATOM   455 H H    . GLU B 1 10 ? 1.218   -3.659  -3.422  1.00 5.12  ? 10  GLU B H    1 
ATOM   456 H HA   . GLU B 1 10 ? 2.335   -4.878  -5.639  1.00 6.39  ? 10  GLU B HA   1 
ATOM   457 H HB2  . GLU B 1 10 ? 2.978   -5.213  -2.923  1.00 7.11  ? 10  GLU B HB2  1 
ATOM   458 H HB3  . GLU B 1 10 ? 3.839   -5.661  -4.116  1.00 7.26  ? 10  GLU B HB3  1 
ATOM   459 H HG2  . GLU B 1 10 ? 3.400   -2.845  -3.673  1.00 7.26  ? 10  GLU B HG2  1 
ATOM   460 H HG3  . GLU B 1 10 ? 4.633   -3.657  -3.135  1.00 7.03  ? 10  GLU B HG3  1 
ATOM   461 N N    . ASP B 1 11 ? 0.505   -6.747  -3.883  1.00 6.38  ? 11  ASP B N    1 
ATOM   462 C CA   . ASP B 1 11 ? -0.046  -8.091  -3.789  1.00 7.49  ? 11  ASP B CA   1 
ATOM   463 C C    . ASP B 1 11 ? -0.695  -8.541  -5.118  1.00 7.22  ? 11  ASP B C    1 
ATOM   464 O O    . ASP B 1 11 ? -0.527  -9.680  -5.546  1.00 9.61  ? 11  ASP B O    1 
ATOM   465 C CB   . ASP B 1 11 ? -1.086  -8.192  -2.657  1.00 8.15  ? 11  ASP B CB   1 
ATOM   466 C CG   . ASP B 1 11 ? -0.539  -8.213  -1.240  1.00 8.40  ? 11  ASP B CG   1 
ATOM   467 O OD1  . ASP B 1 11 ? 0.498   -8.812  -0.984  1.00 10.48 ? 11  ASP B OD1  1 
ATOM   468 O OD2  . ASP B 1 11 ? -1.255  -7.638  -0.337  1.00 10.61 ? 11  ASP B OD2  1 
ATOM   469 H H    . ASP B 1 11 ? -0.019  -6.089  -3.328  1.00 6.74  ? 11  ASP B H    1 
ATOM   470 H HA   . ASP B 1 11 ? 0.665   -8.725  -3.615  1.00 6.71  ? 11  ASP B HA   1 
ATOM   471 H HB2  . ASP B 1 11 ? -1.698  -7.486  -2.716  1.00 7.94  ? 11  ASP B HB2  1 
ATOM   472 H HB3  . ASP B 1 11 ? -1.535  -9.056  -2.762  1.00 7.86  ? 11  ASP B HB3  1 
ATOM   473 N N    . GLN B 1 12 ? -1.489  -7.660  -5.731  1.00 5.89  ? 12  GLN B N    1 
ATOM   474 C CA   . GLN B 1 12 ? -2.157  -7.962  -6.997  1.00 6.07  ? 12  GLN B CA   1 
ATOM   475 C C    . GLN B 1 12 ? -1.662  -7.089  -8.142  1.00 6.44  ? 12  GLN B C    1 
ATOM   476 O O    . GLN B 1 12 ? -2.180  -7.221  -9.251  1.00 8.32  ? 12  GLN B O    1 
ATOM   477 C CB   . GLN B 1 12 ? -3.683  -7.922  -6.879  1.00 6.26  ? 12  GLN B CB   1 
ATOM   478 C CG   . GLN B 1 12 ? -4.271  -9.039  -6.003  1.00 6.84  ? 12  GLN B CG   1 
ATOM   479 C CD   . GLN B 1 12 ? -4.231  -8.783  -4.510  1.00 5.92  ? 12  GLN B CD   1 
ATOM   480 O OE1  . GLN B 1 12 ? -4.506  -7.697  -4.064  1.00 6.82  ? 12  GLN B OE1  1 
ATOM   481 N NE2  . GLN B 1 12 ? -3.969  -9.805  -3.698  1.00 7.46  ? 12  GLN B NE2  1 
ATOM   482 H H    . GLN B 1 12 ? -1.695  -6.728  -5.394  1.00 5.96  ? 12  GLN B H    1 
ATOM   483 H HA   . GLN B 1 12 ? -1.970  -8.884  -7.258  1.00 6.25  ? 12  GLN B HA   1 
ATOM   484 H HB2  . GLN B 1 12 ? -3.942  -7.035  -6.492  1.00 6.44  ? 12  GLN B HB2  1 
ATOM   485 H HB3  . GLN B 1 12 ? -4.098  -7.958  -7.754  1.00 6.30  ? 12  GLN B HB3  1 
ATOM   486 H HG2  . GLN B 1 12 ? -5.212  -9.103  -6.252  1.00 6.39  ? 12  GLN B HG2  1 
ATOM   487 H HG3  . GLN B 1 12 ? -3.836  -9.856  -6.216  1.00 6.73  ? 12  GLN B HG3  1 
ATOM   488 H HE21 . GLN B 1 12 ? -3.936  -9.706  -2.855  1.00 7.41  ? 12  GLN B HE21 1 
ATOM   489 H HE22 . GLN B 1 12 ? -3.823  -10.581 -4.048  1.00 7.36  ? 12  GLN B HE22 1 
ATOM   490 N N    . GLY B 1 13 ? -0.673  -6.248  -7.925  1.00 6.08  ? 13  GLY B N    1 
ATOM   491 C CA   . GLY B 1 13 ? 0.040   -5.580  -8.990  1.00 6.28  ? 13  GLY B CA   1 
ATOM   492 C C    . GLY B 1 13 ? -0.551  -4.307  -9.559  1.00 5.97  ? 13  GLY B C    1 
ATOM   493 O O    . GLY B 1 13 ? 0.134   -3.689  -10.357 1.00 8.72  ? 13  GLY B O    1 
ATOM   494 H H    . GLY B 1 13 ? -0.369  -5.952  -7.032  1.00 6.08  ? 13  GLY B H    1 
ATOM   495 H HA2  . GLY B 1 13 ? 0.919   -5.376  -8.673  1.00 6.20  ? 13  GLY B HA2  1 
ATOM   496 H HA3  . GLY B 1 13 ? 0.168   -6.199  -9.734  1.00 6.30  ? 13  GLY B HA3  1 
ATOM   497 N N    . GLU B 1 14 ? -1.745  -3.907  -9.156  1.00 4.89  ? 14  GLU B N    1 
ATOM   498 C CA   . GLU B 1 14 ? -2.365  -2.683  -9.658  1.00 4.52  ? 14  GLU B CA   1 
ATOM   499 C C    . GLU B 1 14 ? -2.381  -1.682  -8.527  1.00 3.91  ? 14  GLU B C    1 
ATOM   500 O O    . GLU B 1 14 ? -1.305  -1.340  -8.020  1.00 4.50  ? 14  GLU B O    1 
ATOM   501 C CB   . GLU B 1 14 ? -3.708  -2.968  -10.328 1.00 5.21  ? 14  GLU B CB   1 
ATOM   502 C CG   . GLU B 1 14 ? -3.605  -3.958  -11.474 1.00 7.01  ? 14  GLU B CG   1 
ATOM   503 C CD   . GLU B 1 14 ? -2.590  -3.579  -12.517 1.00 9.07  ? 14  GLU B CD   1 
ATOM   504 O OE1  . GLU B 1 14 ? -2.634  -2.418  -12.943 1.00 11.88 ? 14  GLU B OE1  1 
ATOM   505 O OE2  . GLU B 1 14 ? -1.724  -4.431  -12.895 1.00 11.85 ? 14  GLU B OE2  1 
ATOM   506 H H    . GLU B 1 14 ? -2.307  -4.357  -8.450  1.00 4.82  ? 14  GLU B H    1 
ATOM   507 H HA   . GLU B 1 14 ? -1.810  -2.289  -10.352 1.00 4.44  ? 14  GLU B HA   1 
ATOM   508 H HB2  . GLU B 1 14 ? -4.321  -3.379  -9.720  1.00 5.08  ? 14  GLU B HB2  1 
ATOM   509 H HB3  . GLU B 1 14 ? -4.075  -2.147  -10.663 1.00 5.48  ? 14  GLU B HB3  1 
ATOM   510 H HG2  . GLU B 1 14 ? -3.382  -4.829  -11.145 1.00 7.12  ? 14  GLU B HG2  1 
ATOM   511 H HG3  . GLU B 1 14 ? -4.473  -4.015  -11.911 1.00 6.84  ? 14  GLU B HG3  1 
ATOM   512 N N    . HIS B 1 15 ? -3.552  -1.221  -8.112  1.00 3.89  ? 15  HIS B N    1 
ATOM   513 C CA   . HIS B 1 15 ? -3.646  -0.146  -7.133  1.00 3.86  ? 15  HIS B CA   1 
ATOM   514 C C    . HIS B 1 15 ? -4.705  -0.497  -6.085  1.00 3.70  ? 15  HIS B C    1 
ATOM   515 O O    . HIS B 1 15 ? -5.732  -1.095  -6.386  1.00 4.10  ? 15  HIS B O    1 
ATOM   516 C CB   . HIS B 1 15 ? -3.993  1.204   -7.791  1.00 4.15  ? 15  HIS B CB   1 
ATOM   517 C CG   . HIS B 1 15 ? -3.056  1.534   -8.905  1.00 4.47  ? 15  HIS B CG   1 
ATOM   518 N ND1  . HIS B 1 15 ? -1.990  2.384   -8.760  1.00 5.10  ? 15  HIS B ND1  1 
ATOM   519 C CD2  . HIS B 1 15 ? -2.980  1.061   -10.174 1.00 5.30  ? 15  HIS B CD2  1 
ATOM   520 C CE1  . HIS B 1 15 ? -1.294  2.426   -9.878  1.00 5.58  ? 15  HIS B CE1  1 
ATOM   521 N NE2  . HIS B 1 15 ? -1.866  1.630   -10.752 1.00 5.79  ? 15  HIS B NE2  1 
ATOM   522 H H    . HIS B 1 15 ? -4.469  -1.553  -8.399  1.00 4.06  ? 15  HIS B H    1 
ATOM   523 H HA   . HIS B 1 15 ? -2.797  -0.055  -6.653  1.00 3.99  ? 15  HIS B HA   1 
ATOM   524 H HB2  . HIS B 1 15 ? -4.902  1.174   -8.113  1.00 4.33  ? 15  HIS B HB2  1 
ATOM   525 H HB3  . HIS B 1 15 ? -3.922  1.896   -7.102  1.00 4.26  ? 15  HIS B HB3  1 
ATOM   526 H HD1  . HIS B 1 15 ? -1.797  2.815   -8.037  1.00 5.01  ? 15  HIS B HD1  1 
ATOM   527 H HD2  . HIS B 1 15 ? -3.554  0.449   -10.551 1.00 5.30  ? 15  HIS B HD2  1 
ATOM   528 H HE1  . HIS B 1 15 ? -0.529  2.937   -10.024 1.00 5.43  ? 15  HIS B HE1  1 
ATOM   529 H HE2  . HIS B 1 15 ? -1.622  1.519   -11.567 1.00 5.21  ? 15  HIS B HE2  1 
ATOM   530 N N    . TYR B 1 16 ? -4.428  -0.112  -4.854  1.00 4.12  ? 16  TYR B N    1 
ATOM   531 C CA   . TYR B 1 16 ? -5.453  0.034   -3.845  1.00 3.91  ? 16  TYR B CA   1 
ATOM   532 C C    . TYR B 1 16 ? -6.207  1.337   -4.105  1.00 4.16  ? 16  TYR B C    1 
ATOM   533 O O    . TYR B 1 16 ? -5.676  2.240   -4.728  1.00 6.75  ? 16  TYR B O    1 
ATOM   534 C CB   . TYR B 1 16 ? -4.807  0.129   -2.454  1.00 4.26  ? 16  TYR B CB   1 
ATOM   535 C CG   . TYR B 1 16 ? -4.183  -1.156  -1.993  1.00 4.64  ? 16  TYR B CG   1 
ATOM   536 C CD1  . TYR B 1 16 ? -4.994  -2.246  -1.707  1.00 5.50  ? 16  TYR B CD1  1 
ATOM   537 C CD2  . TYR B 1 16 ? -2.839  -1.285  -1.767  1.00 5.27  ? 16  TYR B CD2  1 
ATOM   538 C CE1  . TYR B 1 16 ? -4.476  -3.434  -1.214  1.00 6.42  ? 16  TYR B CE1  1 
ATOM   539 C CE2  . TYR B 1 16 ? -2.300  -2.475  -1.268  1.00 5.45  ? 16  TYR B CE2  1 
ATOM   540 C CZ   . TYR B 1 16 ? -3.119  -3.524  -1.001  1.00 6.18  ? 16  TYR B CZ   1 
ATOM   541 O OH   . TYR B 1 16 ? -2.553  -4.663  -0.480  1.00 7.46  ? 16  TYR B OH   1 
ATOM   542 H H    . TYR B 1 16 ? -3.521  0.207   -4.545  1.00 3.96  ? 16  TYR B H    1 
ATOM   543 H HA   . TYR B 1 16 ? -6.077  -0.733  -3.842  1.00 4.02  ? 16  TYR B HA   1 
ATOM   544 H HB2  . TYR B 1 16 ? -4.113  0.809   -2.422  1.00 4.33  ? 16  TYR B HB2  1 
ATOM   545 H HB3  . TYR B 1 16 ? -5.473  0.377   -1.790  1.00 4.25  ? 16  TYR B HB3  1 
ATOM   546 H HD1  . TYR B 1 16 ? -5.913  -2.179  -1.882  1.00 5.46  ? 16  TYR B HD1  1 
ATOM   547 H HD2  . TYR B 1 16 ? -2.317  -0.556  -1.921  1.00 5.29  ? 16  TYR B HD2  1 
ATOM   548 H HE1  . TYR B 1 16 ? -5.032  -4.180  -1.070  1.00 5.88  ? 16  TYR B HE1  1 
ATOM   549 H HE2  . TYR B 1 16 ? -1.417  -2.557  -1.112  1.00 5.39  ? 16  TYR B HE2  1 
ATOM   550 H HH   . TYR B 1 16 ? -2.705  -5.301  -0.969  0.00 7.42  ? 16  TYR B HH   1 
ATOM   551 N N    . LEU B 1 17 ? -7.429  1.440   -3.584  1.00 4.09  ? 17  LEU B N    1 
ATOM   552 C CA   . LEU B 1 17 ? -8.054  2.761   -3.570  1.00 4.98  ? 17  LEU B CA   1 
ATOM   553 C C    . LEU B 1 17 ? -7.265  3.719   -2.657  1.00 4.65  ? 17  LEU B C    1 
ATOM   554 O O    . LEU B 1 17 ? -7.024  4.871   -3.018  1.00 5.99  ? 17  LEU B O    1 
ATOM   555 C CB   . LEU B 1 17 ? -9.503  2.715   -3.146  1.00 6.00  ? 17  LEU B CB   1 
ATOM   556 C CG   . LEU B 1 17 ? -10.175 4.086   -3.170  1.00 7.79  ? 17  LEU B CG   1 
ATOM   557 C CD1  . LEU B 1 17 ? -10.222 4.711   -4.569  1.00 9.04  ? 17  LEU B CD1  1 
ATOM   558 C CD2  . LEU B 1 17 ? -11.589 3.959   -2.615  1.00 10.07 ? 17  LEU B CD2  1 
ATOM   559 H H    . LEU B 1 17 ? -7.950  0.686   -3.183  1.00 4.14  ? 17  LEU B H    1 
ATOM   560 H HA   . LEU B 1 17 ? -8.019  3.112   -4.490  1.00 4.99  ? 17  LEU B HA   1 
ATOM   561 H HB2  . LEU B 1 17 ? -9.981  2.126   -3.748  1.00 5.99  ? 17  LEU B HB2  1 
ATOM   562 H HB3  . LEU B 1 17 ? -9.543  2.369   -2.250  1.00 6.30  ? 17  LEU B HB3  1 
ATOM   563 H HG   . LEU B 1 17 ? -9.716  4.692   -2.593  1.00 7.47  ? 17  LEU B HG   1 
ATOM   564 H HD11 . LEU B 1 17 ? -9.352  4.980   -4.831  1.00 8.41  ? 17  LEU B HD11 1 
ATOM   565 H HD12 . LEU B 1 17 ? -10.822 5.465   -4.559  1.00 7.40  ? 17  LEU B HD12 1 
ATOM   566 H HD13 . LEU B 1 17 ? -10.562 4.060   -5.195  1.00 8.42  ? 17  LEU B HD13 1 
ATOM   567 H HD21 . LEU B 1 17 ? -12.056 3.248   -3.083  1.00 9.53  ? 17  LEU B HD21 1 
ATOM   568 H HD22 . LEU B 1 17 ? -12.051 4.785   -2.710  1.00 9.59  ? 17  LEU B HD22 1 
ATOM   569 H HD23 . LEU B 1 17 ? -11.541 3.730   -1.686  1.00 10.01 ? 17  LEU B HD23 1 
ATOM   570 N N    . PHE B 1 18 ? -6.907  3.268   -1.435  1.00 3.86  ? 18  PHE B N    1 
ATOM   571 C CA   . PHE B 1 18 ? -6.287  4.161   -0.483  1.00 3.65  ? 18  PHE B CA   1 
ATOM   572 C C    . PHE B 1 18 ? -5.305  3.401   0.400   1.00 3.57  ? 18  PHE B C    1 
ATOM   573 O O    . PHE B 1 18 ? -5.349  2.168   0.499   1.00 3.97  ? 18  PHE B O    1 
ATOM   574 C CB   . PHE B 1 18 ? -7.331  4.901   0.389   1.00 4.10  ? 18  PHE B CB   1 
ATOM   575 C CG   . PHE B 1 18 ? -8.158  4.004   1.278   1.00 4.49  ? 18  PHE B CG   1 
ATOM   576 C CD1  . PHE B 1 18 ? -7.733  3.684   2.571   1.00 6.00  ? 18  PHE B CD1  1 
ATOM   577 C CD2  . PHE B 1 18 ? -9.349  3.473   0.818   1.00 6.41  ? 18  PHE B CD2  1 
ATOM   578 C CE1  . PHE B 1 18 ? -8.502  2.879   3.396   1.00 7.05  ? 18  PHE B CE1  1 
ATOM   579 C CE2  . PHE B 1 18 ? -10.121 2.672   1.643   1.00 7.78  ? 18  PHE B CE2  1 
ATOM   580 C CZ   . PHE B 1 18 ? -9.700  2.374   2.948   1.00 7.34  ? 18  PHE B CZ   1 
ATOM   581 H H    . PHE B 1 18 ? -7.042  2.314   -1.137  1.00 3.82  ? 18  PHE B H    1 
ATOM   582 H HA   . PHE B 1 18 ? -5.763  4.832   -0.948  1.00 3.71  ? 18  PHE B HA   1 
ATOM   583 H HB2  . PHE B 1 18 ? -6.871  5.524   0.961   1.00 4.20  ? 18  PHE B HB2  1 
ATOM   584 H HB3  . PHE B 1 18 ? -7.932  5.392   -0.197  1.00 4.06  ? 18  PHE B HB3  1 
ATOM   585 H HD1  . PHE B 1 18 ? -6.929  4.016   2.892   1.00 5.82  ? 18  PHE B HD1  1 
ATOM   586 H HD2  . PHE B 1 18 ? -9.659  3.715   -0.013  1.00 5.88  ? 18  PHE B HD2  1 
ATOM   587 H HE1  . PHE B 1 18 ? -8.212  2.662   4.253   1.00 6.65  ? 18  PHE B HE1  1 
ATOM   588 H HE2  . PHE B 1 18 ? -10.929 2.340   1.329   1.00 6.99  ? 18  PHE B HE2  1 
ATOM   589 H HZ   . PHE B 1 18 ? -10.217 1.815   3.481   1.00 6.09  ? 18  PHE B HZ   1 
ATOM   590 N N    . ALA B 1 19 ? -4.451  4.158   1.077   1.00 3.81  ? 19  ALA B N    1 
ATOM   591 C CA   . ALA B 1 19 ? -3.497  3.589   2.018   1.00 3.97  ? 19  ALA B CA   1 
ATOM   592 C C    . ALA B 1 19 ? -3.157  4.649   3.047   1.00 4.19  ? 19  ALA B C    1 
ATOM   593 O O    . ALA B 1 19 ? -3.323  5.848   2.815   1.00 5.43  ? 19  ALA B O    1 
ATOM   594 C CB   . ALA B 1 19 ? -2.269  3.046   1.343   1.00 5.32  ? 19  ALA B CB   1 
ATOM   595 H H    . ALA B 1 19 ? -4.389  5.163   0.985   1.00 3.69  ? 19  ALA B H    1 
ATOM   596 H HA   . ALA B 1 19 ? -3.928  2.846   2.494   1.00 4.10  ? 19  ALA B HA   1 
ATOM   597 H HB1  . ALA B 1 19 ? -2.519  2.320   0.771   1.00 5.10  ? 19  ALA B HB1  1 
ATOM   598 H HB2  . ALA B 1 19 ? -1.659  2.746   2.018   1.00 5.09  ? 19  ALA B HB2  1 
ATOM   599 H HB3  . ALA B 1 19 ? -1.863  3.771   0.840   1.00 5.41  ? 19  ALA B HB3  1 
ATOM   600 N N    A GLY B 1 20 ? -2.777  4.155   4.213   0.50 5.10  ? 20  GLY B N    1 
ATOM   601 N N    B GLY B 1 20 ? -2.516  4.213   4.145   0.50 4.48  ? 20  GLY B N    1 
ATOM   602 C CA   A GLY B 1 20 ? -2.524  5.020   5.306   0.50 6.22  ? 20  GLY B CA   1 
ATOM   603 C CA   B GLY B 1 20 ? -1.936  5.113   5.161   0.50 4.78  ? 20  GLY B CA   1 
ATOM   604 C C    A GLY B 1 20 ? -1.498  4.499   6.237   0.50 5.36  ? 20  GLY B C    1 
ATOM   605 C C    B GLY B 1 20 ? -0.693  4.505   5.813   0.50 5.62  ? 20  GLY B C    1 
ATOM   606 O O    A GLY B 1 20 ? -1.104  3.329   6.188   0.50 5.75  ? 20  GLY B O    1 
ATOM   607 O O    B GLY B 1 20 ? -0.391  3.359   5.553   0.50 6.77  ? 20  GLY B O    1 
ATOM   608 H H    A GLY B 1 20 ? -2.644  3.174   4.416   0.50 4.85  ? 20  GLY B H    1 
ATOM   609 H H    B GLY B 1 20 ? -2.384  3.234   4.357   0.50 4.38  ? 20  GLY B H    1 
ATOM   610 H HA2  A GLY B 1 20 ? -2.219  5.890   5.006   0.50 6.12  ? 20  GLY B HA2  1 
ATOM   611 H HA2  B GLY B 1 20 ? -1.687  5.963   4.767   0.50 4.94  ? 20  GLY B HA2  1 
ATOM   612 H HA3  A GLY B 1 20 ? -3.346  5.144   5.814   0.50 6.00  ? 20  GLY B HA3  1 
ATOM   613 H HA3  B GLY B 1 20 ? -2.593  5.271   5.854   0.50 4.77  ? 20  GLY B HA3  1 
ATOM   614 N N    A GLY B 1 21 ? -1.079  5.367   7.136   0.50 8.06  ? 21  GLY B N    1 
ATOM   615 N N    B GLY B 1 21 ? 0.039   5.291   6.603   0.50 6.90  ? 21  GLY B N    1 
ATOM   616 C CA   A GLY B 1 21 ? 0.141   5.109   7.888   0.50 10.48 ? 21  GLY B CA   1 
ATOM   617 C CA   B GLY B 1 21 ? 1.301   4.866   7.203   0.50 6.94  ? 21  GLY B CA   1 
ATOM   618 C C    A GLY B 1 21 ? 1.403   5.157   7.032   0.50 12.08 ? 21  GLY B C    1 
ATOM   619 C C    B GLY B 1 21 ? 2.513   4.971   6.324   0.50 8.08  ? 21  GLY B C    1 
ATOM   620 O O    A GLY B 1 21 ? 1.377   5.450   5.840   0.50 13.56 ? 21  GLY B O    1 
ATOM   621 O O    B GLY B 1 21 ? 3.523   4.359   6.731   0.50 10.12 ? 21  GLY B O    1 
ATOM   622 O OXT  A GLY B 1 21 ? 2.515   4.913   7.504   0.50 15.64 ? 21  GLY B OXT  1 
ATOM   623 O OXT  B GLY B 1 21 ? 2.465   5.674   5.280   0.50 10.59 ? 21  GLY B OXT  1 
ATOM   624 H H    A GLY B 1 21 ? -1.530  6.246   7.353   0.50 7.87  ? 21  GLY B H    1 
ATOM   625 H H    B GLY B 1 21 ? -0.230  6.231   6.853   0.50 6.79  ? 21  GLY B H    1 
ATOM   626 H HA2  A GLY B 1 21 ? 0.225   5.769   8.594   0.50 10.41 ? 21  GLY B HA2  1 
ATOM   627 H HA2  B GLY B 1 21 ? 1.465   5.429   7.976   0.50 6.25  ? 21  GLY B HA2  1 
ATOM   628 H HA3  A GLY B 1 21 ? 0.091   4.245   8.299   0.50 10.41 ? 21  GLY B HA3  1 
ATOM   629 H HA3  B GLY B 1 21 ? 1.230   3.961   7.524   0.50 7.58  ? 21  GLY B HA3  1 
HETATM 630 O O    A HOH C 2 .  ? 2.406   5.630   -1.309  0.50 5.64  ? 101 HOH A O    1 
HETATM 631 O O    B HOH C 2 .  ? 3.247   3.380   -2.557  0.50 9.01  ? 101 HOH A O    1 
HETATM 632 O O    A HOH C 2 .  ? 4.827   0.296   -9.617  0.58 7.98  ? 102 HOH A O    1 
HETATM 633 O O    B HOH C 2 .  ? 4.073   -0.378  -9.679  0.42 11.69 ? 102 HOH A O    1 
HETATM 634 O O    . HOH C 2 .  ? 2.780   2.870   13.965  1.00 17.78 ? 103 HOH A O    1 
HETATM 635 O O    . HOH C 2 .  ? 1.032   -2.576  -1.796  1.00 6.52  ? 104 HOH A O    1 
HETATM 636 O O    . HOH C 2 .  ? 9.887   -5.603  5.635   1.00 14.57 ? 105 HOH A O    1 
HETATM 637 O O    . HOH C 2 .  ? -8.584  -4.287  -5.163  1.00 7.04  ? 106 HOH A O    1 
HETATM 638 O O    A HOH C 2 .  ? 3.692   -7.321  6.777   0.35 12.57 ? 107 HOH A O    1 
HETATM 639 O O    B HOH C 2 .  ? 4.094   -7.361  6.118   0.65 10.77 ? 107 HOH A O    1 
HETATM 640 O O    . HOH C 2 .  ? -7.449  -5.241  -2.586  1.00 7.91  ? 108 HOH A O    1 
HETATM 641 O O    . HOH C 2 .  ? 13.398  0.004   1.437   1.00 7.92  ? 109 HOH A O    1 
HETATM 642 O O    . HOH C 2 .  ? 0.514   -2.741  9.050   1.00 13.04 ? 110 HOH A O    1 
HETATM 643 O O    A HOH C 2 .  ? 2.837   1.188   -2.872  0.57 5.36  ? 111 HOH A O    1 
HETATM 644 O O    B HOH C 2 .  ? 2.633   0.676   -2.452  0.43 6.60  ? 111 HOH A O    1 
HETATM 645 O O    . HOH C 2 .  ? 2.068   -6.213  0.234   1.00 9.17  ? 112 HOH A O    1 
HETATM 646 O O    . HOH C 2 .  ? 9.587   9.332   -0.168  1.00 19.21 ? 113 HOH A O    1 
HETATM 647 O O    . HOH C 2 .  ? 8.480   7.969   -3.628  1.00 22.35 ? 114 HOH A O    1 
HETATM 648 O O    . HOH C 2 .  ? 6.765   -7.307  7.134   1.00 17.49 ? 115 HOH A O    1 
HETATM 649 O O    A HOH C 2 .  ? 1.993   4.213   -4.977  0.61 6.35  ? 116 HOH A O    1 
HETATM 650 O O    B HOH C 2 .  ? 1.499   4.391   -5.766  0.39 5.85  ? 116 HOH A O    1 
HETATM 651 O O    A HOH C 2 .  ? 4.785   6.756   4.563   0.50 13.52 ? 117 HOH A O    1 
HETATM 652 O O    B HOH C 2 .  ? 4.396   5.850   6.161   0.50 15.27 ? 117 HOH A O    1 
HETATM 653 O O    . HOH C 2 .  ? 4.680   9.452   2.930   1.00 17.38 ? 118 HOH A O    1 
HETATM 654 O O    . HOH D 2 .  ? 7.287   -2.125  -6.945  1.00 14.01 ? 101 HOH B O    1 
HETATM 655 O O    . HOH D 2 .  ? -4.348  -6.277  0.579   1.00 11.33 ? 102 HOH B O    1 
HETATM 656 O O    . HOH D 2 .  ? -0.923  -8.158  2.263   1.00 11.77 ? 103 HOH B O    1 
HETATM 657 O O    . HOH D 2 .  ? -1.407  0.960   -13.352 1.00 16.87 ? 104 HOH B O    1 
HETATM 658 O O    . HOH D 2 .  ? -9.167  3.359   -8.271  1.00 8.00  ? 105 HOH B O    1 
HETATM 659 O O    . HOH D 2 .  ? -5.837  -7.244  -1.670  1.00 12.41 ? 106 HOH B O    1 
HETATM 660 O O    . HOH D 2 .  ? 0.060   -5.142  -1.290  1.00 7.63  ? 107 HOH B O    1 
HETATM 661 O O    . HOH D 2 .  ? -4.325  1.969   -14.239 1.00 25.23 ? 108 HOH B O    1 
HETATM 662 O O    . HOH D 2 .  ? 0.793   -0.910  -10.059 1.00 15.75 ? 109 HOH B O    1 
HETATM 663 O O    . HOH D 2 .  ? -2.581  4.695   -11.747 1.00 7.51  ? 110 HOH B O    1 
HETATM 664 O O    . HOH D 2 .  ? -2.540  5.874   -9.306  1.00 6.30  ? 111 HOH B O    1 
HETATM 665 O O    . HOH D 2 .  ? 3.674   -7.930  -1.136  1.00 13.87 ? 112 HOH B O    1 
HETATM 666 O O    . HOH D 2 .  ? -3.120  5.952   -14.129 1.00 10.32 ? 113 HOH B O    1 
HETATM 667 O O    . HOH D 2 .  ? -8.045  -1.538  -14.357 1.00 19.48 ? 114 HOH B O    1 
HETATM 668 O O    . HOH D 2 .  ? 2.468   1.041   -11.079 1.00 18.04 ? 115 HOH B O    1 
HETATM 669 O O    . HOH D 2 .  ? 5.568   -6.677  -2.660  1.00 12.27 ? 116 HOH B O    1 
HETATM 670 O O    . HOH D 2 .  ? 5.748   -8.975  0.471   1.00 23.46 ? 117 HOH B O    1 
# 
loop_
_atom_site_anisotrop.id 
_atom_site_anisotrop.type_symbol 
_atom_site_anisotrop.pdbx_label_atom_id 
_atom_site_anisotrop.pdbx_label_alt_id 
_atom_site_anisotrop.pdbx_label_comp_id 
_atom_site_anisotrop.pdbx_label_asym_id 
_atom_site_anisotrop.pdbx_label_seq_id 
_atom_site_anisotrop.pdbx_PDB_ins_code 
_atom_site_anisotrop.U[1][1] 
_atom_site_anisotrop.U[2][2] 
_atom_site_anisotrop.U[3][3] 
_atom_site_anisotrop.U[1][2] 
_atom_site_anisotrop.U[1][3] 
_atom_site_anisotrop.U[2][3] 
_atom_site_anisotrop.pdbx_auth_seq_id 
_atom_site_anisotrop.pdbx_auth_comp_id 
_atom_site_anisotrop.pdbx_auth_asym_id 
_atom_site_anisotrop.pdbx_auth_atom_id 
1   N N    . GLY A 1  ? 0.0749 0.0708 0.0711 0.0227  0.0032  -0.0019 1   GLY A N    
2   C CA   . GLY A 1  ? 0.0814 0.0808 0.0733 0.0306  0.0097  0.0003  1   GLY A CA   
3   C C    . GLY A 1  ? 0.0813 0.0640 0.0706 0.0199  0.0052  -0.0005 1   GLY A C    
4   O O    . GLY A 1  ? 0.0700 0.0613 0.0748 0.0164  0.0012  -0.0053 1   GLY A O    
5   H H2   . GLY A 1  ? 0.0744 0.0704 0.0716 0.0158  0.0028  -0.0059 1   GLY A H2   
6   H HA2  . GLY A 1  ? 0.0759 0.0683 0.0796 0.0133  0.0050  -0.0043 1   GLY A HA2  
7   H HA3  . GLY A 1  ? 0.0806 0.0846 0.0748 0.0242  0.0023  -0.0007 1   GLY A HA3  
8   N N    . ILE A 2  ? 0.0987 0.0788 0.0764 0.0265  0.0019  -0.0080 2   ILE A N    
9   C CA   . ILE A 2  ? 0.1021 0.0675 0.0816 0.0097  -0.0030 -0.0160 2   ILE A CA   
10  C C    . ILE A 2  ? 0.0878 0.0734 0.0860 0.0121  -0.0083 -0.0106 2   ILE A C    
11  O O    . ILE A 2  ? 0.0836 0.0841 0.1125 -0.0010 -0.0164 -0.0005 2   ILE A O    
12  C CB   . ILE A 2  ? 0.1622 0.0666 0.0985 0.0074  -0.0129 -0.0212 2   ILE A CB   
13  C CG1  . ILE A 2  ? 0.2080 0.0996 0.1250 0.0341  0.0086  -0.0265 2   ILE A CG1  
14  C CG2  . ILE A 2  ? 0.1762 0.0944 0.1028 -0.0108 -0.0124 -0.0103 2   ILE A CG2  
15  C CD1  . ILE A 2  ? 0.2694 0.0989 0.1200 0.0344  0.0009  -0.0310 2   ILE A CD1  
16  H H    . ILE A 2  ? 0.0884 0.0743 0.0782 0.0173  0.0033  -0.0053 2   ILE A H    
17  H HA   . ILE A 2  ? 0.0953 0.0717 0.0830 0.0086  -0.0025 -0.0096 2   ILE A HA   
18  H HB   . ILE A 2  ? 0.1514 0.0786 0.1033 0.0076  -0.0049 -0.0193 2   ILE A HB   
19  H HG12 . ILE A 2  ? 0.1968 0.1002 0.1299 0.0220  0.0013  -0.0305 2   ILE A HG12 
20  H HG13 . ILE A 2  ? 0.1837 0.1085 0.1263 0.0174  -0.0062 -0.0252 2   ILE A HG13 
21  H HG21 . ILE A 2  ? 0.1567 0.0984 0.1077 -0.0169 -0.0123 -0.0047 2   ILE A HG21 
22  H HG22 . ILE A 2  ? 0.1675 0.1026 0.1010 -0.0038 -0.0133 -0.0185 2   ILE A HG22 
23  H HG23 . ILE A 2  ? 0.1610 0.0950 0.1113 -0.0057 -0.0074 -0.0164 2   ILE A HG23 
24  H HD11 . ILE A 2  ? 0.2247 0.1115 0.1431 0.0270  0.0006  -0.0269 2   ILE A HD11 
25  H HD12 . ILE A 2  ? 0.2064 0.1181 0.1348 0.0082  0.0056  -0.0134 2   ILE A HD12 
26  H HD13 . ILE A 2  ? 0.2171 0.1331 0.1461 0.0199  -0.0107 -0.0270 2   ILE A HD13 
27  N N    . GLU A 3  ? 0.0789 0.0901 0.0738 0.0117  -0.0039 -0.0021 3   GLU A N    
28  C CA   . GLU A 3  ? 0.0724 0.0988 0.0712 0.0028  -0.0026 -0.0004 3   GLU A CA   
29  C C    . GLU A 3  ? 0.0570 0.0863 0.0660 -0.0089 0.0014  0.0047  3   GLU A C    
30  O O    . GLU A 3  ? 0.0607 0.0877 0.0645 -0.0059 0.0020  0.0034  3   GLU A O    
31  C CB   . GLU A 3  ? 0.0784 0.1182 0.0735 -0.0002 0.0025  0.0009  3   GLU A CB   
32  C CG   . GLU A 3  ? 0.0867 0.1227 0.1058 0.0043  0.0035  -0.0008 3   GLU A CG   
33  C CD   . GLU A 3  ? 0.0874 0.1050 0.1079 0.0002  0.0022  -0.0138 3   GLU A CD   
34  O OE1  . GLU A 3  ? 0.1238 0.1439 0.0954 0.0164  -0.0059 -0.0170 3   GLU A OE1  
35  O OE2  . GLU A 3  ? 0.1303 0.1533 0.1292 0.0357  -0.0070 -0.0386 3   GLU A OE2  
36  H H    . GLU A 3  ? 0.0779 0.0894 0.0768 0.0097  -0.0050 -0.0039 3   GLU A H    
37  H HA   . GLU A 3  ? 0.0731 0.0887 0.0738 0.0015  -0.0019 -0.0002 3   GLU A HA   
38  H HB2  . GLU A 3  ? 0.0781 0.1014 0.0781 0.0025  0.0002  -0.0013 3   GLU A HB2  
39  H HB3  . GLU A 3  ? 0.0828 0.1085 0.0832 0.0015  0.0040  -0.0002 3   GLU A HB3  
40  H HG2  . GLU A 3  ? 0.0902 0.1168 0.0969 0.0056  0.0018  -0.0040 3   GLU A HG2  
41  H HG3  . GLU A 3  ? 0.0900 0.1151 0.0974 0.0005  0.0009  -0.0010 3   GLU A HG3  
42  N N    . PRO A 4  ? 0.0638 0.0922 0.0633 -0.0076 -0.0006 0.0057  4   PRO A N    
43  C CA   . PRO A 4  ? 0.0646 0.0879 0.0696 -0.0114 -0.0037 0.0050  4   PRO A CA   
44  C C    . PRO A 4  ? 0.0870 0.0905 0.0778 -0.0224 -0.0084 0.0124  4   PRO A C    
45  O O    . PRO A 4  ? 0.1141 0.0908 0.1182 -0.0185 -0.0089 0.0002  4   PRO A O    
46  C CB   . PRO A 4  ? 0.0775 0.1054 0.0775 -0.0009 -0.0104 0.0135  4   PRO A CB   
47  C CG   . PRO A 4  ? 0.0860 0.1204 0.0769 -0.0050 -0.0044 0.0169  4   PRO A CG   
48  C CD   . PRO A 4  ? 0.0883 0.1095 0.0673 -0.0030 -0.0075 0.0013  4   PRO A CD   
49  H HA   . PRO A 4  ? 0.0679 0.0917 0.0690 -0.0102 -0.0028 0.0077  4   PRO A HA   
50  H HB2  . PRO A 4  ? 0.0777 0.1021 0.0779 -0.0064 -0.0059 0.0080  4   PRO A HB2  
51  H HB3  . PRO A 4  ? 0.0800 0.0970 0.0743 -0.0014 -0.0063 0.0063  4   PRO A HB3  
52  H HG2  . PRO A 4  ? 0.0879 0.1040 0.0746 -0.0021 -0.0062 0.0062  4   PRO A HG2  
53  H HG3  . PRO A 4  ? 0.0873 0.1064 0.0814 -0.0060 -0.0034 0.0064  4   PRO A HG3  
54  H HD2  . PRO A 4  ? 0.0875 0.1058 0.0707 -0.0035 -0.0068 0.0046  4   PRO A HD2  
55  H HD3  . PRO A 4  ? 0.0880 0.1014 0.0678 0.0000  -0.0045 0.0029  4   PRO A HD3  
56  N N    . LEU A 5  ? 0.0885 0.1001 0.0947 -0.0312 -0.0180 0.0234  5   LEU A N    
57  C CA   A LEU A 5  ? 0.1125 0.1090 0.1098 -0.0493 -0.0305 0.0338  5   LEU A CA   
58  C CA   B LEU A 5  ? 0.1068 0.1157 0.1121 -0.0454 -0.0215 0.0174  5   LEU A CA   
59  C C    . LEU A 5  ? 0.0936 0.1231 0.0954 -0.0552 -0.0129 0.0383  5   LEU A C    
60  O O    . LEU A 5  ? 0.0921 0.1498 0.1109 -0.0514 -0.0184 0.0217  5   LEU A O    
61  C CB   A LEU A 5  ? 0.1488 0.1305 0.1193 -0.0599 -0.0376 0.0478  5   LEU A CB   
62  C CB   B LEU A 5  ? 0.1392 0.1149 0.1178 -0.0361 -0.0081 0.0156  5   LEU A CB   
63  C CG   A LEU A 5  ? 0.1557 0.1813 0.1338 -0.0360 -0.0424 0.0149  5   LEU A CG   
64  C CG   B LEU A 5  ? 0.1347 0.1422 0.1279 -0.0327 0.0086  0.0150  5   LEU A CG   
65  C CD1  A LEU A 5  ? 0.1310 0.1919 0.1584 -0.0470 -0.0161 0.0219  5   LEU A CD1  
66  C CD1  B LEU A 5  ? 0.1473 0.1487 0.1491 -0.0294 0.0020  -0.0055 5   LEU A CD1  
67  C CD2  A LEU A 5  ? 0.1544 0.1838 0.1431 -0.0565 -0.0131 0.0112  5   LEU A CD2  
68  C CD2  B LEU A 5  ? 0.1605 0.1534 0.1246 0.0000  0.0133  0.0364  5   LEU A CD2  
69  H H    . LEU A 5  ? 0.0992 0.1095 0.0914 -0.0259 -0.0154 0.0176  5   LEU A H    
70  H HA   A LEU A 5  ? 0.1192 0.1203 0.1128 -0.0359 -0.0249 0.0337  5   LEU A HA   
71  H HA   B LEU A 5  ? 0.1108 0.1139 0.1156 -0.0308 -0.0177 0.0220  5   LEU A HA   
72  H HB2  A LEU A 5  ? 0.1373 0.1381 0.1222 -0.0486 -0.0340 0.0326  5   LEU A HB2  
73  H HB2  B LEU A 5  ? 0.1279 0.1256 0.1146 -0.0247 -0.0079 0.0053  5   LEU A HB2  
74  H HB3  A LEU A 5  ? 0.1291 0.1396 0.1378 -0.0490 -0.0316 0.0238  5   LEU A HB3  
75  H HB3  B LEU A 5  ? 0.1372 0.1272 0.1227 -0.0320 -0.0053 0.0124  5   LEU A HB3  
76  H HG   A LEU A 5  ? 0.1325 0.1722 0.1505 -0.0432 -0.0291 0.0154  5   LEU A HG   
77  H HG   B LEU A 5  ? 0.1375 0.1400 0.1249 -0.0208 0.0000  0.0050  5   LEU A HG   
78  H HD11 A LEU A 5  ? 0.1431 0.1780 0.1610 -0.0325 -0.0172 0.0224  5   LEU A HD11 
79  H HD11 B LEU A 5  ? 0.1418 0.1526 0.1402 -0.0212 0.0025  0.0027  5   LEU A HD11 
80  H HD12 A LEU A 5  ? 0.1420 0.1825 0.1527 -0.0322 -0.0190 0.0149  5   LEU A HD12 
81  H HD12 B LEU A 5  ? 0.1387 0.1436 0.1476 -0.0185 -0.0008 0.0017  5   LEU A HD12 
82  H HD13 A LEU A 5  ? 0.1380 0.1842 0.1584 -0.0352 -0.0180 0.0141  5   LEU A HD13 
83  H HD13 B LEU A 5  ? 0.1425 0.1484 0.1406 -0.0201 -0.0004 -0.0037 5   LEU A HD13 
84  H HD21 A LEU A 5  ? 0.1556 0.1791 0.1487 -0.0387 -0.0152 0.0045  5   LEU A HD21 
85  H HD21 B LEU A 5  ? 0.1638 0.1543 0.1338 0.0023  0.0117  0.0171  5   LEU A HD21 
86  H HD22 A LEU A 5  ? 0.1498 0.1787 0.1414 -0.0360 -0.0150 0.0071  5   LEU A HD22 
87  H HD22 B LEU A 5  ? 0.1525 0.1458 0.1301 -0.0012 0.0120  0.0205  5   LEU A HD22 
88  H HD23 A LEU A 5  ? 0.1562 0.1842 0.1524 -0.0385 -0.0095 0.0081  5   LEU A HD23 
89  H HD23 B LEU A 5  ? 0.1569 0.1487 0.1359 -0.0046 0.0076  0.0233  5   LEU A HD23 
90  N N    . GLY A 6  ? 0.0911 0.1144 0.1076 -0.0509 -0.0215 0.0374  6   GLY A N    
91  C CA   . GLY A 6  ? 0.0748 0.1225 0.0996 -0.0440 -0.0047 0.0273  6   GLY A CA   
92  C C    . GLY A 6  ? 0.0504 0.1149 0.0969 -0.0356 -0.0054 0.0171  6   GLY A C    
93  O O    . GLY A 6  ? 0.0608 0.1125 0.1103 -0.0186 -0.0123 0.0105  6   GLY A O    
94  H H    . GLY A 6  ? 0.1004 0.1304 0.1021 -0.0376 -0.0153 0.0295  6   GLY A H    
95  H HA2  . GLY A 6  ? 0.0697 0.0874 0.0833 -0.0269 0.0081  0.0045  6   GLY A HA2  
96  H HA3  . GLY A 6  ? 0.0788 0.1270 0.0978 -0.0348 -0.0050 0.0211  6   GLY A HA3  
97  N N    . PRO A 7  ? 0.0438 0.1301 0.0894 -0.0182 0.0047  0.0035  7   PRO A N    
98  C CA   . PRO A 7  ? 0.0417 0.1093 0.0861 -0.0100 -0.0025 -0.0067 7   PRO A CA   
99  C C    . PRO A 7  ? 0.0439 0.0938 0.0759 -0.0037 -0.0028 -0.0053 7   PRO A C    
100 O O    . PRO A 7  ? 0.0530 0.1068 0.0852 -0.0094 0.0102  -0.0165 7   PRO A O    
101 C CB   . PRO A 7  ? 0.0500 0.1238 0.0999 0.0021  -0.0044 -0.0123 7   PRO A CB   
102 C CG   . PRO A 7  ? 0.0747 0.1659 0.1202 0.0044  0.0091  -0.0047 7   PRO A CG   
103 C CD   . PRO A 7  ? 0.0602 0.1494 0.1075 -0.0046 0.0183  0.0001  7   PRO A CD   
104 H HA   . PRO A 7  ? 0.0450 0.1081 0.0867 -0.0091 -0.0024 -0.0057 7   PRO A HA   
105 H HB2  . PRO A 7  ? 0.0547 0.1234 0.0986 0.0010  -0.0011 -0.0095 7   PRO A HB2  
106 H HB3  . PRO A 7  ? 0.0534 0.1081 0.0974 0.0020  -0.0031 -0.0064 7   PRO A HB3  
107 H HG2  . PRO A 7  ? 0.0853 0.1479 0.1155 0.0036  -0.0024 -0.0077 7   PRO A HG2  
108 H HG3  . PRO A 7  ? 0.0747 0.1572 0.1097 0.0104  0.0043  -0.0105 7   PRO A HG3  
109 H HD2  . PRO A 7  ? 0.0635 0.1484 0.1038 -0.0091 0.0100  0.0006  7   PRO A HD2  
110 H HD3  . PRO A 7  ? 0.0815 0.1388 0.1023 -0.0077 0.0086  0.0021  7   PRO A HD3  
111 N N    . VAL A 8  ? 0.0448 0.0773 0.0793 -0.0030 0.0003  -0.0050 8   VAL A N    
112 C CA   . VAL A 8  ? 0.0432 0.0764 0.0801 -0.0010 -0.0013 -0.0033 8   VAL A CA   
113 C C    . VAL A 8  ? 0.0423 0.0793 0.0685 0.0004  -0.0015 -0.0022 8   VAL A C    
114 O O    . VAL A 8  ? 0.0567 0.0846 0.0829 -0.0023 -0.0149 0.0068  8   VAL A O    
115 C CB   . VAL A 8  ? 0.0570 0.0775 0.0881 0.0028  0.0080  -0.0058 8   VAL A CB   
116 C CG1  . VAL A 8  ? 0.0611 0.0805 0.0838 0.0044  0.0145  -0.0087 8   VAL A CG1  
117 C CG2  . VAL A 8  ? 0.0755 0.0817 0.1082 0.0117  0.0176  0.0083  8   VAL A CG2  
118 H H    . VAL A 8  ? 0.0461 0.0759 0.0800 -0.0026 -0.0001 -0.0044 8   VAL A H    
119 H HA   . VAL A 8  ? 0.0477 0.0758 0.0761 0.0013  -0.0005 0.0002  8   VAL A HA   
120 H HB   . VAL A 8  ? 0.0576 0.0772 0.0857 0.0043  0.0066  -0.0016 8   VAL A HB   
121 H HG11 . VAL A 8  ? 0.0610 0.0836 0.0822 0.0026  0.0081  -0.0091 8   VAL A HG11 
122 H HG12 . VAL A 8  ? 0.0660 0.0727 0.0844 0.0046  0.0083  -0.0095 8   VAL A HG12 
123 H HG13 . VAL A 8  ? 0.0623 0.0784 0.0831 0.0051  0.0102  -0.0045 8   VAL A HG13 
124 H HG21 . VAL A 8  ? 0.0780 0.0868 0.1059 0.0106  0.0164  0.0046  8   VAL A HG21 
125 H HG22 . VAL A 8  ? 0.0809 0.0790 0.1027 0.0077  0.0084  0.0027  8   VAL A HG22 
126 H HG23 . VAL A 8  ? 0.0779 0.0778 0.1016 0.0024  0.0087  0.0055  8   VAL A HG23 
127 N N    . ASP A 9  ? 0.0456 0.0701 0.0731 -0.0010 -0.0012 0.0062  9   ASP A N    
128 C CA   . ASP A 9  ? 0.0507 0.0692 0.0705 0.0047  -0.0053 0.0040  9   ASP A CA   
129 C C    . ASP A 9  ? 0.0475 0.0586 0.0708 -0.0028 -0.0022 -0.0041 9   ASP A C    
130 O O    . ASP A 9  ? 0.0485 0.0741 0.0829 -0.0035 -0.0064 0.0000  9   ASP A O    
131 C CB   . ASP A 9  ? 0.0556 0.0716 0.0694 0.0121  0.0038  0.0025  9   ASP A CB   
132 C CG   . ASP A 9  ? 0.0574 0.0710 0.0701 0.0188  0.0109  -0.0023 9   ASP A CG   
133 O OD1  . ASP A 9  ? 0.0733 0.0685 0.0768 0.0089  0.0089  0.0048  9   ASP A OD1  
134 H H    . ASP A 9  ? 0.0488 0.0707 0.0686 0.0018  -0.0007 0.0046  9   ASP A H    
135 H HA   . ASP A 9  ? 0.0492 0.0703 0.0657 0.0036  -0.0027 0.0047  9   ASP A HA   
136 H HB2  . ASP A 9  ? 0.0588 0.0720 0.0681 0.0083  0.0037  0.0038  9   ASP A HB2  
137 H HB3  . ASP A 9  ? 0.0581 0.0708 0.0674 0.0113  0.0027  0.0030  9   ASP A HB3  
138 N N    . GLU A 10 ? 0.0522 0.0621 0.0706 -0.0023 0.0027  -0.0052 10  GLU A N    
139 C CA   . GLU A 10 ? 0.0541 0.0631 0.0798 0.0019  0.0105  -0.0051 10  GLU A CA   
140 C C    . GLU A 10 ? 0.0565 0.0705 0.0783 -0.0028 0.0091  -0.0074 10  GLU A C    
141 O O    . GLU A 10 ? 0.0570 0.0755 0.1351 -0.0033 0.0180  -0.0129 10  GLU A O    
142 C CB   . GLU A 10 ? 0.0683 0.0650 0.0879 -0.0051 0.0049  -0.0077 10  GLU A CB   
143 C CG   . GLU A 10 ? 0.0691 0.0872 0.0952 -0.0069 0.0080  -0.0009 10  GLU A CG   
144 C CD   . GLU A 10 ? 0.0838 0.0706 0.0933 -0.0123 0.0071  0.0002  10  GLU A CD   
145 O OE1  . GLU A 10 ? 0.0763 0.0864 0.1205 -0.0064 0.0057  -0.0153 10  GLU A OE1  
146 O OE2  . GLU A 10 ? 0.1153 0.1347 0.0925 -0.0404 0.0105  0.0023  10  GLU A OE2  
147 H H    . GLU A 10 ? 0.0531 0.0607 0.0681 -0.0012 0.0011  -0.0011 10  GLU A H    
148 H HA   . GLU A 10 ? 0.0569 0.0631 0.0720 0.0016  0.0040  -0.0046 10  GLU A HA   
149 H HB2  . GLU A 10 ? 0.0650 0.0677 0.0917 -0.0072 0.0071  -0.0031 10  GLU A HB2  
150 H HB3  . GLU A 10 ? 0.0677 0.0708 0.0811 -0.0039 0.0046  -0.0038 10  GLU A HB3  
151 H HG2  . GLU A 10 ? 0.0736 0.0844 0.0929 -0.0042 0.0071  -0.0019 10  GLU A HG2  
152 H HG3  . GLU A 10 ? 0.0769 0.0796 0.0888 -0.0067 0.0045  -0.0018 10  GLU A HG3  
153 N N    . ASP A 11 ? 0.0636 0.0609 0.0716 -0.0025 0.0026  -0.0030 11  ASP A N    
154 C CA   . ASP A 11 ? 0.0810 0.0625 0.0744 -0.0050 0.0040  -0.0027 11  ASP A CA   
155 C C    . ASP A 11 ? 0.0853 0.0587 0.0784 -0.0087 0.0024  -0.0014 11  ASP A C    
156 O O    . ASP A 11 ? 0.1235 0.0924 0.0985 -0.0493 -0.0107 0.0043  11  ASP A O    
157 C CB   . ASP A 11 ? 0.0915 0.0689 0.0825 0.0012  0.0000  -0.0013 11  ASP A CB   
158 C CG   . ASP A 11 ? 0.0884 0.0803 0.0824 0.0106  0.0019  -0.0062 11  ASP A CG   
159 O OD1  . ASP A 11 ? 0.1052 0.1339 0.0709 0.0129  0.0009  -0.0093 11  ASP A OD1  
160 O OD2  . ASP A 11 ? 0.1018 0.1762 0.1059 0.0344  0.0057  -0.0251 11  ASP A OD2  
161 H H    . ASP A 11 ? 0.0645 0.0642 0.0745 -0.0028 0.0038  -0.0034 11  ASP A H    
162 H HA   . ASP A 11 ? 0.0767 0.0661 0.0750 -0.0031 0.0029  -0.0018 11  ASP A HA   
163 H HB2  . ASP A 11 ? 0.0855 0.0703 0.0831 0.0023  -0.0002 -0.0026 11  ASP A HB2  
164 H HB3  . ASP A 11 ? 0.0867 0.0702 0.0821 0.0004  0.0016  0.0006  11  ASP A HB3  
165 N N    . GLN A 12 ? 0.0700 0.0834 0.0777 -0.0102 -0.0033 0.0086  12  GLN A N    
166 C CA   . GLN A 12 ? 0.0710 0.0752 0.0832 -0.0095 -0.0056 -0.0051 12  GLN A CA   
167 C C    . GLN A 12 ? 0.0555 0.0809 0.0721 -0.0115 -0.0021 0.0002  12  GLN A C    
168 O O    . GLN A 12 ? 0.0633 0.0934 0.0889 -0.0060 -0.0128 -0.0174 12  GLN A O    
169 C CB   . GLN A 12 ? 0.0956 0.0864 0.0924 0.0072  -0.0065 -0.0108 12  GLN A CB   
170 C CG   . GLN A 12 ? 0.1157 0.0870 0.1108 0.0015  -0.0170 -0.0163 12  GLN A CG   
171 C CD   . GLN A 12 ? 0.1208 0.0629 0.1196 0.0022  -0.0229 -0.0157 12  GLN A CD   
172 O OE1  . GLN A 12 ? 0.1098 0.0953 0.1610 0.0071  -0.0242 0.0059  12  GLN A OE1  
173 N NE2  . GLN A 12 ? 0.1327 0.0921 0.1269 0.0054  -0.0168 -0.0026 12  GLN A NE2  
174 H H    . GLN A 12 ? 0.0694 0.0719 0.0757 -0.0059 0.0005  0.0011  12  GLN A H    
175 H HA   . GLN A 12 ? 0.0732 0.0767 0.0798 -0.0070 -0.0012 -0.0024 12  GLN A HA   
176 H HB2  . GLN A 12 ? 0.0961 0.0868 0.0953 0.0052  -0.0087 -0.0074 12  GLN A HB2  
177 H HB3  . GLN A 12 ? 0.0933 0.0837 0.0928 0.0011  -0.0062 -0.0073 12  GLN A HB3  
178 H HG2  . GLN A 12 ? 0.1085 0.0915 0.1063 0.0011  -0.0131 -0.0115 12  GLN A HG2  
179 H HG3  . GLN A 12 ? 0.1114 0.0888 0.1088 0.0064  -0.0154 -0.0137 12  GLN A HG3  
180 H HE21 . GLN A 12 ? 0.1273 0.0872 0.1264 0.0039  -0.0142 -0.0042 12  GLN A HE21 
181 H HE22 . GLN A 12 ? 0.1221 0.1002 0.1234 0.0065  -0.0135 -0.0013 12  GLN A HE22 
182 N N    . GLY A 13 ? 0.0566 0.0716 0.0753 -0.0176 -0.0052 0.0066  13  GLY A N    
183 C CA   . GLY A 13 ? 0.0542 0.0775 0.0621 -0.0105 0.0052  -0.0063 13  GLY A CA   
184 C C    . GLY A 13 ? 0.0453 0.0621 0.0679 -0.0083 0.0049  -0.0066 13  GLY A C    
185 O O    . GLY A 13 ? 0.0575 0.0668 0.0864 0.0023  0.0211  -0.0098 13  GLY A O    
186 H H    . GLY A 13 ? 0.0568 0.0741 0.0675 -0.0115 -0.0030 0.0035  13  GLY A H    
187 H HA2  . GLY A 13 ? 0.0531 0.0674 0.0638 -0.0065 0.0019  -0.0035 13  GLY A HA2  
188 H HA3  . GLY A 13 ? 0.0536 0.0713 0.0666 -0.0088 0.0008  -0.0049 13  GLY A HA3  
189 N N    . GLU A 14 ? 0.0424 0.0596 0.0673 -0.0025 0.0020  -0.0042 14  GLU A N    
190 C CA   . GLU A 14 ? 0.0402 0.0557 0.0613 -0.0002 0.0019  -0.0086 14  GLU A CA   
191 C C    . GLU A 14 ? 0.0362 0.0555 0.0604 0.0051  0.0003  -0.0010 14  GLU A C    
192 O O    . GLU A 14 ? 0.0406 0.0780 0.0628 -0.0033 -0.0012 -0.0068 14  GLU A O    
193 C CB   . GLU A 14 ? 0.0453 0.0566 0.0582 -0.0034 0.0060  -0.0076 14  GLU A CB   
194 C CG   . GLU A 14 ? 0.0475 0.0711 0.0698 -0.0032 0.0004  -0.0128 14  GLU A CG   
195 C CD   . GLU A 14 ? 0.0520 0.0720 0.0718 0.0003  -0.0018 -0.0078 14  GLU A CD   
196 O OE1  . GLU A 14 ? 0.0630 0.0693 0.1380 -0.0015 0.0007  0.0035  14  GLU A OE1  
197 O OE2  . GLU A 14 ? 0.0557 0.0756 0.1117 0.0032  -0.0083 -0.0004 14  GLU A OE2  
198 H H    . GLU A 14 ? 0.0444 0.0599 0.0634 -0.0019 0.0008  -0.0046 14  GLU A H    
199 H HA   . GLU A 14 ? 0.0435 0.0559 0.0633 0.0009  0.0020  -0.0070 14  GLU A HA   
200 H HB2  . GLU A 14 ? 0.0475 0.0582 0.0618 -0.0007 0.0034  -0.0062 14  GLU A HB2  
201 H HB3  . GLU A 14 ? 0.0500 0.0592 0.0590 -0.0037 0.0042  -0.0036 14  GLU A HB3  
202 H HG2  . GLU A 14 ? 0.0572 0.0666 0.0671 -0.0030 -0.0011 -0.0087 14  GLU A HG2  
203 H HG3  . GLU A 14 ? 0.0498 0.0644 0.0653 -0.0004 -0.0001 -0.0077 14  GLU A HG3  
204 N N    . HIS A 15 ? 0.0376 0.0644 0.0626 -0.0030 0.0036  -0.0023 15  HIS A N    
205 C CA   . HIS A 15 ? 0.0366 0.0769 0.0643 -0.0024 0.0023  -0.0005 15  HIS A CA   
206 C C    . HIS A 15 ? 0.0452 0.0910 0.0622 0.0078  0.0044  0.0017  15  HIS A C    
207 O O    . HIS A 15 ? 0.0513 0.0970 0.0697 0.0148  0.0009  -0.0085 15  HIS A O    
208 C CB   . HIS A 15 ? 0.0462 0.0887 0.0743 -0.0073 0.0034  0.0086  15  HIS A CB   
209 C CG   . HIS A 15 ? 0.0502 0.0767 0.0847 -0.0094 -0.0010 0.0125  15  HIS A CG   
210 N ND1  . HIS A 15 ? 0.0655 0.0851 0.1116 -0.0126 -0.0105 0.0060  15  HIS A ND1  
211 C CD2  . HIS A 15 ? 0.0495 0.0720 0.0891 -0.0109 -0.0066 0.0102  15  HIS A CD2  
212 C CE1  . HIS A 15 ? 0.0831 0.0825 0.1126 -0.0023 -0.0107 0.0056  15  HIS A CE1  
213 N NE2  . HIS A 15 ? 0.0751 0.0758 0.1167 0.0016  -0.0116 0.0075  15  HIS A NE2  
214 H H    . HIS A 15 ? 0.0387 0.0607 0.0624 -0.0002 0.0024  -0.0011 15  HIS A H    
215 H HA   . HIS A 15 ? 0.0408 0.0744 0.0642 0.0003  0.0014  0.0001  15  HIS A HA   
216 H HB2  . HIS A 15 ? 0.0481 0.0810 0.0767 -0.0057 0.0021  0.0056  15  HIS A HB2  
217 H HB3  . HIS A 15 ? 0.0494 0.0745 0.0746 -0.0058 0.0001  0.0007  15  HIS A HB3  
218 H HD1  . HIS A 15 ? 0.0611 0.0769 0.0910 -0.0040 -0.0052 0.0071  15  HIS A HD1  
219 H HD2  . HIS A 15 ? 0.0539 0.0760 0.0927 -0.0093 -0.0095 0.0045  15  HIS A HD2  
220 H HE1  . HIS A 15 ? 0.0765 0.0826 0.1106 -0.0028 -0.0096 0.0064  15  HIS A HE1  
221 H HE2  . HIS A 15 ? 0.0718 0.0767 0.1023 -0.0030 -0.0094 0.0088  15  HIS A HE2  
222 N N    . TYR A 16 ? 0.0481 0.1115 0.0761 0.0172  0.0003  -0.0151 16  TYR A N    
223 C CA   A TYR A 16 ? 0.0463 0.0820 0.0714 0.0098  -0.0019 -0.0046 16  TYR A CA   
224 C CA   B TYR A 16 ? 0.0447 0.0929 0.0829 0.0133  0.0073  0.0016  16  TYR A CA   
225 C C    . TYR A 16 ? 0.0524 0.0595 0.0770 -0.0027 -0.0096 -0.0041 16  TYR A C    
226 O O    . TYR A 16 ? 0.1011 0.0578 0.1193 0.0036  -0.0100 -0.0061 16  TYR A O    
227 C CB   A TYR A 16 ? 0.0496 0.0891 0.0656 0.0072  -0.0019 -0.0028 16  TYR A CB   
228 C CB   B TYR A 16 ? 0.0553 0.0994 0.0860 0.0088  0.0002  0.0053  16  TYR A CB   
229 C CG   A TYR A 16 ? 0.0475 0.0893 0.0527 0.0097  -0.0020 -0.0082 16  TYR A CG   
230 C CG   B TYR A 16 ? 0.0449 0.0889 0.0897 0.0119  0.0065  0.0019  16  TYR A CG   
231 C CD1  A TYR A 16 ? 0.0624 0.0938 0.0400 0.0111  0.0096  -0.0252 16  TYR A CD1  
232 C CD1  B TYR A 16 ? 0.0605 0.0886 0.0964 0.0105  0.0007  0.0021  16  TYR A CD1  
233 C CD2  A TYR A 16 ? 0.0387 0.0784 0.0579 0.0079  0.0055  -0.0120 16  TYR A CD2  
234 C CD2  B TYR A 16 ? 0.0519 0.0677 0.0952 0.0014  0.0110  0.0044  16  TYR A CD2  
235 C CE1  A TYR A 16 ? 0.0712 0.0913 0.0722 0.0108  0.0068  -0.0090 16  TYR A CE1  
236 C CE1  B TYR A 16 ? 0.0596 0.0948 0.0960 0.0082  0.0115  0.0026  16  TYR A CE1  
237 C CE2  A TYR A 16 ? 0.0583 0.0902 0.0362 0.0136  0.0065  -0.0176 16  TYR A CE2  
238 C CE2  B TYR A 16 ? 0.0610 0.0836 0.0887 0.0143  0.0116  0.0003  16  TYR A CE2  
239 C CZ   A TYR A 16 ? 0.0705 0.0900 0.0708 0.0142  0.0074  -0.0039 16  TYR A CZ   
240 C CZ   B TYR A 16 ? 0.0542 0.0891 0.0848 0.0103  0.0110  0.0108  16  TYR A CZ   
241 O OH   A TYR A 16 ? 0.1030 0.1151 0.0807 0.0290  0.0132  0.0150  16  TYR A OH   
242 O OH   B TYR A 16 ? 0.0787 0.0984 0.0799 0.0003  0.0106  0.0080  16  TYR A OH   
243 H H    . TYR A 16 ? 0.0471 0.0881 0.0748 0.0104  0.0013  -0.0052 16  TYR A H    
244 H HA   A TYR A 16 ? 0.0505 0.0821 0.0712 0.0084  -0.0029 -0.0061 16  TYR A HA   
245 H HA   B TYR A 16 ? 0.0516 0.0936 0.0792 0.0114  0.0007  -0.0024 16  TYR A HA   
246 H HB2  A TYR A 16 ? 0.0505 0.0859 0.0661 0.0085  -0.0020 -0.0030 16  TYR A HB2  
247 H HB2  B TYR A 16 ? 0.0539 0.0969 0.0843 0.0107  0.0017  0.0008  16  TYR A HB2  
248 H HB3  A TYR A 16 ? 0.0534 0.0822 0.0665 0.0103  -0.0046 -0.0057 16  TYR A HB3  
249 H HB3  B TYR A 16 ? 0.0640 0.0889 0.0847 0.0095  -0.0024 0.0001  16  TYR A HB3  
250 H HD1  A TYR A 16 ? 0.0445 0.0606 0.0485 0.0095  -0.0036 -0.0085 16  TYR A HD1  
251 H HD1  B TYR A 16 ? 0.0581 0.0907 0.0951 0.0063  0.0034  0.0017  16  TYR A HD1  
252 H HD2  A TYR A 16 ? 0.0455 0.0789 0.0534 0.0066  0.0026  -0.0132 16  TYR A HD2  
253 H HD2  B TYR A 16 ? 0.0518 0.0672 0.0907 0.0029  0.0078  0.0011  16  TYR A HD2  
254 H HE1  A TYR A 16 ? 0.0683 0.0916 0.0652 0.0098  0.0065  -0.0116 16  TYR A HE1  
255 H HE1  B TYR A 16 ? 0.0588 0.0926 0.0913 0.0091  0.0064  -0.0014 16  TYR A HE1  
256 H HE2  A TYR A 16 ? 0.0478 0.0618 0.0491 0.0087  -0.0028 -0.0076 16  TYR A HE2  
257 H HE2  B TYR A 16 ? 0.0587 0.0830 0.0871 0.0051  0.0087  0.0025  16  TYR A HE2  
258 H HH   A TYR A 16 ? 0.0993 0.0993 0.0993 0.0000  0.0000  0.0000  16  TYR A HH   
259 H HH   B TYR A 16 ? 0.0854 0.0854 0.0854 0.0000  0.0000  0.0000  16  TYR A HH   
260 N N    . LEU A 17 ? 0.0551 0.0564 0.0699 -0.0138 0.0017  -0.0027 17  LEU A N    
261 C CA   . LEU A 17 ? 0.0625 0.1084 0.0686 -0.0223 -0.0024 0.0103  17  LEU A CA   
262 C C    . LEU A 17 ? 0.0690 0.0934 0.0704 -0.0256 -0.0081 0.0249  17  LEU A C    
263 O O    . LEU A 17 ? 0.0903 0.1309 0.1114 -0.0513 -0.0292 0.0635  17  LEU A O    
264 C CB   . LEU A 17 ? 0.1065 0.1641 0.0822 -0.0221 -0.0045 -0.0369 17  LEU A CB   
265 C CG   . LEU A 17 ? 0.1488 0.2342 0.0880 -0.0098 0.0156  -0.0316 17  LEU A CG   
266 C CD1  . LEU A 17 ? 0.1862 0.2527 0.1068 -0.0198 0.0079  0.0027  17  LEU A CD1  
267 C CD2  . LEU A 17 ? 0.2038 0.2670 0.1311 0.0132  0.0166  -0.0640 17  LEU A CD2  
268 H H    . LEU A 17 ? 0.0606 0.0581 0.0725 -0.0082 -0.0017 0.0010  17  LEU A H    
269 H HA   . LEU A 17 ? 0.0698 0.0977 0.0787 -0.0164 -0.0035 0.0043  17  LEU A HA   
270 H HB2  . LEU A 17 ? 0.1053 0.1383 0.0851 -0.0248 0.0022  -0.0175 17  LEU A HB2  
271 H HB3  . LEU A 17 ? 0.1059 0.1506 0.0973 -0.0232 0.0043  -0.0237 17  LEU A HB3  
272 H HG   . LEU A 17 ? 0.1589 0.1964 0.0976 -0.0106 0.0127  -0.0189 17  LEU A HG   
273 H HD11 . LEU A 17 ? 0.1596 0.2339 0.1088 -0.0243 0.0013  0.0091  17  LEU A HD11 
274 H HD12 . LEU A 17 ? 0.1676 0.2348 0.1088 -0.0140 0.0063  -0.0047 17  LEU A HD12 
275 H HD13 . LEU A 17 ? 0.1870 0.2250 0.1077 -0.0143 0.0092  -0.0051 17  LEU A HD13 
276 H HD21 . LEU A 17 ? 0.2108 0.2480 0.1361 0.0044  0.0187  -0.0299 17  LEU A HD21 
277 H HD22 . LEU A 17 ? 0.1965 0.2479 0.1401 0.0028  0.0026  -0.0410 17  LEU A HD22 
278 H HD23 . LEU A 17 ? 0.1942 0.2501 0.1480 0.0012  0.0182  -0.0482 17  LEU A HD23 
279 N N    . PHE A 18 ? 0.0509 0.0631 0.0547 -0.0170 0.0039  0.0035  18  PHE A N    
280 C CA   . PHE A 18 ? 0.0518 0.0477 0.0571 -0.0140 0.0040  0.0068  18  PHE A CA   
281 C C    . PHE A 18 ? 0.0384 0.0446 0.0560 -0.0072 0.0074  -0.0004 18  PHE A C    
282 O O    . PHE A 18 ? 0.0509 0.0448 0.0545 -0.0107 0.0100  0.0009  18  PHE A O    
283 C CB   . PHE A 18 ? 0.0618 0.0719 0.0560 -0.0129 0.0116  0.0051  18  PHE A CB   
284 C CG   . PHE A 18 ? 0.0755 0.0745 0.0683 0.0001  0.0198  -0.0004 18  PHE A CG   
285 C CD1  . PHE A 18 ? 0.0893 0.0851 0.0781 0.0053  0.0123  0.0018  18  PHE A CD1  
286 C CD2  . PHE A 18 ? 0.1280 0.0903 0.0814 0.0077  0.0029  -0.0160 18  PHE A CD2  
287 C CE1  . PHE A 18 ? 0.1366 0.0909 0.0951 0.0307  0.0095  0.0008  18  PHE A CE1  
288 C CE2  . PHE A 18 ? 0.1760 0.0942 0.0953 0.0164  -0.0034 -0.0310 18  PHE A CE2  
289 C CZ   . PHE A 18 ? 0.1927 0.0747 0.1079 0.0248  0.0088  -0.0124 18  PHE A CZ   
290 H H    . PHE A 18 ? 0.0556 0.0604 0.0565 -0.0124 0.0027  0.0040  18  PHE A H    
291 H HA   . PHE A 18 ? 0.0505 0.0499 0.0552 -0.0103 0.0051  0.0055  18  PHE A HA   
292 H HB2  . PHE A 18 ? 0.0621 0.0674 0.0580 -0.0072 0.0083  0.0014  18  PHE A HB2  
293 H HB3  . PHE A 18 ? 0.0608 0.0662 0.0583 -0.0070 0.0062  0.0045  18  PHE A HB3  
294 H HD1  . PHE A 18 ? 0.0944 0.0846 0.0783 0.0071  0.0130  -0.0002 18  PHE A HD1  
295 H HD2  . PHE A 18 ? 0.1198 0.0890 0.0826 0.0068  0.0070  -0.0141 18  PHE A HD2  
296 H HE1  . PHE A 18 ? 0.1293 0.0845 0.0955 0.0237  0.0087  -0.0012 18  PHE A HE1  
297 H HE2  . PHE A 18 ? 0.1613 0.1016 0.0848 0.0136  -0.0043 -0.0214 18  PHE A HE2  
298 H HZ   . PHE A 18 ? 0.1808 0.0745 0.1178 0.0256  0.0041  -0.0045 18  PHE A HZ   
299 N N    . ALA A 19 ? 0.0438 0.0465 0.0503 -0.0078 0.0075  0.0022  19  ALA A N    
300 C CA   . ALA A 19 ? 0.0473 0.0518 0.0516 -0.0096 0.0037  0.0031  19  ALA A CA   
301 C C    . ALA A 19 ? 0.0436 0.0460 0.0554 -0.0076 0.0106  0.0007  19  ALA A C    
302 O O    . ALA A 19 ? 0.0537 0.0575 0.0639 -0.0170 0.0033  0.0098  19  ALA A O    
303 C CB   . ALA A 19 ? 0.0580 0.0949 0.0679 -0.0022 0.0135  -0.0072 19  ALA A CB   
304 H H    . ALA A 19 ? 0.0442 0.0451 0.0498 -0.0070 0.0056  0.0017  19  ALA A H    
305 H HA   . ALA A 19 ? 0.0479 0.0525 0.0546 -0.0069 0.0062  0.0017  19  ALA A HA   
306 H HB1  . ALA A 19 ? 0.0647 0.0791 0.0658 -0.0033 0.0070  -0.0030 19  ALA A HB1  
307 H HB2  . ALA A 19 ? 0.0571 0.0790 0.0711 -0.0040 0.0098  -0.0049 19  ALA A HB2  
308 H HB3  . ALA A 19 ? 0.0571 0.0919 0.0656 -0.0063 0.0088  -0.0029 19  ALA A HB3  
309 N N    . GLY A 20 ? 0.0511 0.0676 0.0673 -0.0176 0.0006  0.0172  20  GLY A N    
310 C CA   . GLY A 20 ? 0.0555 0.1008 0.0771 -0.0223 -0.0004 0.0164  20  GLY A CA   
311 C C    . GLY A 20 ? 0.0432 0.0550 0.0626 -0.0082 0.0107  0.0021  20  GLY A C    
312 O O    . GLY A 20 ? 0.0584 0.0599 0.0589 -0.0163 0.0117  0.0005  20  GLY A O    
313 H H    . GLY A 20 ? 0.0509 0.0548 0.0568 -0.0098 0.0036  0.0079  20  GLY A H    
314 H HA2  . GLY A 20 ? 0.0557 0.0923 0.0718 -0.0127 0.0027  0.0070  20  GLY A HA2  
315 H HA3  . GLY A 20 ? 0.0701 0.0864 0.0771 -0.0140 -0.0062 0.0133  20  GLY A HA3  
316 N N    . GLY A 21 ? 0.0539 0.0625 0.0614 -0.0159 0.0070  -0.0023 21  GLY A N    
317 C CA   . GLY A 21 ? 0.0730 0.0688 0.0672 -0.0118 0.0029  -0.0062 21  GLY A CA   
318 C C    . GLY A 21 ? 0.0674 0.0621 0.0757 -0.0192 0.0109  -0.0060 21  GLY A C    
319 O O    . GLY A 21 ? 0.1107 0.0778 0.0781 -0.0063 0.0067  -0.0114 21  GLY A O    
320 O OXT  . GLY A 21 ? 0.0719 0.0833 0.0976 -0.0077 0.0112  -0.0053 21  GLY A OXT  
321 H H    . GLY A 21 ? 0.0549 0.0616 0.0594 -0.0128 0.0061  0.0003  21  GLY A H    
322 H HA2  . GLY A 21 ? 0.0712 0.0685 0.0678 -0.0096 0.0043  -0.0061 21  GLY A HA2  
323 H HA3  . GLY A 21 ? 0.0675 0.0711 0.0674 -0.0103 0.0062  -0.0031 21  GLY A HA3  
324 N N    . GLY B 1  ? 0.0509 0.0443 0.0577 -0.0116 0.0035  0.0018  1   GLY B N    
325 C CA   . GLY B 1  ? 0.0434 0.0485 0.0544 -0.0084 0.0062  -0.0008 1   GLY B CA   
326 C C    . GLY B 1  ? 0.0475 0.0343 0.0554 -0.0092 0.0033  -0.0021 1   GLY B C    
327 O O    . GLY B 1  ? 0.0501 0.0506 0.0607 -0.0108 0.0078  -0.0077 1   GLY B O    
328 H H2   . GLY B 1  ? 0.0472 0.0445 0.0514 -0.0074 0.0031  0.0032  1   GLY B H2   
329 H HA2  . GLY B 1  ? 0.0456 0.0456 0.0546 -0.0096 0.0065  -0.0007 1   GLY B HA2  
330 H HA3  . GLY B 1  ? 0.0478 0.0479 0.0556 -0.0073 0.0053  0.0003  1   GLY B HA3  
331 N N    . ILE B 2  ? 0.0491 0.0481 0.0496 -0.0141 0.0028  -0.0059 2   ILE B N    
332 C CA   . ILE B 2  ? 0.0500 0.0522 0.0501 -0.0127 0.0031  -0.0063 2   ILE B CA   
333 C C    . ILE B 2  ? 0.0691 0.0501 0.0549 -0.0181 -0.0001 -0.0017 2   ILE B C    
334 O O    . ILE B 2  ? 0.1158 0.0721 0.0591 -0.0158 -0.0150 0.0022  2   ILE B O    
335 C CB   . ILE B 2  ? 0.0560 0.0509 0.0632 -0.0122 -0.0033 -0.0081 2   ILE B CB   
336 C CG1  . ILE B 2  ? 0.0531 0.0547 0.0744 -0.0119 -0.0020 -0.0064 2   ILE B CG1  
337 C CG2  . ILE B 2  ? 0.0654 0.0578 0.0795 -0.0035 -0.0004 -0.0170 2   ILE B CG2  
338 C CD1  . ILE B 2  ? 0.0587 0.0673 0.0990 -0.0022 -0.0012 -0.0048 2   ILE B CD1  
339 H H    . ILE B 2  ? 0.0493 0.0466 0.0525 -0.0112 0.0030  -0.0044 2   ILE B H    
340 H HA   . ILE B 2  ? 0.0512 0.0510 0.0535 -0.0121 0.0040  -0.0065 2   ILE B HA   
341 H HB   . ILE B 2  ? 0.0557 0.0516 0.0633 -0.0083 -0.0039 -0.0049 2   ILE B HB   
342 H HG12 . ILE B 2  ? 0.0518 0.0587 0.0754 -0.0138 -0.0042 -0.0060 2   ILE B HG12 
343 H HG13 . ILE B 2  ? 0.0534 0.0563 0.0747 -0.0093 -0.0031 -0.0040 2   ILE B HG13 
344 H HG21 . ILE B 2  ? 0.0643 0.0575 0.0748 -0.0066 -0.0031 -0.0105 2   ILE B HG21 
345 H HG22 . ILE B 2  ? 0.0596 0.0639 0.0762 -0.0083 -0.0018 -0.0071 2   ILE B HG22 
346 H HG23 . ILE B 2  ? 0.0607 0.0556 0.0793 -0.0051 -0.0010 -0.0081 2   ILE B HG23 
347 H HD11 . ILE B 2  ? 0.0598 0.0708 0.0884 -0.0044 -0.0011 -0.0025 2   ILE B HD11 
348 H HD12 . ILE B 2  ? 0.0618 0.0646 0.0895 -0.0050 -0.0025 -0.0044 2   ILE B HD12 
349 H HD13 . ILE B 2  ? 0.0599 0.0651 0.0964 -0.0053 -0.0019 -0.0056 2   ILE B HD13 
350 N N    . GLU B 3  ? 0.0621 0.0496 0.0586 -0.0124 0.0026  -0.0011 3   GLU B N    
351 C CA   . GLU B 3  ? 0.0605 0.0522 0.0703 -0.0111 0.0001  0.0038  3   GLU B CA   
352 C C    . GLU B 3  ? 0.0600 0.0539 0.0615 -0.0110 -0.0005 0.0000  3   GLU B C    
353 O O    . GLU B 3  ? 0.0604 0.0544 0.0697 -0.0077 0.0069  0.0015  3   GLU B O    
354 C CB   . GLU B 3  ? 0.0743 0.0608 0.0838 0.0017  0.0086  0.0020  3   GLU B CB   
355 C CG   . GLU B 3  ? 0.1020 0.0790 0.0851 -0.0014 0.0185  0.0084  3   GLU B CG   
356 C CD   . GLU B 3  ? 0.0982 0.0730 0.0897 -0.0123 0.0085  -0.0086 3   GLU B CD   
357 O OE1  . GLU B 3  ? 0.1086 0.0799 0.1168 -0.0007 0.0202  0.0030  3   GLU B OE1  
358 O OE2  . GLU B 3  ? 0.1032 0.0808 0.0870 -0.0061 0.0098  -0.0085 3   GLU B OE2  
359 H H    . GLU B 3  ? 0.0633 0.0504 0.0589 -0.0101 0.0008  0.0020  3   GLU B H    
360 H HA   . GLU B 3  ? 0.0631 0.0570 0.0662 -0.0078 -0.0015 0.0012  3   GLU B HA   
361 H HB2  . GLU B 3  ? 0.0779 0.0666 0.0788 -0.0004 0.0063  0.0013  3   GLU B HB2  
362 H HB3  . GLU B 3  ? 0.0765 0.0630 0.0752 -0.0012 0.0029  0.0039  3   GLU B HB3  
363 H HG2  . GLU B 3  ? 0.0968 0.0858 0.0869 0.0022  0.0139  0.0036  3   GLU B HG2  
364 H HG3  . GLU B 3  ? 0.0949 0.0767 0.0840 -0.0042 0.0128  0.0010  3   GLU B HG3  
365 N N    . PRO B 4  ? 0.0649 0.0625 0.0772 -0.0137 -0.0061 0.0124  4   PRO B N    
366 C CA   . PRO B 4  ? 0.0777 0.0679 0.0765 -0.0086 0.0034  0.0147  4   PRO B CA   
367 C C    . PRO B 4  ? 0.0692 0.0732 0.0862 -0.0172 -0.0055 0.0270  4   PRO B C    
368 O O    . PRO B 4  ? 0.0990 0.1042 0.0998 -0.0433 0.0076  0.0239  4   PRO B O    
369 C CB   . PRO B 4  ? 0.1040 0.0861 0.0738 -0.0190 -0.0100 0.0177  4   PRO B CB   
370 C CG   . PRO B 4  ? 0.0965 0.0910 0.0899 -0.0082 -0.0138 0.0261  4   PRO B CG   
371 C CD   . PRO B 4  ? 0.0675 0.0860 0.0893 -0.0124 -0.0088 0.0218  4   PRO B CD   
372 H HA   . PRO B 4  ? 0.0780 0.0689 0.0745 -0.0076 -0.0008 0.0126  4   PRO B HA   
373 H HB2  . PRO B 4  ? 0.0950 0.0785 0.0788 -0.0117 -0.0065 0.0141  4   PRO B HB2  
374 H HB3  . PRO B 4  ? 0.0971 0.0845 0.0774 -0.0085 -0.0059 0.0165  4   PRO B HB3  
375 H HG2  . PRO B 4  ? 0.0926 0.0955 0.0877 -0.0088 -0.0108 0.0216  4   PRO B HG2  
376 H HG3  . PRO B 4  ? 0.0907 0.0946 0.0941 -0.0123 -0.0104 0.0132  4   PRO B HG3  
377 H HD2  . PRO B 4  ? 0.0755 0.0778 0.0878 -0.0090 -0.0101 0.0175  4   PRO B HD2  
378 H HD3  . PRO B 4  ? 0.0739 0.0828 0.0874 -0.0093 -0.0081 0.0209  4   PRO B HD3  
379 N N    . LEU B 5  ? 0.0694 0.0689 0.0850 -0.0214 -0.0049 0.0197  5   LEU B N    
380 C CA   . LEU B 5  ? 0.0781 0.0639 0.0950 -0.0201 -0.0092 0.0164  5   LEU B CA   
381 C C    . LEU B 5  ? 0.0706 0.0636 0.0966 -0.0250 -0.0112 0.0211  5   LEU B C    
382 O O    . LEU B 5  ? 0.0756 0.1384 0.1140 -0.0490 -0.0164 0.0469  5   LEU B O    
383 C CB   . LEU B 5  ? 0.0977 0.0663 0.1130 -0.0119 -0.0188 0.0134  5   LEU B CB   
384 C CG   . LEU B 5  ? 0.1149 0.0859 0.1125 -0.0058 -0.0208 0.0182  5   LEU B CG   
385 C CD1  . LEU B 5  ? 0.1361 0.1074 0.1409 0.0137  -0.0259 0.0247  5   LEU B CD1  
386 C CD2  . LEU B 5  ? 0.1339 0.1177 0.1355 0.0003  0.0093  0.0310  5   LEU B CD2  
387 H H    . LEU B 5  ? 0.0663 0.0678 0.0809 -0.0082 0.0047  0.0125  5   LEU B H    
388 H HA   . LEU B 5  ? 0.0786 0.0682 0.0920 -0.0112 -0.0032 0.0132  5   LEU B HA   
389 H HB2  . LEU B 5  ? 0.0959 0.0748 0.1021 -0.0020 -0.0117 0.0095  5   LEU B HB2  
390 H HB3  . LEU B 5  ? 0.0956 0.0801 0.1008 -0.0120 -0.0173 0.0079  5   LEU B HB3  
391 H HG   . LEU B 5  ? 0.1183 0.0930 0.1142 -0.0028 -0.0178 0.0124  5   LEU B HG   
392 H HD11 . LEU B 5  ? 0.1337 0.1100 0.1292 0.0150  -0.0160 0.0176  5   LEU B HD11 
393 H HD12 . LEU B 5  ? 0.1368 0.1082 0.1358 0.0024  -0.0070 0.0174  5   LEU B HD12 
394 H HD13 . LEU B 5  ? 0.1293 0.1159 0.1332 0.0070  -0.0175 0.0233  5   LEU B HD13 
395 H HD21 . LEU B 5  ? 0.1265 0.1212 0.1305 0.0004  0.0013  0.0305  5   LEU B HD21 
396 H HD22 . LEU B 5  ? 0.1319 0.1115 0.1308 -0.0043 0.0041  0.0210  5   LEU B HD22 
397 H HD23 . LEU B 5  ? 0.1292 0.1089 0.1222 -0.0055 0.0022  0.0192  5   LEU B HD23 
398 N N    . GLY B 6  ? 0.0616 0.0488 0.0825 -0.0136 0.0013  0.0062  6   GLY B N    
399 C CA   . GLY B 6  ? 0.0532 0.0515 0.0801 -0.0104 0.0061  0.0003  6   GLY B CA   
400 C C    . GLY B 6  ? 0.0505 0.0421 0.0693 -0.0093 0.0104  -0.0059 6   GLY B C    
401 O O    . GLY B 6  ? 0.0552 0.0585 0.0677 -0.0091 0.0104  -0.0090 6   GLY B O    
402 H H    . GLY B 6  ? 0.0608 0.0517 0.0805 -0.0101 0.0033  0.0046  6   GLY B H    
403 H HA2  . GLY B 6  ? 0.0576 0.0545 0.0757 -0.0032 0.0086  -0.0011 6   GLY B HA2  
404 H HA3  . GLY B 6  ? 0.0570 0.0514 0.0756 -0.0080 0.0092  0.0011  6   GLY B HA3  
405 N N    . PRO B 7  ? 0.0501 0.0448 0.0671 -0.0041 0.0118  -0.0109 7   PRO B N    
406 C CA   . PRO B 7  ? 0.0497 0.0530 0.0681 -0.0079 0.0051  -0.0107 7   PRO B CA   
407 C C    . PRO B 7  ? 0.0440 0.0480 0.0595 -0.0128 0.0053  -0.0061 7   PRO B C    
408 O O    . PRO B 7  ? 0.0407 0.0481 0.0923 -0.0123 0.0094  -0.0123 7   PRO B O    
409 C CB   . PRO B 7  ? 0.0710 0.0732 0.0685 -0.0114 0.0074  -0.0127 7   PRO B CB   
410 C CG   . PRO B 7  ? 0.0836 0.0884 0.0808 -0.0013 0.0130  -0.0185 7   PRO B CG   
411 C CD   . PRO B 7  ? 0.0582 0.0709 0.0762 0.0017  0.0198  -0.0184 7   PRO B CD   
412 H HA   . PRO B 7  ? 0.0541 0.0543 0.0679 -0.0087 0.0082  -0.0085 7   PRO B HA   
413 H HB2  . PRO B 7  ? 0.0684 0.0729 0.0701 -0.0062 0.0084  -0.0078 7   PRO B HB2  
414 H HB3  . PRO B 7  ? 0.0691 0.0717 0.0683 -0.0066 0.0061  -0.0087 7   PRO B HB3  
415 H HG2  . PRO B 7  ? 0.0801 0.0812 0.0770 -0.0021 0.0060  -0.0136 7   PRO B HG2  
416 H HG3  . PRO B 7  ? 0.0768 0.0900 0.0781 -0.0008 0.0114  -0.0126 7   PRO B HG3  
417 H HD2  . PRO B 7  ? 0.0639 0.0726 0.0767 -0.0019 0.0123  -0.0118 7   PRO B HD2  
418 H HD3  . PRO B 7  ? 0.0606 0.0704 0.0734 -0.0020 0.0125  -0.0105 7   PRO B HD3  
419 N N    . VAL B 8  ? 0.0479 0.0387 0.0625 -0.0103 0.0086  -0.0054 8   VAL B N    
420 C CA   . VAL B 8  ? 0.0440 0.0428 0.0620 -0.0077 0.0034  -0.0049 8   VAL B CA   
421 C C    . VAL B 8  ? 0.0373 0.0483 0.0594 -0.0122 0.0045  -0.0030 8   VAL B C    
422 O O    . VAL B 8  ? 0.0565 0.0488 0.0628 -0.0144 -0.0040 -0.0025 8   VAL B O    
423 C CB   . VAL B 8  ? 0.0544 0.0578 0.0833 -0.0059 0.0201  -0.0023 8   VAL B CB   
424 C CG1  . VAL B 8  ? 0.0653 0.0597 0.1063 0.0011  0.0262  0.0078  8   VAL B CG1  
425 C CG2  . VAL B 8  ? 0.0779 0.0670 0.0881 -0.0079 0.0291  0.0023  8   VAL B CG2  
426 H H    . VAL B 8  ? 0.0429 0.0471 0.0627 -0.0094 0.0070  -0.0058 8   VAL B H    
427 H HA   . VAL B 8  ? 0.0449 0.0459 0.0599 -0.0071 0.0041  -0.0004 8   VAL B HA   
428 H HB   . VAL B 8  ? 0.0576 0.0622 0.0798 -0.0034 0.0161  0.0004  8   VAL B HB   
429 H HG11 . VAL B 8  ? 0.0574 0.0676 0.0967 0.0009  0.0125  0.0003  8   VAL B HG11 
430 H HG12 . VAL B 8  ? 0.0630 0.0644 0.0970 -0.0061 0.0192  0.0071  8   VAL B HG12 
431 H HG13 . VAL B 8  ? 0.0665 0.0729 0.0992 0.0034  0.0220  0.0053  8   VAL B HG13 
432 H HG21 . VAL B 8  ? 0.0729 0.0742 0.0891 -0.0026 0.0241  0.0032  8   VAL B HG21 
433 H HG22 . VAL B 8  ? 0.0710 0.0680 0.0923 -0.0076 0.0168  0.0020  8   VAL B HG22 
434 H HG23 . VAL B 8  ? 0.0734 0.0707 0.0847 -0.0040 0.0220  -0.0003 8   VAL B HG23 
435 N N    . ASP B 9  ? 0.0451 0.0418 0.0627 -0.0107 0.0015  -0.0022 9   ASP B N    
436 C CA   . ASP B 9  ? 0.0510 0.0404 0.0598 -0.0112 -0.0024 -0.0009 9   ASP B CA   
437 C C    . ASP B 9  ? 0.0490 0.0450 0.0682 -0.0146 0.0045  0.0005  9   ASP B C    
438 O O    . ASP B 9  ? 0.0631 0.0505 0.0755 -0.0031 0.0058  -0.0100 9   ASP B O    
439 C CB   . ASP B 9  ? 0.0486 0.0390 0.0625 -0.0089 -0.0008 -0.0045 9   ASP B CB   
440 C CG   . ASP B 9  ? 0.0516 0.0440 0.0580 -0.0094 0.0048  0.0001  9   ASP B CG   
441 O OD1  . ASP B 9  ? 0.0553 0.0486 0.0789 -0.0109 -0.0006 0.0117  9   ASP B OD1  
442 H H    . ASP B 9  ? 0.0451 0.0418 0.0623 -0.0088 0.0010  0.0001  9   ASP B H    
443 H HA   . ASP B 9  ? 0.0497 0.0453 0.0599 -0.0094 -0.0019 -0.0003 9   ASP B HA   
444 H HB2  . ASP B 9  ? 0.0511 0.0447 0.0590 -0.0051 0.0012  -0.0026 9   ASP B HB2  
445 H HB3  . ASP B 9  ? 0.0498 0.0420 0.0623 -0.0073 -0.0008 -0.0012 9   ASP B HB3  
446 N N    . GLU B 10 ? 0.0481 0.0570 0.0833 -0.0097 0.0014  -0.0014 10  GLU B N    
447 C CA   . GLU B 10 ? 0.0590 0.0679 0.1085 -0.0012 0.0048  0.0017  10  GLU B CA   
448 C C    . GLU B 10 ? 0.0620 0.0645 0.1262 0.0044  0.0029  0.0059  10  GLU B C    
449 O O    . GLU B 10 ? 0.1190 0.0773 0.1671 -0.0057 0.0383  -0.0115 10  GLU B O    
450 C CB   . GLU B 10 ? 0.0579 0.0915 0.1128 0.0013  0.0004  0.0119  10  GLU B CB   
451 C CG   . GLU B 10 ? 0.0524 0.0969 0.1282 -0.0034 -0.0019 -0.0036 10  GLU B CG   
452 C CD   . GLU B 10 ? 0.0532 0.0854 0.1530 -0.0025 0.0069  0.0145  10  GLU B CD   
453 O OE1  . GLU B 10 ? 0.0803 0.1539 0.1604 -0.0307 0.0281  -0.0074 10  GLU B OE1  
454 O OE2  . GLU B 10 ? 0.0804 0.0847 0.2111 -0.0113 0.0123  -0.0011 10  GLU B OE2  
455 H H    . GLU B 10 ? 0.0517 0.0622 0.0805 -0.0070 0.0011  -0.0001 10  GLU B H    
456 H HA   . GLU B 10 ? 0.0668 0.0697 0.1063 -0.0050 0.0026  0.0029  10  GLU B HA   
457 H HB2  . GLU B 10 ? 0.0733 0.0872 0.1096 -0.0033 0.0014  0.0059  10  GLU B HB2  
458 H HB3  . GLU B 10 ? 0.0736 0.0916 0.1103 0.0017  0.0010  -0.0004 10  GLU B HB3  
459 H HG2  . GLU B 10 ? 0.0700 0.0937 0.1122 0.0001  0.0002  -0.0039 10  GLU B HG2  
460 H HG3  . GLU B 10 ? 0.0601 0.0890 0.1178 0.0008  0.0006  0.0061  10  GLU B HG3  
461 N N    . ASP B 11 ? 0.0644 0.0608 0.1168 -0.0063 -0.0017 0.0165  11  ASP B N    
462 C CA   . ASP B 11 ? 0.0785 0.0628 0.1433 -0.0060 -0.0176 0.0255  11  ASP B CA   
463 C C    . ASP B 11 ? 0.0843 0.0532 0.1367 -0.0044 -0.0089 0.0180  11  ASP B C    
464 O O    . ASP B 11 ? 0.1211 0.0600 0.1839 0.0093  -0.0174 0.0059  11  ASP B O    
465 C CB   . ASP B 11 ? 0.0913 0.0823 0.1358 -0.0250 -0.0127 0.0416  11  ASP B CB   
466 C CG   . ASP B 11 ? 0.1018 0.0815 0.1354 -0.0218 -0.0058 0.0189  11  ASP B CG   
467 O OD1  . ASP B 11 ? 0.1256 0.1166 0.1557 -0.0011 -0.0247 0.0106  11  ASP B OD1  
468 O OD2  . ASP B 11 ? 0.1241 0.1464 0.1324 0.0102  0.0108  0.0261  11  ASP B OD2  
469 H H    . ASP B 11 ? 0.0727 0.0670 0.1165 0.0005  -0.0041 0.0138  11  ASP B H    
470 H HA   . ASP B 11 ? 0.0804 0.0670 0.1075 -0.0004 -0.0055 0.0182  11  ASP B HA   
471 H HB2  . ASP B 11 ? 0.0985 0.0869 0.1162 -0.0159 -0.0039 0.0187  11  ASP B HB2  
472 H HB3  . ASP B 11 ? 0.0929 0.0748 0.1309 -0.0144 -0.0084 0.0249  11  ASP B HB3  
473 N N    . GLN B 12 ? 0.0630 0.0530 0.1076 -0.0017 -0.0049 -0.0036 12  GLN B N    
474 C CA   . GLN B 12 ? 0.0741 0.0455 0.1108 0.0007  -0.0037 -0.0150 12  GLN B CA   
475 C C    . GLN B 12 ? 0.0939 0.0497 0.1008 -0.0102 -0.0053 -0.0257 12  GLN B C    
476 O O    . GLN B 12 ? 0.1174 0.0931 0.1057 -0.0318 -0.0139 -0.0252 12  GLN B O    
477 C CB   . GLN B 12 ? 0.0717 0.0561 0.1098 -0.0062 -0.0059 -0.0104 12  GLN B CB   
478 C CG   . GLN B 12 ? 0.0735 0.0529 0.1334 -0.0150 0.0034  -0.0111 12  GLN B CG   
479 C CD   . GLN B 12 ? 0.0540 0.0466 0.1243 -0.0152 0.0121  0.0022  12  GLN B CD   
480 O OE1  . GLN B 12 ? 0.0916 0.0528 0.1145 -0.0061 0.0364  0.0077  12  GLN B OE1  
481 N NE2  . GLN B 12 ? 0.0997 0.0554 0.1282 -0.0043 0.0026  0.0073  12  GLN B NE2  
482 H H    . GLN B 12 ? 0.0674 0.0577 0.1012 0.0071  -0.0008 -0.0020 12  GLN B H    
483 H HA   . GLN B 12 ? 0.0779 0.0507 0.1088 0.0134  0.0001  -0.0126 12  GLN B HA   
484 H HB2  . GLN B 12 ? 0.0736 0.0636 0.1075 0.0039  0.0017  -0.0091 12  GLN B HB2  
485 H HB3  . GLN B 12 ? 0.0741 0.0571 0.1078 -0.0034 -0.0051 -0.0080 12  GLN B HB3  
486 H HG2  . GLN B 12 ? 0.0735 0.0557 0.1133 -0.0070 0.0029  -0.0036 12  GLN B HG2  
487 H HG3  . GLN B 12 ? 0.0762 0.0678 0.1118 -0.0013 0.0055  -0.0094 12  GLN B HG3  
488 H HE21 . GLN B 12 ? 0.0912 0.0632 0.1269 -0.0093 0.0076  0.0056  12  GLN B HE21 
489 H HE22 . GLN B 12 ? 0.0895 0.0685 0.1217 0.0068  0.0101  0.0023  12  GLN B HE22 
490 N N    . GLY B 13 ? 0.0803 0.0542 0.0964 -0.0070 0.0008  -0.0170 13  GLY B N    
491 C CA   . GLY B 13 ? 0.0776 0.0627 0.0980 -0.0041 0.0081  -0.0181 13  GLY B CA   
492 C C    . GLY B 13 ? 0.0677 0.0679 0.0910 -0.0098 0.0191  -0.0057 13  GLY B C    
493 O O    . GLY B 13 ? 0.0938 0.1015 0.1360 0.0013  0.0499  0.0161  13  GLY B O    
494 H H    . GLY B 13 ? 0.0780 0.0604 0.0923 -0.0038 -0.0016 -0.0107 13  GLY B H    
495 H HA2  . GLY B 13 ? 0.0780 0.0666 0.0909 -0.0046 0.0069  -0.0107 13  GLY B HA2  
496 H HA3  . GLY B 13 ? 0.0788 0.0722 0.0883 -0.0037 0.0088  -0.0154 13  GLY B HA3  
497 N N    . GLU B 14 ? 0.0731 0.0433 0.0695 -0.0079 0.0210  -0.0160 14  GLU B N    
498 C CA   . GLU B 14 ? 0.0647 0.0496 0.0572 -0.0107 0.0170  -0.0084 14  GLU B CA   
499 C C    . GLU B 14 ? 0.0555 0.0390 0.0541 -0.0148 0.0132  -0.0033 14  GLU B C    
500 O O    . GLU B 14 ? 0.0556 0.0540 0.0611 -0.0079 0.0081  -0.0108 14  GLU B O    
501 C CB   . GLU B 14 ? 0.0704 0.0598 0.0675 -0.0188 0.0130  -0.0150 14  GLU B CB   
502 C CG   . GLU B 14 ? 0.1036 0.0778 0.0849 -0.0141 0.0054  -0.0311 14  GLU B CG   
503 C CD   . GLU B 14 ? 0.1613 0.1075 0.0757 -0.0362 0.0159  -0.0335 14  GLU B CD   
504 O OE1  . GLU B 14 ? 0.2183 0.1309 0.1021 -0.0546 0.0145  0.0041  14  GLU B OE1  
505 O OE2  . GLU B 14 ? 0.1811 0.1509 0.1182 -0.0250 0.0403  -0.0449 14  GLU B OE2  
506 H H    . GLU B 14 ? 0.0647 0.0493 0.0691 -0.0096 0.0122  -0.0096 14  GLU B H    
507 H HA   . GLU B 14 ? 0.0599 0.0496 0.0591 -0.0132 0.0128  -0.0063 14  GLU B HA   
508 H HB2  . GLU B 14 ? 0.0681 0.0602 0.0648 -0.0155 0.0100  -0.0114 14  GLU B HB2  
509 H HB3  . GLU B 14 ? 0.0746 0.0668 0.0667 -0.0144 0.0104  -0.0103 14  GLU B HB3  
510 H HG2  . GLU B 14 ? 0.1031 0.0867 0.0806 -0.0132 0.0117  -0.0176 14  GLU B HG2  
511 H HG3  . GLU B 14 ? 0.1035 0.0807 0.0755 -0.0155 0.0073  -0.0217 14  GLU B HG3  
512 N N    . HIS B 15 ? 0.0550 0.0411 0.0515 -0.0117 0.0112  -0.0072 15  HIS B N    
513 C CA   . HIS B 15 ? 0.0571 0.0421 0.0476 -0.0108 0.0094  -0.0060 15  HIS B CA   
514 C C    . HIS B 15 ? 0.0494 0.0395 0.0515 -0.0096 0.0084  -0.0046 15  HIS B C    
515 O O    . HIS B 15 ? 0.0555 0.0485 0.0514 -0.0184 0.0099  -0.0090 15  HIS B O    
516 C CB   . HIS B 15 ? 0.0606 0.0402 0.0567 -0.0083 0.0140  -0.0046 15  HIS B CB   
517 C CG   . HIS B 15 ? 0.0636 0.0443 0.0615 -0.0058 0.0166  -0.0008 15  HIS B CG   
518 N ND1  . HIS B 15 ? 0.0759 0.0510 0.0671 -0.0158 0.0213  -0.0057 15  HIS B ND1  
519 C CD2  . HIS B 15 ? 0.0820 0.0591 0.0599 -0.0114 0.0178  0.0026  15  HIS B CD2  
520 C CE1  . HIS B 15 ? 0.0800 0.0590 0.0729 -0.0170 0.0272  0.0020  15  HIS B CE1  
521 N NE2  . HIS B 15 ? 0.0906 0.0692 0.0601 -0.0119 0.0251  0.0042  15  HIS B NE2  
522 H H    . HIS B 15 ? 0.0548 0.0477 0.0516 -0.0098 0.0081  -0.0068 15  HIS B H    
523 H HA   . HIS B 15 ? 0.0560 0.0439 0.0517 -0.0082 0.0081  -0.0056 15  HIS B HA   
524 H HB2  . HIS B 15 ? 0.0629 0.0449 0.0564 -0.0058 0.0097  -0.0051 15  HIS B HB2  
525 H HB3  . HIS B 15 ? 0.0615 0.0483 0.0519 -0.0051 0.0121  -0.0059 15  HIS B HB3  
526 H HD1  . HIS B 15 ? 0.0734 0.0574 0.0594 -0.0099 0.0185  -0.0010 15  HIS B HD1  
527 H HD2  . HIS B 15 ? 0.0755 0.0660 0.0598 -0.0089 0.0156  0.0002  15  HIS B HD2  
528 H HE1  . HIS B 15 ? 0.0794 0.0585 0.0683 -0.0169 0.0245  0.0010  15  HIS B HE1  
529 H HE2  . HIS B 15 ? 0.0800 0.0601 0.0575 -0.0011 0.0178  0.0056  15  HIS B HE2  
530 N N    . TYR B 16 ? 0.0464 0.0551 0.0547 -0.0169 0.0103  -0.0083 16  TYR B N    
531 C CA   . TYR B 16 ? 0.0475 0.0494 0.0515 -0.0114 0.0077  -0.0074 16  TYR B CA   
532 C C    . TYR B 16 ? 0.0526 0.0455 0.0599 -0.0168 0.0058  -0.0005 16  TYR B C    
533 O O    . TYR B 16 ? 0.0842 0.0696 0.1025 -0.0205 0.0209  0.0254  16  TYR B O    
534 C CB   . TYR B 16 ? 0.0486 0.0647 0.0486 -0.0055 0.0089  -0.0093 16  TYR B CB   
535 C CG   . TYR B 16 ? 0.0601 0.0668 0.0494 0.0022  0.0070  -0.0127 16  TYR B CG   
536 C CD1  . TYR B 16 ? 0.0642 0.0724 0.0722 -0.0026 0.0050  -0.0069 16  TYR B CD1  
537 C CD2  . TYR B 16 ? 0.0605 0.0844 0.0551 0.0045  0.0072  -0.0093 16  TYR B CD2  
538 C CE1  . TYR B 16 ? 0.0764 0.0753 0.0922 -0.0131 0.0001  0.0094  16  TYR B CE1  
539 C CE2  . TYR B 16 ? 0.0511 0.0938 0.0618 0.0047  0.0049  -0.0062 16  TYR B CE2  
540 C CZ   . TYR B 16 ? 0.0730 0.0845 0.0771 0.0038  0.0124  0.0006  16  TYR B CZ   
541 O OH   . TYR B 16 ? 0.0809 0.0836 0.1188 -0.0014 0.0093  0.0202  16  TYR B OH   
542 H H    . TYR B 16 ? 0.0469 0.0523 0.0510 -0.0108 0.0046  -0.0076 16  TYR B H    
543 H HA   . TYR B 16 ? 0.0481 0.0514 0.0531 -0.0125 0.0084  -0.0064 16  TYR B HA   
544 H HB2  . TYR B 16 ? 0.0525 0.0615 0.0503 -0.0058 0.0067  -0.0086 16  TYR B HB2  
545 H HB3  . TYR B 16 ? 0.0557 0.0593 0.0466 -0.0031 0.0087  -0.0110 16  TYR B HB3  
546 H HD1  . TYR B 16 ? 0.0658 0.0716 0.0698 -0.0030 0.0017  -0.0039 16  TYR B HD1  
547 H HD2  . TYR B 16 ? 0.0616 0.0825 0.0564 0.0040  0.0038  -0.0096 16  TYR B HD2  
548 H HE1  . TYR B 16 ? 0.0704 0.0711 0.0817 -0.0074 0.0063  0.0040  16  TYR B HE1  
549 H HE2  . TYR B 16 ? 0.0537 0.0881 0.0627 0.0028  -0.0009 -0.0010 16  TYR B HE2  
550 H HH   . TYR B 16 ? 0.0939 0.0939 0.0939 0.0000  0.0000  0.0000  16  TYR B HH   
551 N N    . LEU B 17 ? 0.0522 0.0432 0.0599 -0.0117 0.0045  -0.0031 17  LEU B N    
552 C CA   . LEU B 17 ? 0.0721 0.0479 0.0689 -0.0013 -0.0078 -0.0080 17  LEU B CA   
553 C C    . LEU B 17 ? 0.0702 0.0369 0.0694 -0.0010 -0.0054 -0.0048 17  LEU B C    
554 O O    . LEU B 17 ? 0.1120 0.0426 0.0728 -0.0115 -0.0194 0.0029  17  LEU B O    
555 C CB   . LEU B 17 ? 0.0629 0.0701 0.0950 0.0039  -0.0102 -0.0249 17  LEU B CB   
556 C CG   . LEU B 17 ? 0.0832 0.0847 0.1278 0.0193  -0.0296 -0.0335 17  LEU B CG   
557 C CD1  . LEU B 17 ? 0.1201 0.0785 0.1448 0.0331  -0.0345 -0.0192 17  LEU B CD1  
558 C CD2  . LEU B 17 ? 0.0740 0.1476 0.1607 0.0288  -0.0285 -0.0450 17  LEU B CD2  
559 H H    . LEU B 17 ? 0.0536 0.0447 0.0588 -0.0098 0.0058  -0.0003 17  LEU B H    
560 H HA   . LEU B 17 ? 0.0687 0.0501 0.0706 -0.0023 -0.0053 -0.0063 17  LEU B HA   
561 H HB2  . LEU B 17 ? 0.0706 0.0698 0.0870 0.0039  -0.0155 -0.0179 17  LEU B HB2  
562 H HB3  . LEU B 17 ? 0.0743 0.0685 0.0962 0.0038  -0.0121 -0.0219 17  LEU B HB3  
563 H HG   . LEU B 17 ? 0.0800 0.0864 0.1174 0.0167  -0.0276 -0.0264 17  LEU B HG   
564 H HD11 . LEU B 17 ? 0.1203 0.0790 0.1201 0.0309  -0.0303 -0.0202 17  LEU B HD11 
565 H HD12 . LEU B 17 ? 0.0866 0.0844 0.1101 0.0202  -0.0191 -0.0223 17  LEU B HD12 
566 H HD13 . LEU B 17 ? 0.1028 0.0931 0.1237 0.0320  -0.0259 -0.0169 17  LEU B HD13 
567 H HD21 . LEU B 17 ? 0.0875 0.1219 0.1527 0.0240  -0.0217 -0.0277 17  LEU B HD21 
568 H HD22 . LEU B 17 ? 0.0851 0.1316 0.1473 0.0159  -0.0260 -0.0306 17  LEU B HD22 
569 H HD23 . LEU B 17 ? 0.0922 0.1278 0.1604 0.0168  -0.0198 -0.0399 17  LEU B HD23 
570 N N    . PHE B 18 ? 0.0511 0.0321 0.0634 -0.0051 0.0022  -0.0024 18  PHE B N    
571 C CA   . PHE B 18 ? 0.0457 0.0344 0.0582 -0.0038 0.0058  -0.0025 18  PHE B CA   
572 C C    . PHE B 18 ? 0.0388 0.0336 0.0630 -0.0009 0.0113  -0.0020 18  PHE B C    
573 O O    . PHE B 18 ? 0.0517 0.0338 0.0651 -0.0018 0.0043  0.0007  18  PHE B O    
574 C CB   . PHE B 18 ? 0.0509 0.0378 0.0671 0.0031  0.0062  -0.0041 18  PHE B CB   
575 C CG   . PHE B 18 ? 0.0475 0.0443 0.0789 0.0028  0.0146  -0.0029 18  PHE B CG   
576 C CD1  . PHE B 18 ? 0.0588 0.0849 0.0843 -0.0045 0.0150  0.0086  18  PHE B CD1  
577 C CD2  . PHE B 18 ? 0.0588 0.0845 0.1000 -0.0154 0.0055  0.0031  18  PHE B CD2  
578 C CE1  . PHE B 18 ? 0.0750 0.0973 0.0952 -0.0019 0.0194  0.0237  18  PHE B CE1  
579 C CE2  . PHE B 18 ? 0.0646 0.0991 0.1317 -0.0318 0.0108  0.0054  18  PHE B CE2  
580 C CZ   . PHE B 18 ? 0.0706 0.0832 0.1247 -0.0107 0.0379  0.0219  18  PHE B CZ   
581 H H    . PHE B 18 ? 0.0503 0.0362 0.0583 -0.0035 -0.0001 0.0037  18  PHE B H    
582 H HA   . PHE B 18 ? 0.0453 0.0359 0.0598 -0.0028 0.0057  -0.0003 18  PHE B HA   
583 H HB2  . PHE B 18 ? 0.0483 0.0482 0.0630 0.0005  0.0053  -0.0037 18  PHE B HB2  
584 H HB3  . PHE B 18 ? 0.0512 0.0434 0.0593 -0.0005 0.0061  -0.0016 18  PHE B HB3  
585 H HD1  . PHE B 18 ? 0.0611 0.0755 0.0844 0.0009  0.0105  0.0037  18  PHE B HD1  
586 H HD2  . PHE B 18 ? 0.0533 0.0711 0.0988 -0.0114 0.0084  0.0025  18  PHE B HD2  
587 H HE1  . PHE B 18 ? 0.0693 0.0898 0.0935 -0.0045 0.0204  0.0194  18  PHE B HE1  
588 H HE2  . PHE B 18 ? 0.0656 0.0878 0.1119 -0.0144 0.0001  -0.0008 18  PHE B HE2  
589 H HZ   . PHE B 18 ? 0.0638 0.0684 0.0992 -0.0106 0.0174  0.0149  18  PHE B HZ   
590 N N    . ALA B 19 ? 0.0417 0.0383 0.0646 0.0006  0.0037  -0.0001 19  ALA B N    
591 C CA   . ALA B 19 ? 0.0441 0.0428 0.0638 0.0015  -0.0006 0.0007  19  ALA B CA   
592 C C    . ALA B 19 ? 0.0548 0.0395 0.0646 0.0037  0.0063  -0.0026 19  ALA B C    
593 O O    . ALA B 19 ? 0.0866 0.0397 0.0798 0.0076  -0.0116 -0.0053 19  ALA B O    
594 C CB   . ALA B 19 ? 0.0544 0.0697 0.0779 0.0106  0.0031  -0.0110 19  ALA B CB   
595 H H    . ALA B 19 ? 0.0417 0.0387 0.0598 0.0007  0.0026  0.0002  19  ALA B H    
596 H HA   . ALA B 19 ? 0.0476 0.0446 0.0634 0.0015  0.0029  0.0003  19  ALA B HA   
597 H HB1  . ALA B 19 ? 0.0547 0.0661 0.0729 0.0072  0.0016  -0.0049 19  ALA B HB1  
598 H HB2  . ALA B 19 ? 0.0583 0.0630 0.0721 0.0053  0.0042  -0.0056 19  ALA B HB2  
599 H HB3  . ALA B 19 ? 0.0594 0.0696 0.0762 0.0096  -0.0003 -0.0073 19  ALA B HB3  
600 N N    A GLY B 20 ? 0.0782 0.0535 0.0618 0.0143  0.0081  -0.0017 20  GLY B N    
601 N N    B GLY B 20 ? 0.0612 0.0370 0.0720 0.0005  -0.0055 -0.0043 20  GLY B N    
602 C CA   A GLY B 20 ? 0.0953 0.0724 0.0685 0.0167  -0.0001 -0.0127 20  GLY B CA   
603 C CA   B GLY B 20 ? 0.0700 0.0398 0.0718 0.0042  0.0026  -0.0167 20  GLY B CA   
604 C C    A GLY B 20 ? 0.0828 0.0522 0.0684 0.0059  -0.0007 -0.0184 20  GLY B C    
605 C C    B GLY B 20 ? 0.0812 0.0587 0.0736 0.0040  -0.0048 -0.0155 20  GLY B C    
606 O O    A GLY B 20 ? 0.0834 0.0528 0.0821 0.0104  -0.0230 -0.0215 20  GLY B O    
607 O O    B GLY B 20 ? 0.1021 0.0610 0.0939 0.0098  -0.0249 -0.0231 20  GLY B O    
608 H H    A GLY B 20 ? 0.0706 0.0525 0.0612 0.0104  0.0037  -0.0029 20  GLY B H    
609 H H    B GLY B 20 ? 0.0604 0.0404 0.0657 0.0056  -0.0027 -0.0010 20  GLY B H    
610 H HA2  A GLY B 20 ? 0.0859 0.0759 0.0705 0.0134  0.0001  -0.0098 20  GLY B HA2  
611 H HA2  B GLY B 20 ? 0.0670 0.0499 0.0707 0.0028  -0.0009 -0.0065 20  GLY B HA2  
612 H HA3  A GLY B 20 ? 0.0919 0.0660 0.0698 0.0124  -0.0002 -0.0097 20  GLY B HA3  
613 H HA3  B GLY B 20 ? 0.0653 0.0457 0.0700 0.0022  0.0013  -0.0109 20  GLY B HA3  
614 N N    A GLY B 21 ? 0.1325 0.0791 0.0945 -0.0229 -0.0091 -0.0331 21  GLY B N    
615 N N    B GLY B 21 ? 0.0944 0.0735 0.0941 -0.0120 0.0005  -0.0266 21  GLY B N    
616 C CA   A GLY B 21 ? 0.1363 0.1144 0.1473 -0.0291 -0.0177 -0.0251 21  GLY B CA   
617 C CA   B GLY B 21 ? 0.0953 0.0886 0.0796 -0.0202 -0.0096 -0.0434 21  GLY B CA   
618 C C    A GLY B 21 ? 0.1285 0.1471 0.1832 -0.0298 -0.0093 -0.0122 21  GLY B C    
619 C C    B GLY B 21 ? 0.0991 0.0988 0.1090 -0.0093 0.0045  -0.0304 21  GLY B C    
620 O O    A GLY B 21 ? 0.1645 0.1602 0.1902 -0.0181 0.0146  -0.0066 21  GLY B O    
621 O O    B GLY B 21 ? 0.1166 0.1539 0.1140 0.0296  0.0090  -0.0374 21  GLY B O    
622 O OXT  A GLY B 21 ? 0.1460 0.2060 0.2421 0.0028  -0.0230 0.0019  21  GLY B OXT  
623 O OXT  B GLY B 21 ? 0.1469 0.1121 0.1433 -0.0254 0.0226  -0.0028 21  GLY B OXT  
624 H H    A GLY B 21 ? 0.1095 0.0897 0.0996 -0.0098 -0.0062 -0.0150 21  GLY B H    
625 H H    B GLY B 21 ? 0.0877 0.0772 0.0931 0.0006  0.0002  -0.0171 21  GLY B H    
626 H HA2  A GLY B 21 ? 0.1387 0.1253 0.1316 -0.0106 -0.0093 -0.0242 21  GLY B HA2  
627 H HA2  B GLY B 21 ? 0.1048 0.0667 0.0659 0.0120  -0.0213 -0.0224 21  GLY B HA2  
628 H HA3  A GLY B 21 ? 0.1356 0.1258 0.1341 -0.0158 -0.0052 -0.0143 21  GLY B HA3  
629 H HA3  B GLY B 21 ? 0.1002 0.0972 0.0903 -0.0030 -0.0017 -0.0245 21  GLY B HA3  
630 O O    A HOH C .  ? 0.0765 0.0580 0.0797 0.0056  0.0151  0.0070  101 HOH A O    
631 O O    B HOH C .  ? 0.1267 0.1132 0.1023 -0.0176 0.0079  0.0020  101 HOH A O    
632 O O    A HOH C .  ? 0.1136 0.0956 0.0939 -0.0011 0.0186  -0.0074 102 HOH A O    
633 O O    B HOH C .  ? 0.1131 0.2062 0.1247 -0.0058 0.0117  -0.0547 102 HOH A O    
634 O O    . HOH C .  ? 0.1898 0.3442 0.1416 0.1299  -0.0329 -0.1177 103 HOH A O    
635 O O    . HOH C .  ? 0.0782 0.0813 0.0881 -0.0155 -0.0147 0.0078  104 HOH A O    
636 O O    . HOH C .  ? 0.0818 0.2267 0.2449 0.0173  0.0166  0.0179  105 HOH A O    
637 O O    . HOH C .  ? 0.0680 0.1004 0.0988 -0.0209 0.0208  -0.0240 106 HOH A O    
638 O O    A HOH C .  ? 0.2411 0.1131 0.1233 -0.0018 -0.0284 0.0385  107 HOH A O    
639 O O    B HOH C .  ? 0.1156 0.1221 0.1713 -0.0294 -0.0037 0.0356  107 HOH A O    
640 O O    . HOH C .  ? 0.0929 0.1065 0.1011 -0.0097 0.0236  0.0066  108 HOH A O    
641 O O    . HOH C .  ? 0.0581 0.1110 0.1316 -0.0079 0.0131  0.0235  109 HOH A O    
642 O O    . HOH C .  ? 0.1645 0.1807 0.1501 0.0313  -0.0039 0.0277  110 HOH A O    
643 O O    A HOH C .  ? 0.0528 0.0753 0.0753 -0.0118 0.0009  -0.0056 111 HOH A O    
644 O O    B HOH C .  ? 0.0628 0.1064 0.0815 -0.0298 -0.0132 0.0108  111 HOH A O    
645 O O    . HOH C .  ? 0.1123 0.0846 0.1512 0.0014  -0.0155 -0.0150 112 HOH A O    
646 O O    . HOH C .  ? 0.1619 0.2778 0.2899 -0.0142 -0.0126 0.0642  113 HOH A O    
647 O O    . HOH C .  ? 0.2974 0.3250 0.2265 -0.1203 -0.0481 0.1545  114 HOH A O    
648 O O    . HOH C .  ? 0.2854 0.1816 0.1972 0.0002  0.0495  0.0297  115 HOH A O    
649 O O    A HOH C .  ? 0.0754 0.0731 0.0925 -0.0255 0.0097  0.0005  116 HOH A O    
650 O O    B HOH C .  ? 0.0712 0.0468 0.1042 -0.0151 0.0461  -0.0104 116 HOH A O    
651 O O    A HOH C .  ? 0.1716 0.1615 0.1804 -0.0090 0.0131  -0.0517 117 HOH A O    
652 O O    B HOH C .  ? 0.1043 0.2160 0.2599 0.0769  -0.0284 -0.1888 117 HOH A O    
653 O O    . HOH C .  ? 0.2322 0.2023 0.2258 0.0327  0.0302  -0.0144 118 HOH A O    
654 O O    . HOH D .  ? 0.0786 0.1896 0.2637 -0.0159 -0.0088 0.0922  101 HOH B O    
655 O O    . HOH D .  ? 0.1292 0.1196 0.1815 0.0101  0.0557  0.0339  102 HOH B O    
656 O O    . HOH D .  ? 0.1483 0.1509 0.1480 0.0136  0.0094  0.0165  103 HOH B O    
657 O O    . HOH D .  ? 0.2498 0.2802 0.1109 -0.1004 0.0638  -0.0584 104 HOH B O    
658 O O    . HOH D .  ? 0.0791 0.0897 0.1350 -0.0162 -0.0117 0.0037  105 HOH B O    
659 O O    . HOH D .  ? 0.1799 0.1255 0.1658 0.0531  0.1040  0.0579  106 HOH B O    
660 O O    . HOH D .  ? 0.0752 0.0986 0.1162 -0.0047 0.0094  0.0138  107 HOH B O    
661 O O    . HOH D .  ? 0.3980 0.3296 0.2309 -0.1126 0.1043  -0.0852 108 HOH B O    
662 O O    . HOH D .  ? 0.1906 0.2093 0.1983 -0.0592 0.0606  -0.0569 109 HOH B O    
663 O O    . HOH D .  ? 0.0861 0.0916 0.1074 -0.0204 0.0052  0.0156  110 HOH B O    
664 O O    . HOH D .  ? 0.0650 0.0696 0.1044 -0.0151 0.0149  0.0082  111 HOH B O    
665 O O    . HOH D .  ? 0.1659 0.1210 0.2400 0.0022  0.0097  -0.0201 112 HOH B O    
666 O O    . HOH D .  ? 0.1245 0.1259 0.1416 -0.0407 0.0177  0.0345  113 HOH B O    
667 O O    . HOH D .  ? 0.2215 0.1802 0.3385 -0.0460 -0.1102 0.0555  114 HOH B O    
668 O O    . HOH D .  ? 0.2768 0.2237 0.1845 0.1109  0.0197  0.0587  115 HOH B O    
669 O O    . HOH D .  ? 0.1141 0.1969 0.1549 0.0402  -0.0144 -0.0019 116 HOH B O    
670 O O    . HOH D .  ? 0.2587 0.3841 0.2484 0.1641  0.0830  0.0735  117 HOH B O    
# 
